data_5UES
# 
_entry.id   5UES 
# 
_audit_conform.dict_name       mmcif_pdbx.dic 
_audit_conform.dict_version    5.389 
_audit_conform.dict_location   http://mmcif.pdb.org/dictionaries/ascii/mmcif_pdbx.dic 
# 
loop_
_database_2.database_id 
_database_2.database_code 
_database_2.pdbx_database_accession 
_database_2.pdbx_DOI 
PDB   5UES         pdb_00005ues 10.2210/pdb5ues/pdb 
WWPDB D_1000224346 ?            ?                   
# 
loop_
_pdbx_audit_revision_history.ordinal 
_pdbx_audit_revision_history.data_content_type 
_pdbx_audit_revision_history.major_revision 
_pdbx_audit_revision_history.minor_revision 
_pdbx_audit_revision_history.revision_date 
1 'Structure model' 1 0 2017-06-28 
2 'Structure model' 1 1 2024-03-06 
3 'Structure model' 1 2 2024-04-03 
# 
_pdbx_audit_revision_details.ordinal             1 
_pdbx_audit_revision_details.revision_ordinal    1 
_pdbx_audit_revision_details.data_content_type   'Structure model' 
_pdbx_audit_revision_details.provider            repository 
_pdbx_audit_revision_details.type                'Initial release' 
_pdbx_audit_revision_details.description         ? 
_pdbx_audit_revision_details.details             ? 
# 
loop_
_pdbx_audit_revision_group.ordinal 
_pdbx_audit_revision_group.revision_ordinal 
_pdbx_audit_revision_group.data_content_type 
_pdbx_audit_revision_group.group 
1 2 'Structure model' 'Data collection'        
2 2 'Structure model' 'Database references'    
3 3 'Structure model' 'Refinement description' 
# 
loop_
_pdbx_audit_revision_category.ordinal 
_pdbx_audit_revision_category.revision_ordinal 
_pdbx_audit_revision_category.data_content_type 
_pdbx_audit_revision_category.category 
1 2 'Structure model' chem_comp_atom                
2 2 'Structure model' chem_comp_bond                
3 2 'Structure model' database_2                    
4 3 'Structure model' pdbx_initial_refinement_model 
# 
loop_
_pdbx_audit_revision_item.ordinal 
_pdbx_audit_revision_item.revision_ordinal 
_pdbx_audit_revision_item.data_content_type 
_pdbx_audit_revision_item.item 
1 2 'Structure model' '_database_2.pdbx_DOI'                
2 2 'Structure model' '_database_2.pdbx_database_accession' 
# 
_pdbx_database_status.status_code                     REL 
_pdbx_database_status.status_code_sf                  REL 
_pdbx_database_status.status_code_mr                  ? 
_pdbx_database_status.entry_id                        5UES 
_pdbx_database_status.recvd_initial_deposition_date   2017-01-03 
_pdbx_database_status.SG_entry                        N 
_pdbx_database_status.deposit_site                    RCSB 
_pdbx_database_status.process_site                    RCSB 
_pdbx_database_status.status_code_cs                  ? 
_pdbx_database_status.methods_development_category    ? 
_pdbx_database_status.pdb_format_compatible           Y 
_pdbx_database_status.status_code_nmr_data            ? 
# 
loop_
_pdbx_database_related.content_type 
_pdbx_database_related.db_id 
_pdbx_database_related.db_name 
_pdbx_database_related.details 
unspecified 5UF0 PDB . 
unspecified 5UEZ PDB . 
unspecified 5UEY PDB . 
unspecified 5UEX PDB . 
unspecified 5UEV PDB . 
unspecified 5UEP PDB . 
unspecified 5UET PDB . 
unspecified 5UER PDB . 
unspecified 5UEQ PDB . 
unspecified 5UEU PDB . 
unspecified 5UEO PDB . 
unspecified 5UEW PDB . 
# 
_audit_author.name               'Park, C.H.' 
_audit_author.pdbx_ordinal       1 
_audit_author.identifier_ORCID   ? 
# 
_citation.abstract                  ? 
_citation.abstract_id_CAS           ? 
_citation.book_id_ISBN              ? 
_citation.book_publisher            ? 
_citation.book_publisher_city       ? 
_citation.book_title                ? 
_citation.coordinate_linkage        ? 
_citation.country                   ? 
_citation.database_id_Medline       ? 
_citation.details                   ? 
_citation.id                        primary 
_citation.journal_abbrev            'To Be Published' 
_citation.journal_id_ASTM           ? 
_citation.journal_id_CSD            0353 
_citation.journal_id_ISSN           ? 
_citation.journal_full              ? 
_citation.journal_issue             ? 
_citation.journal_volume            ? 
_citation.language                  ? 
_citation.page_first                ? 
_citation.page_last                 ? 
_citation.title                     'Complex structure of BRD4_BD2_A-1344772' 
_citation.year                      ? 
_citation.database_id_CSD           ? 
_citation.pdbx_database_id_DOI      ? 
_citation.pdbx_database_id_PubMed   ? 
_citation.unpublished_flag          ? 
# 
_citation_author.citation_id        primary 
_citation_author.name               'Park, C.H.' 
_citation_author.ordinal            1 
_citation_author.identifier_ORCID   ? 
# 
loop_
_entity.id 
_entity.type 
_entity.src_method 
_entity.pdbx_description 
_entity.formula_weight 
_entity.pdbx_number_of_molecules 
_entity.pdbx_ec 
_entity.pdbx_mutation 
_entity.pdbx_fragment 
_entity.details 
1 polymer     man 'Bromodomain-containing protein 4'                                12806.933 1   ? ? 'residues 352-457' ? 
2 non-polymer syn '5-[2-(4-chlorophenoxy)phenyl]-2-methyl-1H-pyrrole-3-carboxamide' 326.777   1   ? ? ?                  ? 
3 water       nat water                                                             18.015    139 ? ? ?                  ? 
# 
_entity_name_com.entity_id   1 
_entity_name_com.name        'Protein HUNK1' 
# 
_entity_poly.entity_id                      1 
_entity_poly.type                           'polypeptide(L)' 
_entity_poly.nstd_linkage                   no 
_entity_poly.nstd_monomer                   no 
_entity_poly.pdbx_seq_one_letter_code       
;SHMEQLKCCSGILKEMFAKKHAAYAWPFYKPVDVEALGLHDYCDIIKHPMDMSTIKSKLEAREYRDAQEFGADVRLMFSN
CYKYNPPDHEVVAMARKLQDVFEMRFAKM
;
_entity_poly.pdbx_seq_one_letter_code_can   
;SHMEQLKCCSGILKEMFAKKHAAYAWPFYKPVDVEALGLHDYCDIIKHPMDMSTIKSKLEAREYRDAQEFGADVRLMFSN
CYKYNPPDHEVVAMARKLQDVFEMRFAKM
;
_entity_poly.pdbx_strand_id                 A 
_entity_poly.pdbx_target_identifier         ? 
# 
loop_
_pdbx_entity_nonpoly.entity_id 
_pdbx_entity_nonpoly.name 
_pdbx_entity_nonpoly.comp_id 
2 '5-[2-(4-chlorophenoxy)phenyl]-2-methyl-1H-pyrrole-3-carboxamide' 87S 
3 water                                                             HOH 
# 
loop_
_entity_poly_seq.entity_id 
_entity_poly_seq.num 
_entity_poly_seq.mon_id 
_entity_poly_seq.hetero 
1 1   SER n 
1 2   HIS n 
1 3   MET n 
1 4   GLU n 
1 5   GLN n 
1 6   LEU n 
1 7   LYS n 
1 8   CYS n 
1 9   CYS n 
1 10  SER n 
1 11  GLY n 
1 12  ILE n 
1 13  LEU n 
1 14  LYS n 
1 15  GLU n 
1 16  MET n 
1 17  PHE n 
1 18  ALA n 
1 19  LYS n 
1 20  LYS n 
1 21  HIS n 
1 22  ALA n 
1 23  ALA n 
1 24  TYR n 
1 25  ALA n 
1 26  TRP n 
1 27  PRO n 
1 28  PHE n 
1 29  TYR n 
1 30  LYS n 
1 31  PRO n 
1 32  VAL n 
1 33  ASP n 
1 34  VAL n 
1 35  GLU n 
1 36  ALA n 
1 37  LEU n 
1 38  GLY n 
1 39  LEU n 
1 40  HIS n 
1 41  ASP n 
1 42  TYR n 
1 43  CYS n 
1 44  ASP n 
1 45  ILE n 
1 46  ILE n 
1 47  LYS n 
1 48  HIS n 
1 49  PRO n 
1 50  MET n 
1 51  ASP n 
1 52  MET n 
1 53  SER n 
1 54  THR n 
1 55  ILE n 
1 56  LYS n 
1 57  SER n 
1 58  LYS n 
1 59  LEU n 
1 60  GLU n 
1 61  ALA n 
1 62  ARG n 
1 63  GLU n 
1 64  TYR n 
1 65  ARG n 
1 66  ASP n 
1 67  ALA n 
1 68  GLN n 
1 69  GLU n 
1 70  PHE n 
1 71  GLY n 
1 72  ALA n 
1 73  ASP n 
1 74  VAL n 
1 75  ARG n 
1 76  LEU n 
1 77  MET n 
1 78  PHE n 
1 79  SER n 
1 80  ASN n 
1 81  CYS n 
1 82  TYR n 
1 83  LYS n 
1 84  TYR n 
1 85  ASN n 
1 86  PRO n 
1 87  PRO n 
1 88  ASP n 
1 89  HIS n 
1 90  GLU n 
1 91  VAL n 
1 92  VAL n 
1 93  ALA n 
1 94  MET n 
1 95  ALA n 
1 96  ARG n 
1 97  LYS n 
1 98  LEU n 
1 99  GLN n 
1 100 ASP n 
1 101 VAL n 
1 102 PHE n 
1 103 GLU n 
1 104 MET n 
1 105 ARG n 
1 106 PHE n 
1 107 ALA n 
1 108 LYS n 
1 109 MET n 
# 
_entity_src_gen.entity_id                          1 
_entity_src_gen.pdbx_src_id                        1 
_entity_src_gen.pdbx_alt_source_flag               sample 
_entity_src_gen.pdbx_seq_type                      'Biological sequence' 
_entity_src_gen.pdbx_beg_seq_num                   1 
_entity_src_gen.pdbx_end_seq_num                   109 
_entity_src_gen.gene_src_common_name               Human 
_entity_src_gen.gene_src_genus                     ? 
_entity_src_gen.pdbx_gene_src_gene                 'BRD4, HUNK1' 
_entity_src_gen.gene_src_species                   ? 
_entity_src_gen.gene_src_strain                    ? 
_entity_src_gen.gene_src_tissue                    ? 
_entity_src_gen.gene_src_tissue_fraction           ? 
_entity_src_gen.gene_src_details                   ? 
_entity_src_gen.pdbx_gene_src_fragment             ? 
_entity_src_gen.pdbx_gene_src_scientific_name      'Homo sapiens' 
_entity_src_gen.pdbx_gene_src_ncbi_taxonomy_id     9606 
_entity_src_gen.pdbx_gene_src_variant              ? 
_entity_src_gen.pdbx_gene_src_cell_line            ? 
_entity_src_gen.pdbx_gene_src_atcc                 ? 
_entity_src_gen.pdbx_gene_src_organ                ? 
_entity_src_gen.pdbx_gene_src_organelle            ? 
_entity_src_gen.pdbx_gene_src_cell                 ? 
_entity_src_gen.pdbx_gene_src_cellular_location    ? 
_entity_src_gen.host_org_common_name               ? 
_entity_src_gen.pdbx_host_org_scientific_name      'Enterobacteria phage L1' 
_entity_src_gen.pdbx_host_org_ncbi_taxonomy_id     268588 
_entity_src_gen.host_org_genus                     ? 
_entity_src_gen.pdbx_host_org_gene                 ? 
_entity_src_gen.pdbx_host_org_organ                ? 
_entity_src_gen.host_org_species                   ? 
_entity_src_gen.pdbx_host_org_tissue               ? 
_entity_src_gen.pdbx_host_org_tissue_fraction      ? 
_entity_src_gen.pdbx_host_org_strain               ? 
_entity_src_gen.pdbx_host_org_variant              ? 
_entity_src_gen.pdbx_host_org_cell_line            ? 
_entity_src_gen.pdbx_host_org_atcc                 ? 
_entity_src_gen.pdbx_host_org_culture_collection   ? 
_entity_src_gen.pdbx_host_org_cell                 ? 
_entity_src_gen.pdbx_host_org_organelle            ? 
_entity_src_gen.pdbx_host_org_cellular_location    ? 
_entity_src_gen.pdbx_host_org_vector_type          ? 
_entity_src_gen.pdbx_host_org_vector               ? 
_entity_src_gen.host_org_details                   ? 
_entity_src_gen.expression_system_id               ? 
_entity_src_gen.plasmid_name                       ? 
_entity_src_gen.plasmid_details                    ? 
_entity_src_gen.pdbx_description                   ? 
# 
loop_
_chem_comp.id 
_chem_comp.type 
_chem_comp.mon_nstd_flag 
_chem_comp.name 
_chem_comp.pdbx_synonyms 
_chem_comp.formula 
_chem_comp.formula_weight 
87S non-polymer         . '5-[2-(4-chlorophenoxy)phenyl]-2-methyl-1H-pyrrole-3-carboxamide' ? 'C18 H15 Cl N2 O2' 326.777 
ALA 'L-peptide linking' y ALANINE                                                           ? 'C3 H7 N O2'       89.093  
ARG 'L-peptide linking' y ARGININE                                                          ? 'C6 H15 N4 O2 1'   175.209 
ASN 'L-peptide linking' y ASPARAGINE                                                        ? 'C4 H8 N2 O3'      132.118 
ASP 'L-peptide linking' y 'ASPARTIC ACID'                                                   ? 'C4 H7 N O4'       133.103 
CYS 'L-peptide linking' y CYSTEINE                                                          ? 'C3 H7 N O2 S'     121.158 
GLN 'L-peptide linking' y GLUTAMINE                                                         ? 'C5 H10 N2 O3'     146.144 
GLU 'L-peptide linking' y 'GLUTAMIC ACID'                                                   ? 'C5 H9 N O4'       147.129 
GLY 'peptide linking'   y GLYCINE                                                           ? 'C2 H5 N O2'       75.067  
HIS 'L-peptide linking' y HISTIDINE                                                         ? 'C6 H10 N3 O2 1'   156.162 
HOH non-polymer         . WATER                                                             ? 'H2 O'             18.015  
ILE 'L-peptide linking' y ISOLEUCINE                                                        ? 'C6 H13 N O2'      131.173 
LEU 'L-peptide linking' y LEUCINE                                                           ? 'C6 H13 N O2'      131.173 
LYS 'L-peptide linking' y LYSINE                                                            ? 'C6 H15 N2 O2 1'   147.195 
MET 'L-peptide linking' y METHIONINE                                                        ? 'C5 H11 N O2 S'    149.211 
PHE 'L-peptide linking' y PHENYLALANINE                                                     ? 'C9 H11 N O2'      165.189 
PRO 'L-peptide linking' y PROLINE                                                           ? 'C5 H9 N O2'       115.130 
SER 'L-peptide linking' y SERINE                                                            ? 'C3 H7 N O3'       105.093 
THR 'L-peptide linking' y THREONINE                                                         ? 'C4 H9 N O3'       119.119 
TRP 'L-peptide linking' y TRYPTOPHAN                                                        ? 'C11 H12 N2 O2'    204.225 
TYR 'L-peptide linking' y TYROSINE                                                          ? 'C9 H11 N O3'      181.189 
VAL 'L-peptide linking' y VALINE                                                            ? 'C5 H11 N O2'      117.146 
# 
loop_
_pdbx_poly_seq_scheme.asym_id 
_pdbx_poly_seq_scheme.entity_id 
_pdbx_poly_seq_scheme.seq_id 
_pdbx_poly_seq_scheme.mon_id 
_pdbx_poly_seq_scheme.ndb_seq_num 
_pdbx_poly_seq_scheme.pdb_seq_num 
_pdbx_poly_seq_scheme.auth_seq_num 
_pdbx_poly_seq_scheme.pdb_mon_id 
_pdbx_poly_seq_scheme.auth_mon_id 
_pdbx_poly_seq_scheme.pdb_strand_id 
_pdbx_poly_seq_scheme.pdb_ins_code 
_pdbx_poly_seq_scheme.hetero 
A 1 1   SER 1   349 349 SER SER A . n 
A 1 2   HIS 2   350 350 HIS HIS A . n 
A 1 3   MET 3   351 351 MET MET A . n 
A 1 4   GLU 4   352 352 GLU GLU A . n 
A 1 5   GLN 5   353 353 GLN GLN A . n 
A 1 6   LEU 6   354 354 LEU LEU A . n 
A 1 7   LYS 7   355 355 LYS LYS A . n 
A 1 8   CYS 8   356 356 CYS CYS A . n 
A 1 9   CYS 9   357 357 CYS CYS A . n 
A 1 10  SER 10  358 358 SER SER A . n 
A 1 11  GLY 11  359 359 GLY GLY A . n 
A 1 12  ILE 12  360 360 ILE ILE A . n 
A 1 13  LEU 13  361 361 LEU LEU A . n 
A 1 14  LYS 14  362 362 LYS LYS A . n 
A 1 15  GLU 15  363 363 GLU GLU A . n 
A 1 16  MET 16  364 364 MET MET A . n 
A 1 17  PHE 17  365 365 PHE PHE A . n 
A 1 18  ALA 18  366 366 ALA ALA A . n 
A 1 19  LYS 19  367 367 LYS LYS A . n 
A 1 20  LYS 20  368 368 LYS LYS A . n 
A 1 21  HIS 21  369 369 HIS HIS A . n 
A 1 22  ALA 22  370 370 ALA ALA A . n 
A 1 23  ALA 23  371 371 ALA ALA A . n 
A 1 24  TYR 24  372 372 TYR TYR A . n 
A 1 25  ALA 25  373 373 ALA ALA A . n 
A 1 26  TRP 26  374 374 TRP TRP A . n 
A 1 27  PRO 27  375 375 PRO PRO A . n 
A 1 28  PHE 28  376 376 PHE PHE A . n 
A 1 29  TYR 29  377 377 TYR TYR A . n 
A 1 30  LYS 30  378 378 LYS LYS A . n 
A 1 31  PRO 31  379 379 PRO PRO A . n 
A 1 32  VAL 32  380 380 VAL VAL A . n 
A 1 33  ASP 33  381 381 ASP ASP A . n 
A 1 34  VAL 34  382 382 VAL VAL A . n 
A 1 35  GLU 35  383 383 GLU GLU A . n 
A 1 36  ALA 36  384 384 ALA ALA A . n 
A 1 37  LEU 37  385 385 LEU LEU A . n 
A 1 38  GLY 38  386 386 GLY GLY A . n 
A 1 39  LEU 39  387 387 LEU LEU A . n 
A 1 40  HIS 40  388 388 HIS HIS A . n 
A 1 41  ASP 41  389 389 ASP ASP A . n 
A 1 42  TYR 42  390 390 TYR TYR A . n 
A 1 43  CYS 43  391 391 CYS CYS A . n 
A 1 44  ASP 44  392 392 ASP ASP A . n 
A 1 45  ILE 45  393 393 ILE ILE A . n 
A 1 46  ILE 46  394 394 ILE ILE A . n 
A 1 47  LYS 47  395 395 LYS LYS A . n 
A 1 48  HIS 48  396 396 HIS HIS A . n 
A 1 49  PRO 49  397 397 PRO PRO A . n 
A 1 50  MET 50  398 398 MET MET A . n 
A 1 51  ASP 51  399 399 ASP ASP A . n 
A 1 52  MET 52  400 400 MET MET A . n 
A 1 53  SER 53  401 401 SER SER A . n 
A 1 54  THR 54  402 402 THR THR A . n 
A 1 55  ILE 55  403 403 ILE ILE A . n 
A 1 56  LYS 56  404 404 LYS LYS A . n 
A 1 57  SER 57  405 405 SER SER A . n 
A 1 58  LYS 58  406 406 LYS LYS A . n 
A 1 59  LEU 59  407 407 LEU LEU A . n 
A 1 60  GLU 60  408 408 GLU GLU A . n 
A 1 61  ALA 61  409 409 ALA ALA A . n 
A 1 62  ARG 62  410 410 ARG ARG A . n 
A 1 63  GLU 63  411 411 GLU GLU A . n 
A 1 64  TYR 64  412 412 TYR TYR A . n 
A 1 65  ARG 65  413 413 ARG ARG A . n 
A 1 66  ASP 66  414 414 ASP ASP A . n 
A 1 67  ALA 67  415 415 ALA ALA A . n 
A 1 68  GLN 68  416 416 GLN GLN A . n 
A 1 69  GLU 69  417 417 GLU GLU A . n 
A 1 70  PHE 70  418 418 PHE PHE A . n 
A 1 71  GLY 71  419 419 GLY GLY A . n 
A 1 72  ALA 72  420 420 ALA ALA A . n 
A 1 73  ASP 73  421 421 ASP ASP A . n 
A 1 74  VAL 74  422 422 VAL VAL A . n 
A 1 75  ARG 75  423 423 ARG ARG A . n 
A 1 76  LEU 76  424 424 LEU LEU A . n 
A 1 77  MET 77  425 425 MET MET A . n 
A 1 78  PHE 78  426 426 PHE PHE A . n 
A 1 79  SER 79  427 427 SER SER A . n 
A 1 80  ASN 80  428 428 ASN ASN A . n 
A 1 81  CYS 81  429 429 CYS CYS A . n 
A 1 82  TYR 82  430 430 TYR TYR A . n 
A 1 83  LYS 83  431 431 LYS LYS A . n 
A 1 84  TYR 84  432 432 TYR TYR A . n 
A 1 85  ASN 85  433 433 ASN ASN A . n 
A 1 86  PRO 86  434 434 PRO PRO A . n 
A 1 87  PRO 87  435 435 PRO PRO A . n 
A 1 88  ASP 88  436 436 ASP ASP A . n 
A 1 89  HIS 89  437 437 HIS HIS A . n 
A 1 90  GLU 90  438 438 GLU GLU A . n 
A 1 91  VAL 91  439 439 VAL VAL A . n 
A 1 92  VAL 92  440 440 VAL VAL A . n 
A 1 93  ALA 93  441 441 ALA ALA A . n 
A 1 94  MET 94  442 442 MET MET A . n 
A 1 95  ALA 95  443 443 ALA ALA A . n 
A 1 96  ARG 96  444 444 ARG ARG A . n 
A 1 97  LYS 97  445 445 LYS LYS A . n 
A 1 98  LEU 98  446 446 LEU LEU A . n 
A 1 99  GLN 99  447 447 GLN GLN A . n 
A 1 100 ASP 100 448 448 ASP ASP A . n 
A 1 101 VAL 101 449 449 VAL VAL A . n 
A 1 102 PHE 102 450 450 PHE PHE A . n 
A 1 103 GLU 103 451 451 GLU GLU A . n 
A 1 104 MET 104 452 452 MET MET A . n 
A 1 105 ARG 105 453 453 ARG ARG A . n 
A 1 106 PHE 106 454 454 PHE PHE A . n 
A 1 107 ALA 107 455 455 ALA ALA A . n 
A 1 108 LYS 108 456 456 LYS LYS A . n 
A 1 109 MET 109 457 457 MET MET A . n 
# 
loop_
_pdbx_nonpoly_scheme.asym_id 
_pdbx_nonpoly_scheme.entity_id 
_pdbx_nonpoly_scheme.mon_id 
_pdbx_nonpoly_scheme.ndb_seq_num 
_pdbx_nonpoly_scheme.pdb_seq_num 
_pdbx_nonpoly_scheme.auth_seq_num 
_pdbx_nonpoly_scheme.pdb_mon_id 
_pdbx_nonpoly_scheme.auth_mon_id 
_pdbx_nonpoly_scheme.pdb_strand_id 
_pdbx_nonpoly_scheme.pdb_ins_code 
B 2 87S 1   501 1   87S LIG A . 
C 3 HOH 1   601 1   HOH HOH A . 
C 3 HOH 2   602 12  HOH HOH A . 
C 3 HOH 3   603 17  HOH HOH A . 
C 3 HOH 4   604 125 HOH HOH A . 
C 3 HOH 5   605 4   HOH HOH A . 
C 3 HOH 6   606 35  HOH HOH A . 
C 3 HOH 7   607 44  HOH HOH A . 
C 3 HOH 8   608 76  HOH HOH A . 
C 3 HOH 9   609 109 HOH HOH A . 
C 3 HOH 10  610 41  HOH HOH A . 
C 3 HOH 11  611 53  HOH HOH A . 
C 3 HOH 12  612 25  HOH HOH A . 
C 3 HOH 13  613 5   HOH HOH A . 
C 3 HOH 14  614 110 HOH HOH A . 
C 3 HOH 15  615 13  HOH HOH A . 
C 3 HOH 16  616 8   HOH HOH A . 
C 3 HOH 17  617 96  HOH HOH A . 
C 3 HOH 18  618 23  HOH HOH A . 
C 3 HOH 19  619 18  HOH HOH A . 
C 3 HOH 20  620 68  HOH HOH A . 
C 3 HOH 21  621 32  HOH HOH A . 
C 3 HOH 22  622 64  HOH HOH A . 
C 3 HOH 23  623 30  HOH HOH A . 
C 3 HOH 24  624 28  HOH HOH A . 
C 3 HOH 25  625 106 HOH HOH A . 
C 3 HOH 26  626 128 HOH HOH A . 
C 3 HOH 27  627 100 HOH HOH A . 
C 3 HOH 28  628 40  HOH HOH A . 
C 3 HOH 29  629 46  HOH HOH A . 
C 3 HOH 30  630 132 HOH HOH A . 
C 3 HOH 31  631 38  HOH HOH A . 
C 3 HOH 32  632 33  HOH HOH A . 
C 3 HOH 33  633 126 HOH HOH A . 
C 3 HOH 34  634 89  HOH HOH A . 
C 3 HOH 35  635 10  HOH HOH A . 
C 3 HOH 36  636 138 HOH HOH A . 
C 3 HOH 37  637 43  HOH HOH A . 
C 3 HOH 38  638 14  HOH HOH A . 
C 3 HOH 39  639 9   HOH HOH A . 
C 3 HOH 40  640 84  HOH HOH A . 
C 3 HOH 41  641 49  HOH HOH A . 
C 3 HOH 42  642 55  HOH HOH A . 
C 3 HOH 43  643 34  HOH HOH A . 
C 3 HOH 44  644 19  HOH HOH A . 
C 3 HOH 45  645 24  HOH HOH A . 
C 3 HOH 46  646 11  HOH HOH A . 
C 3 HOH 47  647 111 HOH HOH A . 
C 3 HOH 48  648 47  HOH HOH A . 
C 3 HOH 49  649 74  HOH HOH A . 
C 3 HOH 50  650 69  HOH HOH A . 
C 3 HOH 51  651 83  HOH HOH A . 
C 3 HOH 52  652 16  HOH HOH A . 
C 3 HOH 53  653 45  HOH HOH A . 
C 3 HOH 54  654 113 HOH HOH A . 
C 3 HOH 55  655 15  HOH HOH A . 
C 3 HOH 56  656 39  HOH HOH A . 
C 3 HOH 57  657 26  HOH HOH A . 
C 3 HOH 58  658 6   HOH HOH A . 
C 3 HOH 59  659 22  HOH HOH A . 
C 3 HOH 60  660 37  HOH HOH A . 
C 3 HOH 61  661 2   HOH HOH A . 
C 3 HOH 62  662 58  HOH HOH A . 
C 3 HOH 63  663 31  HOH HOH A . 
C 3 HOH 64  664 78  HOH HOH A . 
C 3 HOH 65  665 60  HOH HOH A . 
C 3 HOH 66  666 119 HOH HOH A . 
C 3 HOH 67  667 95  HOH HOH A . 
C 3 HOH 68  668 124 HOH HOH A . 
C 3 HOH 69  669 54  HOH HOH A . 
C 3 HOH 70  670 42  HOH HOH A . 
C 3 HOH 71  671 56  HOH HOH A . 
C 3 HOH 72  672 3   HOH HOH A . 
C 3 HOH 73  673 129 HOH HOH A . 
C 3 HOH 74  674 133 HOH HOH A . 
C 3 HOH 75  675 20  HOH HOH A . 
C 3 HOH 76  676 7   HOH HOH A . 
C 3 HOH 77  677 70  HOH HOH A . 
C 3 HOH 78  678 79  HOH HOH A . 
C 3 HOH 79  679 62  HOH HOH A . 
C 3 HOH 80  680 29  HOH HOH A . 
C 3 HOH 81  681 36  HOH HOH A . 
C 3 HOH 82  682 57  HOH HOH A . 
C 3 HOH 83  683 48  HOH HOH A . 
C 3 HOH 84  684 105 HOH HOH A . 
C 3 HOH 85  685 27  HOH HOH A . 
C 3 HOH 86  686 71  HOH HOH A . 
C 3 HOH 87  687 65  HOH HOH A . 
C 3 HOH 88  688 93  HOH HOH A . 
C 3 HOH 89  689 91  HOH HOH A . 
C 3 HOH 90  690 21  HOH HOH A . 
C 3 HOH 91  691 63  HOH HOH A . 
C 3 HOH 92  692 86  HOH HOH A . 
C 3 HOH 93  693 121 HOH HOH A . 
C 3 HOH 94  694 137 HOH HOH A . 
C 3 HOH 95  695 59  HOH HOH A . 
C 3 HOH 96  696 112 HOH HOH A . 
C 3 HOH 97  697 88  HOH HOH A . 
C 3 HOH 98  698 107 HOH HOH A . 
C 3 HOH 99  699 51  HOH HOH A . 
C 3 HOH 100 700 50  HOH HOH A . 
C 3 HOH 101 701 134 HOH HOH A . 
C 3 HOH 102 702 104 HOH HOH A . 
C 3 HOH 103 703 97  HOH HOH A . 
C 3 HOH 104 704 135 HOH HOH A . 
C 3 HOH 105 705 77  HOH HOH A . 
C 3 HOH 106 706 114 HOH HOH A . 
C 3 HOH 107 707 87  HOH HOH A . 
C 3 HOH 108 708 92  HOH HOH A . 
C 3 HOH 109 709 131 HOH HOH A . 
C 3 HOH 110 710 82  HOH HOH A . 
C 3 HOH 111 711 130 HOH HOH A . 
C 3 HOH 112 712 118 HOH HOH A . 
C 3 HOH 113 713 108 HOH HOH A . 
C 3 HOH 114 714 99  HOH HOH A . 
C 3 HOH 115 715 73  HOH HOH A . 
C 3 HOH 116 716 120 HOH HOH A . 
C 3 HOH 117 717 52  HOH HOH A . 
C 3 HOH 118 718 122 HOH HOH A . 
C 3 HOH 119 719 117 HOH HOH A . 
C 3 HOH 120 720 116 HOH HOH A . 
C 3 HOH 121 721 85  HOH HOH A . 
C 3 HOH 122 722 75  HOH HOH A . 
C 3 HOH 123 723 103 HOH HOH A . 
C 3 HOH 124 724 94  HOH HOH A . 
C 3 HOH 125 725 80  HOH HOH A . 
C 3 HOH 126 726 66  HOH HOH A . 
C 3 HOH 127 727 123 HOH HOH A . 
C 3 HOH 128 728 81  HOH HOH A . 
C 3 HOH 129 729 136 HOH HOH A . 
C 3 HOH 130 730 102 HOH HOH A . 
C 3 HOH 131 731 67  HOH HOH A . 
C 3 HOH 132 732 90  HOH HOH A . 
C 3 HOH 133 733 139 HOH HOH A . 
C 3 HOH 134 734 61  HOH HOH A . 
C 3 HOH 135 735 127 HOH HOH A . 
C 3 HOH 136 736 98  HOH HOH A . 
C 3 HOH 137 737 115 HOH HOH A . 
C 3 HOH 138 738 72  HOH HOH A . 
C 3 HOH 139 739 101 HOH HOH A . 
# 
loop_
_software.citation_id 
_software.classification 
_software.compiler_name 
_software.compiler_version 
_software.contact_author 
_software.contact_author_email 
_software.date 
_software.description 
_software.dependencies 
_software.hardware 
_software.language 
_software.location 
_software.mods 
_software.name 
_software.os 
_software.os_version 
_software.type 
_software.version 
_software.pdbx_ordinal 
? 'data reduction' ? ? ? ? ? ? ? ? ? ? ? XDS    ? ? ? 2.11.7 1 
? 'data scaling'   ? ? ? ? ? ? ? ? ? ? ? SCALA  ? ? ? .      2 
? 'model building' ? ? ? ? ? ? ? ? ? ? ? Coot   ? ? ? .      3 
? refinement       ? ? ? ? ? ? ? ? ? ? ? BUSTER ? ? ? 2.11.7 4 
# 
_cell.angle_alpha                  90.00 
_cell.angle_alpha_esd              ? 
_cell.angle_beta                   90.00 
_cell.angle_beta_esd               ? 
_cell.angle_gamma                  90.00 
_cell.angle_gamma_esd              ? 
_cell.entry_id                     5UES 
_cell.details                      ? 
_cell.formula_units_Z              ? 
_cell.length_a                     57.278 
_cell.length_a_esd                 ? 
_cell.length_b                     73.296 
_cell.length_b_esd                 ? 
_cell.length_c                     33.496 
_cell.length_c_esd                 ? 
_cell.volume                       ? 
_cell.volume_esd                   ? 
_cell.Z_PDB                        4 
_cell.reciprocal_angle_alpha       ? 
_cell.reciprocal_angle_beta        ? 
_cell.reciprocal_angle_gamma       ? 
_cell.reciprocal_angle_alpha_esd   ? 
_cell.reciprocal_angle_beta_esd    ? 
_cell.reciprocal_angle_gamma_esd   ? 
_cell.reciprocal_length_a          ? 
_cell.reciprocal_length_b          ? 
_cell.reciprocal_length_c          ? 
_cell.reciprocal_length_a_esd      ? 
_cell.reciprocal_length_b_esd      ? 
_cell.reciprocal_length_c_esd      ? 
_cell.pdbx_unique_axis             ? 
# 
_symmetry.entry_id                         5UES 
_symmetry.cell_setting                     ? 
_symmetry.Int_Tables_number                18 
_symmetry.space_group_name_Hall            ? 
_symmetry.space_group_name_H-M             'P 21 21 2' 
_symmetry.pdbx_full_space_group_name_H-M   ? 
# 
_exptl.absorpt_coefficient_mu     ? 
_exptl.absorpt_correction_T_max   ? 
_exptl.absorpt_correction_T_min   ? 
_exptl.absorpt_correction_type    ? 
_exptl.absorpt_process_details    ? 
_exptl.entry_id                   5UES 
_exptl.crystals_number            1 
_exptl.details                    ? 
_exptl.method                     'X-RAY DIFFRACTION' 
_exptl.method_details             ? 
# 
_exptl_crystal.colour                      ? 
_exptl_crystal.density_diffrn              ? 
_exptl_crystal.density_Matthews            2.75 
_exptl_crystal.density_method              ? 
_exptl_crystal.density_percent_sol         55.19 
_exptl_crystal.description                 ? 
_exptl_crystal.F_000                       ? 
_exptl_crystal.id                          1 
_exptl_crystal.preparation                 ? 
_exptl_crystal.size_max                    ? 
_exptl_crystal.size_mid                    ? 
_exptl_crystal.size_min                    ? 
_exptl_crystal.size_rad                    ? 
_exptl_crystal.colour_lustre               ? 
_exptl_crystal.colour_modifier             ? 
_exptl_crystal.colour_primary              ? 
_exptl_crystal.density_meas                ? 
_exptl_crystal.density_meas_esd            ? 
_exptl_crystal.density_meas_gt             ? 
_exptl_crystal.density_meas_lt             ? 
_exptl_crystal.density_meas_temp           ? 
_exptl_crystal.density_meas_temp_esd       ? 
_exptl_crystal.density_meas_temp_gt        ? 
_exptl_crystal.density_meas_temp_lt        ? 
_exptl_crystal.pdbx_crystal_image_url      ? 
_exptl_crystal.pdbx_crystal_image_format   ? 
_exptl_crystal.pdbx_mosaicity              ? 
_exptl_crystal.pdbx_mosaicity_esd          ? 
# 
_exptl_crystal_grow.apparatus       ? 
_exptl_crystal_grow.atmosphere      ? 
_exptl_crystal_grow.crystal_id      1 
_exptl_crystal_grow.details         ? 
_exptl_crystal_grow.method          'VAPOR DIFFUSION' 
_exptl_crystal_grow.method_ref      ? 
_exptl_crystal_grow.pH              ? 
_exptl_crystal_grow.pressure        ? 
_exptl_crystal_grow.pressure_esd    ? 
_exptl_crystal_grow.seeding         ? 
_exptl_crystal_grow.seeding_ref     ? 
_exptl_crystal_grow.temp            277 
_exptl_crystal_grow.temp_details    ? 
_exptl_crystal_grow.temp_esd        ? 
_exptl_crystal_grow.time            ? 
_exptl_crystal_grow.pdbx_details    
;Protein Buffer :
10 mM HEPES PH 7.5
100 mM NaCl   5 mM DTT
Crystallization :
15 % (v/v) Ethanol  Tris PH 7.0
;
_exptl_crystal_grow.pdbx_pH_range   ? 
# 
_diffrn.ambient_environment    ? 
_diffrn.ambient_temp           100 
_diffrn.ambient_temp_details   ? 
_diffrn.ambient_temp_esd       ? 
_diffrn.crystal_id             1 
_diffrn.crystal_support        ? 
_diffrn.crystal_treatment      ? 
_diffrn.details                ? 
_diffrn.id                     1 
_diffrn.ambient_pressure       ? 
_diffrn.ambient_pressure_esd   ? 
_diffrn.ambient_pressure_gt    ? 
_diffrn.ambient_pressure_lt    ? 
_diffrn.ambient_temp_gt        ? 
_diffrn.ambient_temp_lt        ? 
# 
_diffrn_detector.details                      ? 
_diffrn_detector.detector                     PIXEL 
_diffrn_detector.diffrn_id                    1 
_diffrn_detector.type                         'DECTRIS PILATUS3 S 6M' 
_diffrn_detector.area_resol_mean              ? 
_diffrn_detector.dtime                        ? 
_diffrn_detector.pdbx_frames_total            ? 
_diffrn_detector.pdbx_collection_time_total   ? 
_diffrn_detector.pdbx_collection_date         2011-06-08 
# 
_diffrn_radiation.collimation                      ? 
_diffrn_radiation.diffrn_id                        1 
_diffrn_radiation.filter_edge                      ? 
_diffrn_radiation.inhomogeneity                    ? 
_diffrn_radiation.monochromator                    ? 
_diffrn_radiation.polarisn_norm                    ? 
_diffrn_radiation.polarisn_ratio                   ? 
_diffrn_radiation.probe                            ? 
_diffrn_radiation.type                             ? 
_diffrn_radiation.xray_symbol                      ? 
_diffrn_radiation.wavelength_id                    1 
_diffrn_radiation.pdbx_monochromatic_or_laue_m_l   M 
_diffrn_radiation.pdbx_wavelength_list             ? 
_diffrn_radiation.pdbx_wavelength                  ? 
_diffrn_radiation.pdbx_diffrn_protocol             'SINGLE WAVELENGTH' 
_diffrn_radiation.pdbx_analyzer                    ? 
_diffrn_radiation.pdbx_scattering_type             x-ray 
# 
_diffrn_radiation_wavelength.id           1 
_diffrn_radiation_wavelength.wavelength   1.0 
_diffrn_radiation_wavelength.wt           1.0 
# 
_diffrn_source.current                     ? 
_diffrn_source.details                     ? 
_diffrn_source.diffrn_id                   1 
_diffrn_source.power                       ? 
_diffrn_source.size                        ? 
_diffrn_source.source                      SYNCHROTRON 
_diffrn_source.target                      ? 
_diffrn_source.type                        'APS BEAMLINE 17-ID' 
_diffrn_source.voltage                     ? 
_diffrn_source.take-off_angle              ? 
_diffrn_source.pdbx_wavelength_list        1.0 
_diffrn_source.pdbx_wavelength             ? 
_diffrn_source.pdbx_synchrotron_beamline   17-ID 
_diffrn_source.pdbx_synchrotron_site       APS 
# 
_reflns.B_iso_Wilson_estimate            26.69 
_reflns.entry_id                         5UES 
_reflns.data_reduction_details           ? 
_reflns.data_reduction_method            ? 
_reflns.d_resolution_high                1.62 
_reflns.d_resolution_low                 73.3 
_reflns.details                          ? 
_reflns.limit_h_max                      ? 
_reflns.limit_h_min                      ? 
_reflns.limit_k_max                      ? 
_reflns.limit_k_min                      ? 
_reflns.limit_l_max                      ? 
_reflns.limit_l_min                      ? 
_reflns.number_all                       ? 
_reflns.number_obs                       18621 
_reflns.observed_criterion               ? 
_reflns.observed_criterion_F_max         ? 
_reflns.observed_criterion_F_min         ? 
_reflns.observed_criterion_I_max         ? 
_reflns.observed_criterion_I_min         ? 
_reflns.observed_criterion_sigma_F       ? 
_reflns.observed_criterion_sigma_I       ? 
_reflns.percent_possible_obs             99.9 
_reflns.R_free_details                   ? 
_reflns.Rmerge_F_all                     ? 
_reflns.Rmerge_F_obs                     ? 
_reflns.Friedel_coverage                 ? 
_reflns.number_gt                        ? 
_reflns.threshold_expression             ? 
_reflns.pdbx_redundancy                  6.1 
_reflns.pdbx_Rmerge_I_obs                ? 
_reflns.pdbx_Rmerge_I_all                ? 
_reflns.pdbx_Rsym_value                  ? 
_reflns.pdbx_netI_over_av_sigmaI         ? 
_reflns.pdbx_netI_over_sigmaI            21.7 
_reflns.pdbx_res_netI_over_av_sigmaI_2   ? 
_reflns.pdbx_res_netI_over_sigmaI_2      ? 
_reflns.pdbx_chi_squared                 ? 
_reflns.pdbx_scaling_rejects             ? 
_reflns.pdbx_d_res_high_opt              ? 
_reflns.pdbx_d_res_low_opt               ? 
_reflns.pdbx_d_res_opt_method            ? 
_reflns.phase_calculation_details        ? 
_reflns.pdbx_Rrim_I_all                  ? 
_reflns.pdbx_Rpim_I_all                  ? 
_reflns.pdbx_d_opt                       ? 
_reflns.pdbx_number_measured_all         ? 
_reflns.pdbx_diffrn_id                   1 
_reflns.pdbx_ordinal                     1 
_reflns.pdbx_CC_half                     ? 
_reflns.pdbx_R_split                     ? 
# 
_reflns_shell.d_res_high                  . 
_reflns_shell.d_res_low                   ? 
_reflns_shell.meanI_over_sigI_all         ? 
_reflns_shell.meanI_over_sigI_obs         ? 
_reflns_shell.number_measured_all         ? 
_reflns_shell.number_measured_obs         ? 
_reflns_shell.number_possible             ? 
_reflns_shell.number_unique_all           ? 
_reflns_shell.number_unique_obs           ? 
_reflns_shell.percent_possible_all        ? 
_reflns_shell.percent_possible_obs        ? 
_reflns_shell.Rmerge_F_all                ? 
_reflns_shell.Rmerge_F_obs                ? 
_reflns_shell.Rmerge_I_all                ? 
_reflns_shell.Rmerge_I_obs                ? 
_reflns_shell.meanI_over_sigI_gt          ? 
_reflns_shell.meanI_over_uI_all           ? 
_reflns_shell.meanI_over_uI_gt            ? 
_reflns_shell.number_measured_gt          ? 
_reflns_shell.number_unique_gt            ? 
_reflns_shell.percent_possible_gt         ? 
_reflns_shell.Rmerge_F_gt                 ? 
_reflns_shell.Rmerge_I_gt                 ? 
_reflns_shell.pdbx_redundancy             ? 
_reflns_shell.pdbx_Rsym_value             ? 
_reflns_shell.pdbx_chi_squared            ? 
_reflns_shell.pdbx_netI_over_sigmaI_all   ? 
_reflns_shell.pdbx_netI_over_sigmaI_obs   ? 
_reflns_shell.pdbx_Rrim_I_all             ? 
_reflns_shell.pdbx_Rpim_I_all             ? 
_reflns_shell.pdbx_rejects                ? 
_reflns_shell.pdbx_ordinal                1 
_reflns_shell.pdbx_diffrn_id              1 
_reflns_shell.pdbx_CC_half                ? 
_reflns_shell.pdbx_R_split                ? 
# 
_refine.aniso_B[1][1]                            -12.72770 
_refine.aniso_B[1][2]                            0.00000 
_refine.aniso_B[1][3]                            0.00000 
_refine.aniso_B[2][2]                            7.89290 
_refine.aniso_B[2][3]                            0.00000 
_refine.aniso_B[3][3]                            4.83480 
_refine.B_iso_max                                ? 
_refine.B_iso_mean                               32.96 
_refine.B_iso_min                                ? 
_refine.correlation_coeff_Fo_to_Fc               0.942 
_refine.correlation_coeff_Fo_to_Fc_free          0.917 
_refine.details                                  ? 
_refine.diff_density_max                         ? 
_refine.diff_density_max_esd                     ? 
_refine.diff_density_min                         ? 
_refine.diff_density_min_esd                     ? 
_refine.diff_density_rms                         ? 
_refine.diff_density_rms_esd                     ? 
_refine.entry_id                                 5UES 
_refine.pdbx_refine_id                           'X-RAY DIFFRACTION' 
_refine.ls_abs_structure_details                 ? 
_refine.ls_abs_structure_Flack                   ? 
_refine.ls_abs_structure_Flack_esd               ? 
_refine.ls_abs_structure_Rogers                  ? 
_refine.ls_abs_structure_Rogers_esd              ? 
_refine.ls_d_res_high                            1.62 
_refine.ls_d_res_low                             36.65 
_refine.ls_extinction_coef                       ? 
_refine.ls_extinction_coef_esd                   ? 
_refine.ls_extinction_expression                 ? 
_refine.ls_extinction_method                     ? 
_refine.ls_goodness_of_fit_all                   ? 
_refine.ls_goodness_of_fit_all_esd               ? 
_refine.ls_goodness_of_fit_obs                   ? 
_refine.ls_goodness_of_fit_obs_esd               ? 
_refine.ls_hydrogen_treatment                    ? 
_refine.ls_matrix_type                           ? 
_refine.ls_number_constraints                    ? 
_refine.ls_number_parameters                     ? 
_refine.ls_number_reflns_all                     ? 
_refine.ls_number_reflns_obs                     18534 
_refine.ls_number_reflns_R_free                  947 
_refine.ls_number_reflns_R_work                  ? 
_refine.ls_number_restraints                     ? 
_refine.ls_percent_reflns_obs                    99.7 
_refine.ls_percent_reflns_R_free                 5.110 
_refine.ls_R_factor_all                          ? 
_refine.ls_R_factor_obs                          0.193 
_refine.ls_R_factor_R_free                       0.225 
_refine.ls_R_factor_R_free_error                 0.02 
_refine.ls_R_factor_R_free_error_details         ? 
_refine.ls_R_factor_R_work                       0.191 
_refine.ls_R_Fsqd_factor_obs                     ? 
_refine.ls_R_I_factor_obs                        ? 
_refine.ls_redundancy_reflns_all                 ? 
_refine.ls_redundancy_reflns_obs                 ? 
_refine.ls_restrained_S_all                      ? 
_refine.ls_restrained_S_obs                      ? 
_refine.ls_shift_over_esd_max                    ? 
_refine.ls_shift_over_esd_mean                   ? 
_refine.ls_structure_factor_coef                 ? 
_refine.ls_weighting_details                     ? 
_refine.ls_weighting_scheme                      ? 
_refine.ls_wR_factor_all                         ? 
_refine.ls_wR_factor_obs                         ? 
_refine.ls_wR_factor_R_free                      ? 
_refine.ls_wR_factor_R_work                      ? 
_refine.occupancy_max                            ? 
_refine.occupancy_min                            ? 
_refine.solvent_model_details                    ? 
_refine.solvent_model_param_bsol                 ? 
_refine.solvent_model_param_ksol                 ? 
_refine.ls_R_factor_gt                           ? 
_refine.ls_goodness_of_fit_gt                    ? 
_refine.ls_goodness_of_fit_ref                   ? 
_refine.ls_shift_over_su_max                     ? 
_refine.ls_shift_over_su_max_lt                  ? 
_refine.ls_shift_over_su_mean                    ? 
_refine.ls_shift_over_su_mean_lt                 ? 
_refine.pdbx_ls_sigma_I                          ? 
_refine.pdbx_ls_sigma_F                          0.000 
_refine.pdbx_ls_sigma_Fsqd                       ? 
_refine.pdbx_data_cutoff_high_absF               ? 
_refine.pdbx_data_cutoff_high_rms_absF           ? 
_refine.pdbx_data_cutoff_low_absF                ? 
_refine.pdbx_isotropic_thermal_model             ? 
_refine.pdbx_ls_cross_valid_method               THROUGHOUT 
_refine.pdbx_method_to_determine_struct          'MOLECULAR REPLACEMENT' 
_refine.pdbx_starting_model                      'Apo BRD4 Bromodomain 2' 
_refine.pdbx_stereochemistry_target_values       ? 
_refine.pdbx_R_Free_selection_details            RANDOM 
_refine.pdbx_stereochem_target_val_spec_case     ? 
_refine.pdbx_overall_ESU_R                       ? 
_refine.pdbx_overall_ESU_R_Free                  ? 
_refine.pdbx_solvent_vdw_probe_radii             ? 
_refine.pdbx_solvent_ion_probe_radii             ? 
_refine.pdbx_solvent_shrinkage_radii             ? 
_refine.pdbx_real_space_R                        ? 
_refine.pdbx_density_correlation                 ? 
_refine.pdbx_pd_number_of_powder_patterns        ? 
_refine.pdbx_pd_number_of_points                 ? 
_refine.pdbx_pd_meas_number_of_points            ? 
_refine.pdbx_pd_proc_ls_prof_R_factor            ? 
_refine.pdbx_pd_proc_ls_prof_wR_factor           ? 
_refine.pdbx_pd_Marquardt_correlation_coeff      ? 
_refine.pdbx_pd_Fsqrd_R_factor                   ? 
_refine.pdbx_pd_ls_matrix_band_width             ? 
_refine.pdbx_overall_phase_error                 ? 
_refine.pdbx_overall_SU_R_free_Cruickshank_DPI   0.087 
_refine.pdbx_overall_SU_R_free_Blow_DPI          0.093 
_refine.pdbx_overall_SU_R_Blow_DPI               0.093 
_refine.pdbx_TLS_residual_ADP_flag               ? 
_refine.pdbx_diffrn_id                           1 
_refine.overall_SU_B                             ? 
_refine.overall_SU_ML                            ? 
_refine.overall_SU_R_Cruickshank_DPI             0.084 
_refine.overall_SU_R_free                        ? 
_refine.overall_FOM_free_R_set                   ? 
_refine.overall_FOM_work_R_set                   ? 
_refine.pdbx_average_fsc_overall                 ? 
_refine.pdbx_average_fsc_work                    ? 
_refine.pdbx_average_fsc_free                    ? 
# 
_refine_analyze.entry_id                        5UES 
_refine_analyze.pdbx_refine_id                  'X-RAY DIFFRACTION' 
_refine_analyze.Luzzati_coordinate_error_free   ? 
_refine_analyze.Luzzati_coordinate_error_obs    0.24 
_refine_analyze.Luzzati_d_res_low_free          ? 
_refine_analyze.Luzzati_d_res_low_obs           ? 
_refine_analyze.Luzzati_sigma_a_free            ? 
_refine_analyze.Luzzati_sigma_a_free_details    ? 
_refine_analyze.Luzzati_sigma_a_obs             ? 
_refine_analyze.Luzzati_sigma_a_obs_details     ? 
_refine_analyze.number_disordered_residues      ? 
_refine_analyze.occupancy_sum_hydrogen          ? 
_refine_analyze.occupancy_sum_non_hydrogen      ? 
_refine_analyze.RG_d_res_high                   ? 
_refine_analyze.RG_d_res_low                    ? 
_refine_analyze.RG_free                         ? 
_refine_analyze.RG_work                         ? 
_refine_analyze.RG_free_work_ratio              ? 
_refine_analyze.pdbx_Luzzati_d_res_high_obs     ? 
# 
_refine_hist.pdbx_refine_id                   'X-RAY DIFFRACTION' 
_refine_hist.cycle_id                         1 
_refine_hist.pdbx_number_atoms_protein        892 
_refine_hist.pdbx_number_atoms_nucleic_acid   0 
_refine_hist.pdbx_number_atoms_ligand         23 
_refine_hist.number_atoms_solvent             139 
_refine_hist.number_atoms_total               1054 
_refine_hist.d_res_high                       1.62 
_refine_hist.d_res_low                        36.65 
# 
loop_
_refine_ls_restr.pdbx_refine_id 
_refine_ls_restr.criterion 
_refine_ls_restr.dev_ideal 
_refine_ls_restr.dev_ideal_target 
_refine_ls_restr.number 
_refine_ls_restr.rejects 
_refine_ls_restr.type 
_refine_ls_restr.weight 
_refine_ls_restr.pdbx_restraint_function 
'X-RAY DIFFRACTION' ? 0.010 ? 942  ? t_bond_d                  2.00  HARMONIC     
'X-RAY DIFFRACTION' ? 0.86  ? 1264 ? t_angle_deg               2.00  HARMONIC     
'X-RAY DIFFRACTION' ? ?     ? 334  ? t_dihedral_angle_d        2.00  SINUSOIDAL   
'X-RAY DIFFRACTION' ? ?     ? ?    ? t_incorr_chiral_ct        ?     ?            
'X-RAY DIFFRACTION' ? ?     ? ?    ? t_pseud_angle             ?     ?            
'X-RAY DIFFRACTION' ? ?     ? 21   ? t_trig_c_planes           2.00  HARMONIC     
'X-RAY DIFFRACTION' ? ?     ? 143  ? t_gen_planes              5.00  HARMONIC     
'X-RAY DIFFRACTION' ? ?     ? 942  ? t_it                      20.00 HARMONIC     
'X-RAY DIFFRACTION' ? ?     ? ?    ? t_nbd                     ?     ?            
'X-RAY DIFFRACTION' ? 2.99  ? ?    ? t_omega_torsion           ?     ?            
'X-RAY DIFFRACTION' ? 16.05 ? ?    ? t_other_torsion           ?     ?            
'X-RAY DIFFRACTION' ? ?     ? ?    ? t_improper_torsion        ?     ?            
'X-RAY DIFFRACTION' ? ?     ? 111  ? t_chiral_improper_torsion 5.00  SEMIHARMONIC 
'X-RAY DIFFRACTION' ? ?     ? ?    ? t_sum_occupancies         ?     ?            
'X-RAY DIFFRACTION' ? ?     ? ?    ? t_utility_distance        ?     ?            
'X-RAY DIFFRACTION' ? ?     ? ?    ? t_utility_angle           ?     ?            
'X-RAY DIFFRACTION' ? ?     ? ?    ? t_utility_torsion         ?     ?            
'X-RAY DIFFRACTION' ? ?     ? 1181 ? t_ideal_dist_contact      4.00  SEMIHARMONIC 
# 
_refine_ls_shell.pdbx_refine_id                   'X-RAY DIFFRACTION' 
_refine_ls_shell.d_res_high                       1.62 
_refine_ls_shell.d_res_low                        1.72 
_refine_ls_shell.number_reflns_all                2913 
_refine_ls_shell.number_reflns_obs                ? 
_refine_ls_shell.number_reflns_R_free             168 
_refine_ls_shell.number_reflns_R_work             2745 
_refine_ls_shell.percent_reflns_obs               99.56 
_refine_ls_shell.percent_reflns_R_free            5.77 
_refine_ls_shell.R_factor_all                     0.254 
_refine_ls_shell.R_factor_obs                     ? 
_refine_ls_shell.R_factor_R_free                  0.313 
_refine_ls_shell.R_factor_R_free_error            0.000 
_refine_ls_shell.R_factor_R_work                  0.250 
_refine_ls_shell.redundancy_reflns_all            ? 
_refine_ls_shell.redundancy_reflns_obs            ? 
_refine_ls_shell.wR_factor_all                    ? 
_refine_ls_shell.wR_factor_obs                    ? 
_refine_ls_shell.wR_factor_R_free                 ? 
_refine_ls_shell.wR_factor_R_work                 ? 
_refine_ls_shell.pdbx_total_number_of_bins_used   9 
_refine_ls_shell.pdbx_phase_error                 ? 
_refine_ls_shell.pdbx_fsc_work                    ? 
_refine_ls_shell.pdbx_fsc_free                    ? 
# 
_struct.entry_id                     5UES 
_struct.title                        BRD4_BD2_A-1344772 
_struct.pdbx_model_details           ? 
_struct.pdbx_formula_weight          ? 
_struct.pdbx_formula_weight_method   ? 
_struct.pdbx_model_type_details      ? 
_struct.pdbx_CASP_flag               N 
# 
_struct_keywords.entry_id        5UES 
_struct_keywords.text            'SIGNALING PROTEIN-INHIBITOR complex' 
_struct_keywords.pdbx_keywords   'SIGNALING PROTEIN/INHIBITOR' 
# 
loop_
_struct_asym.id 
_struct_asym.pdbx_blank_PDB_chainid_flag 
_struct_asym.pdbx_modified 
_struct_asym.entity_id 
_struct_asym.details 
A N N 1 ? 
B N N 2 ? 
C N N 3 ? 
# 
_struct_ref.id                         1 
_struct_ref.db_name                    UNP 
_struct_ref.db_code                    BRD4_HUMAN 
_struct_ref.pdbx_db_accession          O60885 
_struct_ref.pdbx_db_isoform            ? 
_struct_ref.entity_id                  1 
_struct_ref.pdbx_seq_one_letter_code   
;EQLKCCSGILKEMFAKKHAAYAWPFYKPVDVEALGLHDYCDIIKHPMDMSTIKSKLEAREYRDAQEFGADVRLMFSNCYK
YNPPDHEVVAMARKLQDVFEMRFAKM
;
_struct_ref.pdbx_align_begin           352 
# 
_struct_ref_seq.align_id                      1 
_struct_ref_seq.ref_id                        1 
_struct_ref_seq.pdbx_PDB_id_code              5UES 
_struct_ref_seq.pdbx_strand_id                A 
_struct_ref_seq.seq_align_beg                 4 
_struct_ref_seq.pdbx_seq_align_beg_ins_code   ? 
_struct_ref_seq.seq_align_end                 109 
_struct_ref_seq.pdbx_seq_align_end_ins_code   ? 
_struct_ref_seq.pdbx_db_accession             O60885 
_struct_ref_seq.db_align_beg                  352 
_struct_ref_seq.pdbx_db_align_beg_ins_code    ? 
_struct_ref_seq.db_align_end                  457 
_struct_ref_seq.pdbx_db_align_end_ins_code    ? 
_struct_ref_seq.pdbx_auth_seq_align_beg       352 
_struct_ref_seq.pdbx_auth_seq_align_end       457 
# 
loop_
_struct_ref_seq_dif.align_id 
_struct_ref_seq_dif.pdbx_pdb_id_code 
_struct_ref_seq_dif.mon_id 
_struct_ref_seq_dif.pdbx_pdb_strand_id 
_struct_ref_seq_dif.seq_num 
_struct_ref_seq_dif.pdbx_pdb_ins_code 
_struct_ref_seq_dif.pdbx_seq_db_name 
_struct_ref_seq_dif.pdbx_seq_db_accession_code 
_struct_ref_seq_dif.db_mon_id 
_struct_ref_seq_dif.pdbx_seq_db_seq_num 
_struct_ref_seq_dif.details 
_struct_ref_seq_dif.pdbx_auth_seq_num 
_struct_ref_seq_dif.pdbx_ordinal 
1 5UES SER A 1 ? UNP O60885 ? ? 'expression tag' 349 1 
1 5UES HIS A 2 ? UNP O60885 ? ? 'expression tag' 350 2 
1 5UES MET A 3 ? UNP O60885 ? ? 'expression tag' 351 3 
# 
_pdbx_struct_assembly.id                   1 
_pdbx_struct_assembly.details              author_and_software_defined_assembly 
_pdbx_struct_assembly.method_details       PISA 
_pdbx_struct_assembly.oligomeric_details   monomeric 
_pdbx_struct_assembly.oligomeric_count     1 
# 
loop_
_pdbx_struct_assembly_prop.biol_id 
_pdbx_struct_assembly_prop.type 
_pdbx_struct_assembly_prop.value 
_pdbx_struct_assembly_prop.details 
1 'ABSA (A^2)' 0    ? 
1 MORE         0    ? 
1 'SSA (A^2)'  7040 ? 
# 
_pdbx_struct_assembly_gen.assembly_id       1 
_pdbx_struct_assembly_gen.oper_expression   1 
_pdbx_struct_assembly_gen.asym_id_list      A,B,C 
# 
_pdbx_struct_oper_list.id                   1 
_pdbx_struct_oper_list.type                 'identity operation' 
_pdbx_struct_oper_list.name                 1_555 
_pdbx_struct_oper_list.symmetry_operation   x,y,z 
_pdbx_struct_oper_list.matrix[1][1]         1.0000000000 
_pdbx_struct_oper_list.matrix[1][2]         0.0000000000 
_pdbx_struct_oper_list.matrix[1][3]         0.0000000000 
_pdbx_struct_oper_list.vector[1]            0.0000000000 
_pdbx_struct_oper_list.matrix[2][1]         0.0000000000 
_pdbx_struct_oper_list.matrix[2][2]         1.0000000000 
_pdbx_struct_oper_list.matrix[2][3]         0.0000000000 
_pdbx_struct_oper_list.vector[2]            0.0000000000 
_pdbx_struct_oper_list.matrix[3][1]         0.0000000000 
_pdbx_struct_oper_list.matrix[3][2]         0.0000000000 
_pdbx_struct_oper_list.matrix[3][3]         1.0000000000 
_pdbx_struct_oper_list.vector[3]            0.0000000000 
# 
loop_
_struct_conf.conf_type_id 
_struct_conf.id 
_struct_conf.pdbx_PDB_helix_id 
_struct_conf.beg_label_comp_id 
_struct_conf.beg_label_asym_id 
_struct_conf.beg_label_seq_id 
_struct_conf.pdbx_beg_PDB_ins_code 
_struct_conf.end_label_comp_id 
_struct_conf.end_label_asym_id 
_struct_conf.end_label_seq_id 
_struct_conf.pdbx_end_PDB_ins_code 
_struct_conf.beg_auth_comp_id 
_struct_conf.beg_auth_asym_id 
_struct_conf.beg_auth_seq_id 
_struct_conf.end_auth_comp_id 
_struct_conf.end_auth_asym_id 
_struct_conf.end_auth_seq_id 
_struct_conf.pdbx_PDB_helix_class 
_struct_conf.details 
_struct_conf.pdbx_PDB_helix_length 
HELX_P HELX_P1 AA1 SER A 1  ? PHE A 17  ? SER A 349 PHE A 365 1 ? 17 
HELX_P HELX_P2 AA2 ALA A 18 ? LYS A 20  ? ALA A 366 LYS A 368 5 ? 3  
HELX_P HELX_P3 AA3 HIS A 21 ? TRP A 26  ? HIS A 369 TRP A 374 1 ? 6  
HELX_P HELX_P4 AA4 PRO A 27 ? TYR A 29  ? PRO A 375 TYR A 377 5 ? 3  
HELX_P HELX_P5 AA5 ASP A 41 ? ILE A 46  ? ASP A 389 ILE A 394 1 ? 6  
HELX_P HELX_P6 AA6 ASP A 51 ? ALA A 61  ? ASP A 399 ALA A 409 1 ? 11 
HELX_P HELX_P7 AA7 ASP A 66 ? ASN A 85  ? ASP A 414 ASN A 433 1 ? 20 
HELX_P HELX_P8 AA8 HIS A 89 ? LYS A 108 ? HIS A 437 LYS A 456 1 ? 20 
# 
_struct_conf_type.id          HELX_P 
_struct_conf_type.criteria    ? 
_struct_conf_type.reference   ? 
# 
_struct_site.id                   AC1 
_struct_site.pdbx_evidence_code   Software 
_struct_site.pdbx_auth_asym_id    A 
_struct_site.pdbx_auth_comp_id    87S 
_struct_site.pdbx_auth_seq_id     501 
_struct_site.pdbx_auth_ins_code   ? 
_struct_site.pdbx_num_residues    8 
_struct_site.details              'binding site for residue 87S A 501' 
# 
loop_
_struct_site_gen.id 
_struct_site_gen.site_id 
_struct_site_gen.pdbx_num_res 
_struct_site_gen.label_comp_id 
_struct_site_gen.label_asym_id 
_struct_site_gen.label_seq_id 
_struct_site_gen.pdbx_auth_ins_code 
_struct_site_gen.auth_comp_id 
_struct_site_gen.auth_asym_id 
_struct_site_gen.auth_seq_id 
_struct_site_gen.label_atom_id 
_struct_site_gen.label_alt_id 
_struct_site_gen.symmetry 
_struct_site_gen.details 
1 AC1 8 TRP A 26 ? TRP A 374 . ? 1_555 ? 
2 AC1 8 PRO A 27 ? PRO A 375 . ? 1_555 ? 
3 AC1 8 ASN A 85 ? ASN A 433 . ? 1_555 ? 
4 AC1 8 HIS A 89 ? HIS A 437 . ? 1_555 ? 
5 AC1 8 GLU A 90 ? GLU A 438 . ? 1_555 ? 
6 AC1 8 VAL A 91 ? VAL A 439 . ? 1_555 ? 
7 AC1 8 HOH C .  ? HOH A 613 . ? 1_555 ? 
8 AC1 8 HOH C .  ? HOH A 680 . ? 1_555 ? 
# 
loop_
_chem_comp_atom.comp_id 
_chem_comp_atom.atom_id 
_chem_comp_atom.type_symbol 
_chem_comp_atom.pdbx_aromatic_flag 
_chem_comp_atom.pdbx_stereo_config 
_chem_comp_atom.pdbx_ordinal 
87S C4   C  Y N 1   
87S C5   C  Y N 2   
87S C6   C  Y N 3   
87S C7   C  Y N 4   
87S C8   C  Y N 5   
87S C10  C  Y N 6   
87S C13  C  Y N 7   
87S C15  C  Y N 8   
87S C17  C  N N 9   
87S C1   C  Y N 10  
87S C2   C  Y N 11  
87S C3   C  Y N 12  
87S C9   C  Y N 13  
87S C11  C  Y N 14  
87S C12  C  Y N 15  
87S C14  C  Y N 16  
87S C16  C  Y N 17  
87S C18  C  N N 18  
87S N19  N  Y N 19  
87S N20  N  N N 20  
87S O21  O  N N 21  
87S O22  O  N N 22  
87S CL1  CL N N 23  
87S H1   H  N N 24  
87S H2   H  N N 25  
87S H3   H  N N 26  
87S H4   H  N N 27  
87S H5   H  N N 28  
87S H6   H  N N 29  
87S H7   H  N N 30  
87S H8   H  N N 31  
87S H9   H  N N 32  
87S H10  H  N N 33  
87S H11  H  N N 34  
87S H12  H  N N 35  
87S H13  H  N N 36  
87S H14  H  N N 37  
87S H15  H  N N 38  
ALA N    N  N N 39  
ALA CA   C  N S 40  
ALA C    C  N N 41  
ALA O    O  N N 42  
ALA CB   C  N N 43  
ALA OXT  O  N N 44  
ALA H    H  N N 45  
ALA H2   H  N N 46  
ALA HA   H  N N 47  
ALA HB1  H  N N 48  
ALA HB2  H  N N 49  
ALA HB3  H  N N 50  
ALA HXT  H  N N 51  
ARG N    N  N N 52  
ARG CA   C  N S 53  
ARG C    C  N N 54  
ARG O    O  N N 55  
ARG CB   C  N N 56  
ARG CG   C  N N 57  
ARG CD   C  N N 58  
ARG NE   N  N N 59  
ARG CZ   C  N N 60  
ARG NH1  N  N N 61  
ARG NH2  N  N N 62  
ARG OXT  O  N N 63  
ARG H    H  N N 64  
ARG H2   H  N N 65  
ARG HA   H  N N 66  
ARG HB2  H  N N 67  
ARG HB3  H  N N 68  
ARG HG2  H  N N 69  
ARG HG3  H  N N 70  
ARG HD2  H  N N 71  
ARG HD3  H  N N 72  
ARG HE   H  N N 73  
ARG HH11 H  N N 74  
ARG HH12 H  N N 75  
ARG HH21 H  N N 76  
ARG HH22 H  N N 77  
ARG HXT  H  N N 78  
ASN N    N  N N 79  
ASN CA   C  N S 80  
ASN C    C  N N 81  
ASN O    O  N N 82  
ASN CB   C  N N 83  
ASN CG   C  N N 84  
ASN OD1  O  N N 85  
ASN ND2  N  N N 86  
ASN OXT  O  N N 87  
ASN H    H  N N 88  
ASN H2   H  N N 89  
ASN HA   H  N N 90  
ASN HB2  H  N N 91  
ASN HB3  H  N N 92  
ASN HD21 H  N N 93  
ASN HD22 H  N N 94  
ASN HXT  H  N N 95  
ASP N    N  N N 96  
ASP CA   C  N S 97  
ASP C    C  N N 98  
ASP O    O  N N 99  
ASP CB   C  N N 100 
ASP CG   C  N N 101 
ASP OD1  O  N N 102 
ASP OD2  O  N N 103 
ASP OXT  O  N N 104 
ASP H    H  N N 105 
ASP H2   H  N N 106 
ASP HA   H  N N 107 
ASP HB2  H  N N 108 
ASP HB3  H  N N 109 
ASP HD2  H  N N 110 
ASP HXT  H  N N 111 
CYS N    N  N N 112 
CYS CA   C  N R 113 
CYS C    C  N N 114 
CYS O    O  N N 115 
CYS CB   C  N N 116 
CYS SG   S  N N 117 
CYS OXT  O  N N 118 
CYS H    H  N N 119 
CYS H2   H  N N 120 
CYS HA   H  N N 121 
CYS HB2  H  N N 122 
CYS HB3  H  N N 123 
CYS HG   H  N N 124 
CYS HXT  H  N N 125 
GLN N    N  N N 126 
GLN CA   C  N S 127 
GLN C    C  N N 128 
GLN O    O  N N 129 
GLN CB   C  N N 130 
GLN CG   C  N N 131 
GLN CD   C  N N 132 
GLN OE1  O  N N 133 
GLN NE2  N  N N 134 
GLN OXT  O  N N 135 
GLN H    H  N N 136 
GLN H2   H  N N 137 
GLN HA   H  N N 138 
GLN HB2  H  N N 139 
GLN HB3  H  N N 140 
GLN HG2  H  N N 141 
GLN HG3  H  N N 142 
GLN HE21 H  N N 143 
GLN HE22 H  N N 144 
GLN HXT  H  N N 145 
GLU N    N  N N 146 
GLU CA   C  N S 147 
GLU C    C  N N 148 
GLU O    O  N N 149 
GLU CB   C  N N 150 
GLU CG   C  N N 151 
GLU CD   C  N N 152 
GLU OE1  O  N N 153 
GLU OE2  O  N N 154 
GLU OXT  O  N N 155 
GLU H    H  N N 156 
GLU H2   H  N N 157 
GLU HA   H  N N 158 
GLU HB2  H  N N 159 
GLU HB3  H  N N 160 
GLU HG2  H  N N 161 
GLU HG3  H  N N 162 
GLU HE2  H  N N 163 
GLU HXT  H  N N 164 
GLY N    N  N N 165 
GLY CA   C  N N 166 
GLY C    C  N N 167 
GLY O    O  N N 168 
GLY OXT  O  N N 169 
GLY H    H  N N 170 
GLY H2   H  N N 171 
GLY HA2  H  N N 172 
GLY HA3  H  N N 173 
GLY HXT  H  N N 174 
HIS N    N  N N 175 
HIS CA   C  N S 176 
HIS C    C  N N 177 
HIS O    O  N N 178 
HIS CB   C  N N 179 
HIS CG   C  Y N 180 
HIS ND1  N  Y N 181 
HIS CD2  C  Y N 182 
HIS CE1  C  Y N 183 
HIS NE2  N  Y N 184 
HIS OXT  O  N N 185 
HIS H    H  N N 186 
HIS H2   H  N N 187 
HIS HA   H  N N 188 
HIS HB2  H  N N 189 
HIS HB3  H  N N 190 
HIS HD1  H  N N 191 
HIS HD2  H  N N 192 
HIS HE1  H  N N 193 
HIS HE2  H  N N 194 
HIS HXT  H  N N 195 
HOH O    O  N N 196 
HOH H1   H  N N 197 
HOH H2   H  N N 198 
ILE N    N  N N 199 
ILE CA   C  N S 200 
ILE C    C  N N 201 
ILE O    O  N N 202 
ILE CB   C  N S 203 
ILE CG1  C  N N 204 
ILE CG2  C  N N 205 
ILE CD1  C  N N 206 
ILE OXT  O  N N 207 
ILE H    H  N N 208 
ILE H2   H  N N 209 
ILE HA   H  N N 210 
ILE HB   H  N N 211 
ILE HG12 H  N N 212 
ILE HG13 H  N N 213 
ILE HG21 H  N N 214 
ILE HG22 H  N N 215 
ILE HG23 H  N N 216 
ILE HD11 H  N N 217 
ILE HD12 H  N N 218 
ILE HD13 H  N N 219 
ILE HXT  H  N N 220 
LEU N    N  N N 221 
LEU CA   C  N S 222 
LEU C    C  N N 223 
LEU O    O  N N 224 
LEU CB   C  N N 225 
LEU CG   C  N N 226 
LEU CD1  C  N N 227 
LEU CD2  C  N N 228 
LEU OXT  O  N N 229 
LEU H    H  N N 230 
LEU H2   H  N N 231 
LEU HA   H  N N 232 
LEU HB2  H  N N 233 
LEU HB3  H  N N 234 
LEU HG   H  N N 235 
LEU HD11 H  N N 236 
LEU HD12 H  N N 237 
LEU HD13 H  N N 238 
LEU HD21 H  N N 239 
LEU HD22 H  N N 240 
LEU HD23 H  N N 241 
LEU HXT  H  N N 242 
LYS N    N  N N 243 
LYS CA   C  N S 244 
LYS C    C  N N 245 
LYS O    O  N N 246 
LYS CB   C  N N 247 
LYS CG   C  N N 248 
LYS CD   C  N N 249 
LYS CE   C  N N 250 
LYS NZ   N  N N 251 
LYS OXT  O  N N 252 
LYS H    H  N N 253 
LYS H2   H  N N 254 
LYS HA   H  N N 255 
LYS HB2  H  N N 256 
LYS HB3  H  N N 257 
LYS HG2  H  N N 258 
LYS HG3  H  N N 259 
LYS HD2  H  N N 260 
LYS HD3  H  N N 261 
LYS HE2  H  N N 262 
LYS HE3  H  N N 263 
LYS HZ1  H  N N 264 
LYS HZ2  H  N N 265 
LYS HZ3  H  N N 266 
LYS HXT  H  N N 267 
MET N    N  N N 268 
MET CA   C  N S 269 
MET C    C  N N 270 
MET O    O  N N 271 
MET CB   C  N N 272 
MET CG   C  N N 273 
MET SD   S  N N 274 
MET CE   C  N N 275 
MET OXT  O  N N 276 
MET H    H  N N 277 
MET H2   H  N N 278 
MET HA   H  N N 279 
MET HB2  H  N N 280 
MET HB3  H  N N 281 
MET HG2  H  N N 282 
MET HG3  H  N N 283 
MET HE1  H  N N 284 
MET HE2  H  N N 285 
MET HE3  H  N N 286 
MET HXT  H  N N 287 
PHE N    N  N N 288 
PHE CA   C  N S 289 
PHE C    C  N N 290 
PHE O    O  N N 291 
PHE CB   C  N N 292 
PHE CG   C  Y N 293 
PHE CD1  C  Y N 294 
PHE CD2  C  Y N 295 
PHE CE1  C  Y N 296 
PHE CE2  C  Y N 297 
PHE CZ   C  Y N 298 
PHE OXT  O  N N 299 
PHE H    H  N N 300 
PHE H2   H  N N 301 
PHE HA   H  N N 302 
PHE HB2  H  N N 303 
PHE HB3  H  N N 304 
PHE HD1  H  N N 305 
PHE HD2  H  N N 306 
PHE HE1  H  N N 307 
PHE HE2  H  N N 308 
PHE HZ   H  N N 309 
PHE HXT  H  N N 310 
PRO N    N  N N 311 
PRO CA   C  N S 312 
PRO C    C  N N 313 
PRO O    O  N N 314 
PRO CB   C  N N 315 
PRO CG   C  N N 316 
PRO CD   C  N N 317 
PRO OXT  O  N N 318 
PRO H    H  N N 319 
PRO HA   H  N N 320 
PRO HB2  H  N N 321 
PRO HB3  H  N N 322 
PRO HG2  H  N N 323 
PRO HG3  H  N N 324 
PRO HD2  H  N N 325 
PRO HD3  H  N N 326 
PRO HXT  H  N N 327 
SER N    N  N N 328 
SER CA   C  N S 329 
SER C    C  N N 330 
SER O    O  N N 331 
SER CB   C  N N 332 
SER OG   O  N N 333 
SER OXT  O  N N 334 
SER H    H  N N 335 
SER H2   H  N N 336 
SER HA   H  N N 337 
SER HB2  H  N N 338 
SER HB3  H  N N 339 
SER HG   H  N N 340 
SER HXT  H  N N 341 
THR N    N  N N 342 
THR CA   C  N S 343 
THR C    C  N N 344 
THR O    O  N N 345 
THR CB   C  N R 346 
THR OG1  O  N N 347 
THR CG2  C  N N 348 
THR OXT  O  N N 349 
THR H    H  N N 350 
THR H2   H  N N 351 
THR HA   H  N N 352 
THR HB   H  N N 353 
THR HG1  H  N N 354 
THR HG21 H  N N 355 
THR HG22 H  N N 356 
THR HG23 H  N N 357 
THR HXT  H  N N 358 
TRP N    N  N N 359 
TRP CA   C  N S 360 
TRP C    C  N N 361 
TRP O    O  N N 362 
TRP CB   C  N N 363 
TRP CG   C  Y N 364 
TRP CD1  C  Y N 365 
TRP CD2  C  Y N 366 
TRP NE1  N  Y N 367 
TRP CE2  C  Y N 368 
TRP CE3  C  Y N 369 
TRP CZ2  C  Y N 370 
TRP CZ3  C  Y N 371 
TRP CH2  C  Y N 372 
TRP OXT  O  N N 373 
TRP H    H  N N 374 
TRP H2   H  N N 375 
TRP HA   H  N N 376 
TRP HB2  H  N N 377 
TRP HB3  H  N N 378 
TRP HD1  H  N N 379 
TRP HE1  H  N N 380 
TRP HE3  H  N N 381 
TRP HZ2  H  N N 382 
TRP HZ3  H  N N 383 
TRP HH2  H  N N 384 
TRP HXT  H  N N 385 
TYR N    N  N N 386 
TYR CA   C  N S 387 
TYR C    C  N N 388 
TYR O    O  N N 389 
TYR CB   C  N N 390 
TYR CG   C  Y N 391 
TYR CD1  C  Y N 392 
TYR CD2  C  Y N 393 
TYR CE1  C  Y N 394 
TYR CE2  C  Y N 395 
TYR CZ   C  Y N 396 
TYR OH   O  N N 397 
TYR OXT  O  N N 398 
TYR H    H  N N 399 
TYR H2   H  N N 400 
TYR HA   H  N N 401 
TYR HB2  H  N N 402 
TYR HB3  H  N N 403 
TYR HD1  H  N N 404 
TYR HD2  H  N N 405 
TYR HE1  H  N N 406 
TYR HE2  H  N N 407 
TYR HH   H  N N 408 
TYR HXT  H  N N 409 
VAL N    N  N N 410 
VAL CA   C  N S 411 
VAL C    C  N N 412 
VAL O    O  N N 413 
VAL CB   C  N N 414 
VAL CG1  C  N N 415 
VAL CG2  C  N N 416 
VAL OXT  O  N N 417 
VAL H    H  N N 418 
VAL H2   H  N N 419 
VAL HA   H  N N 420 
VAL HB   H  N N 421 
VAL HG11 H  N N 422 
VAL HG12 H  N N 423 
VAL HG13 H  N N 424 
VAL HG21 H  N N 425 
VAL HG22 H  N N 426 
VAL HG23 H  N N 427 
VAL HXT  H  N N 428 
# 
loop_
_chem_comp_bond.comp_id 
_chem_comp_bond.atom_id_1 
_chem_comp_bond.atom_id_2 
_chem_comp_bond.value_order 
_chem_comp_bond.pdbx_aromatic_flag 
_chem_comp_bond.pdbx_stereo_config 
_chem_comp_bond.pdbx_ordinal 
87S C18 C16  sing N N 1   
87S O21 C17  doub N N 2   
87S C16 N19  sing Y N 3   
87S C16 C11  doub Y N 4   
87S N19 C15  sing Y N 5   
87S C17 C11  sing N N 6   
87S C17 N20  sing N N 7   
87S C11 C9   sing Y N 8   
87S C3  C1   doub Y N 9   
87S C3  C10  sing Y N 10  
87S C15 C9   doub Y N 11  
87S C15 C10  sing N N 12  
87S C1  C2   sing Y N 13  
87S C10 C13  doub Y N 14  
87S C2  C4   doub Y N 15  
87S C13 C4   sing Y N 16  
87S C13 O22  sing N N 17  
87S O22 C12  sing N N 18  
87S C12 C5   doub Y N 19  
87S C12 C6   sing Y N 20  
87S C5  C7   sing Y N 21  
87S C6  C8   doub Y N 22  
87S C7  C14  doub Y N 23  
87S C8  C14  sing Y N 24  
87S C14 CL1  sing N N 25  
87S C4  H1   sing N N 26  
87S C5  H2   sing N N 27  
87S C6  H3   sing N N 28  
87S C7  H4   sing N N 29  
87S C8  H5   sing N N 30  
87S C1  H6   sing N N 31  
87S C2  H7   sing N N 32  
87S C3  H8   sing N N 33  
87S C9  H9   sing N N 34  
87S C18 H10  sing N N 35  
87S C18 H11  sing N N 36  
87S C18 H12  sing N N 37  
87S N19 H13  sing N N 38  
87S N20 H14  sing N N 39  
87S N20 H15  sing N N 40  
ALA N   CA   sing N N 41  
ALA N   H    sing N N 42  
ALA N   H2   sing N N 43  
ALA CA  C    sing N N 44  
ALA CA  CB   sing N N 45  
ALA CA  HA   sing N N 46  
ALA C   O    doub N N 47  
ALA C   OXT  sing N N 48  
ALA CB  HB1  sing N N 49  
ALA CB  HB2  sing N N 50  
ALA CB  HB3  sing N N 51  
ALA OXT HXT  sing N N 52  
ARG N   CA   sing N N 53  
ARG N   H    sing N N 54  
ARG N   H2   sing N N 55  
ARG CA  C    sing N N 56  
ARG CA  CB   sing N N 57  
ARG CA  HA   sing N N 58  
ARG C   O    doub N N 59  
ARG C   OXT  sing N N 60  
ARG CB  CG   sing N N 61  
ARG CB  HB2  sing N N 62  
ARG CB  HB3  sing N N 63  
ARG CG  CD   sing N N 64  
ARG CG  HG2  sing N N 65  
ARG CG  HG3  sing N N 66  
ARG CD  NE   sing N N 67  
ARG CD  HD2  sing N N 68  
ARG CD  HD3  sing N N 69  
ARG NE  CZ   sing N N 70  
ARG NE  HE   sing N N 71  
ARG CZ  NH1  sing N N 72  
ARG CZ  NH2  doub N N 73  
ARG NH1 HH11 sing N N 74  
ARG NH1 HH12 sing N N 75  
ARG NH2 HH21 sing N N 76  
ARG NH2 HH22 sing N N 77  
ARG OXT HXT  sing N N 78  
ASN N   CA   sing N N 79  
ASN N   H    sing N N 80  
ASN N   H2   sing N N 81  
ASN CA  C    sing N N 82  
ASN CA  CB   sing N N 83  
ASN CA  HA   sing N N 84  
ASN C   O    doub N N 85  
ASN C   OXT  sing N N 86  
ASN CB  CG   sing N N 87  
ASN CB  HB2  sing N N 88  
ASN CB  HB3  sing N N 89  
ASN CG  OD1  doub N N 90  
ASN CG  ND2  sing N N 91  
ASN ND2 HD21 sing N N 92  
ASN ND2 HD22 sing N N 93  
ASN OXT HXT  sing N N 94  
ASP N   CA   sing N N 95  
ASP N   H    sing N N 96  
ASP N   H2   sing N N 97  
ASP CA  C    sing N N 98  
ASP CA  CB   sing N N 99  
ASP CA  HA   sing N N 100 
ASP C   O    doub N N 101 
ASP C   OXT  sing N N 102 
ASP CB  CG   sing N N 103 
ASP CB  HB2  sing N N 104 
ASP CB  HB3  sing N N 105 
ASP CG  OD1  doub N N 106 
ASP CG  OD2  sing N N 107 
ASP OD2 HD2  sing N N 108 
ASP OXT HXT  sing N N 109 
CYS N   CA   sing N N 110 
CYS N   H    sing N N 111 
CYS N   H2   sing N N 112 
CYS CA  C    sing N N 113 
CYS CA  CB   sing N N 114 
CYS CA  HA   sing N N 115 
CYS C   O    doub N N 116 
CYS C   OXT  sing N N 117 
CYS CB  SG   sing N N 118 
CYS CB  HB2  sing N N 119 
CYS CB  HB3  sing N N 120 
CYS SG  HG   sing N N 121 
CYS OXT HXT  sing N N 122 
GLN N   CA   sing N N 123 
GLN N   H    sing N N 124 
GLN N   H2   sing N N 125 
GLN CA  C    sing N N 126 
GLN CA  CB   sing N N 127 
GLN CA  HA   sing N N 128 
GLN C   O    doub N N 129 
GLN C   OXT  sing N N 130 
GLN CB  CG   sing N N 131 
GLN CB  HB2  sing N N 132 
GLN CB  HB3  sing N N 133 
GLN CG  CD   sing N N 134 
GLN CG  HG2  sing N N 135 
GLN CG  HG3  sing N N 136 
GLN CD  OE1  doub N N 137 
GLN CD  NE2  sing N N 138 
GLN NE2 HE21 sing N N 139 
GLN NE2 HE22 sing N N 140 
GLN OXT HXT  sing N N 141 
GLU N   CA   sing N N 142 
GLU N   H    sing N N 143 
GLU N   H2   sing N N 144 
GLU CA  C    sing N N 145 
GLU CA  CB   sing N N 146 
GLU CA  HA   sing N N 147 
GLU C   O    doub N N 148 
GLU C   OXT  sing N N 149 
GLU CB  CG   sing N N 150 
GLU CB  HB2  sing N N 151 
GLU CB  HB3  sing N N 152 
GLU CG  CD   sing N N 153 
GLU CG  HG2  sing N N 154 
GLU CG  HG3  sing N N 155 
GLU CD  OE1  doub N N 156 
GLU CD  OE2  sing N N 157 
GLU OE2 HE2  sing N N 158 
GLU OXT HXT  sing N N 159 
GLY N   CA   sing N N 160 
GLY N   H    sing N N 161 
GLY N   H2   sing N N 162 
GLY CA  C    sing N N 163 
GLY CA  HA2  sing N N 164 
GLY CA  HA3  sing N N 165 
GLY C   O    doub N N 166 
GLY C   OXT  sing N N 167 
GLY OXT HXT  sing N N 168 
HIS N   CA   sing N N 169 
HIS N   H    sing N N 170 
HIS N   H2   sing N N 171 
HIS CA  C    sing N N 172 
HIS CA  CB   sing N N 173 
HIS CA  HA   sing N N 174 
HIS C   O    doub N N 175 
HIS C   OXT  sing N N 176 
HIS CB  CG   sing N N 177 
HIS CB  HB2  sing N N 178 
HIS CB  HB3  sing N N 179 
HIS CG  ND1  sing Y N 180 
HIS CG  CD2  doub Y N 181 
HIS ND1 CE1  doub Y N 182 
HIS ND1 HD1  sing N N 183 
HIS CD2 NE2  sing Y N 184 
HIS CD2 HD2  sing N N 185 
HIS CE1 NE2  sing Y N 186 
HIS CE1 HE1  sing N N 187 
HIS NE2 HE2  sing N N 188 
HIS OXT HXT  sing N N 189 
HOH O   H1   sing N N 190 
HOH O   H2   sing N N 191 
ILE N   CA   sing N N 192 
ILE N   H    sing N N 193 
ILE N   H2   sing N N 194 
ILE CA  C    sing N N 195 
ILE CA  CB   sing N N 196 
ILE CA  HA   sing N N 197 
ILE C   O    doub N N 198 
ILE C   OXT  sing N N 199 
ILE CB  CG1  sing N N 200 
ILE CB  CG2  sing N N 201 
ILE CB  HB   sing N N 202 
ILE CG1 CD1  sing N N 203 
ILE CG1 HG12 sing N N 204 
ILE CG1 HG13 sing N N 205 
ILE CG2 HG21 sing N N 206 
ILE CG2 HG22 sing N N 207 
ILE CG2 HG23 sing N N 208 
ILE CD1 HD11 sing N N 209 
ILE CD1 HD12 sing N N 210 
ILE CD1 HD13 sing N N 211 
ILE OXT HXT  sing N N 212 
LEU N   CA   sing N N 213 
LEU N   H    sing N N 214 
LEU N   H2   sing N N 215 
LEU CA  C    sing N N 216 
LEU CA  CB   sing N N 217 
LEU CA  HA   sing N N 218 
LEU C   O    doub N N 219 
LEU C   OXT  sing N N 220 
LEU CB  CG   sing N N 221 
LEU CB  HB2  sing N N 222 
LEU CB  HB3  sing N N 223 
LEU CG  CD1  sing N N 224 
LEU CG  CD2  sing N N 225 
LEU CG  HG   sing N N 226 
LEU CD1 HD11 sing N N 227 
LEU CD1 HD12 sing N N 228 
LEU CD1 HD13 sing N N 229 
LEU CD2 HD21 sing N N 230 
LEU CD2 HD22 sing N N 231 
LEU CD2 HD23 sing N N 232 
LEU OXT HXT  sing N N 233 
LYS N   CA   sing N N 234 
LYS N   H    sing N N 235 
LYS N   H2   sing N N 236 
LYS CA  C    sing N N 237 
LYS CA  CB   sing N N 238 
LYS CA  HA   sing N N 239 
LYS C   O    doub N N 240 
LYS C   OXT  sing N N 241 
LYS CB  CG   sing N N 242 
LYS CB  HB2  sing N N 243 
LYS CB  HB3  sing N N 244 
LYS CG  CD   sing N N 245 
LYS CG  HG2  sing N N 246 
LYS CG  HG3  sing N N 247 
LYS CD  CE   sing N N 248 
LYS CD  HD2  sing N N 249 
LYS CD  HD3  sing N N 250 
LYS CE  NZ   sing N N 251 
LYS CE  HE2  sing N N 252 
LYS CE  HE3  sing N N 253 
LYS NZ  HZ1  sing N N 254 
LYS NZ  HZ2  sing N N 255 
LYS NZ  HZ3  sing N N 256 
LYS OXT HXT  sing N N 257 
MET N   CA   sing N N 258 
MET N   H    sing N N 259 
MET N   H2   sing N N 260 
MET CA  C    sing N N 261 
MET CA  CB   sing N N 262 
MET CA  HA   sing N N 263 
MET C   O    doub N N 264 
MET C   OXT  sing N N 265 
MET CB  CG   sing N N 266 
MET CB  HB2  sing N N 267 
MET CB  HB3  sing N N 268 
MET CG  SD   sing N N 269 
MET CG  HG2  sing N N 270 
MET CG  HG3  sing N N 271 
MET SD  CE   sing N N 272 
MET CE  HE1  sing N N 273 
MET CE  HE2  sing N N 274 
MET CE  HE3  sing N N 275 
MET OXT HXT  sing N N 276 
PHE N   CA   sing N N 277 
PHE N   H    sing N N 278 
PHE N   H2   sing N N 279 
PHE CA  C    sing N N 280 
PHE CA  CB   sing N N 281 
PHE CA  HA   sing N N 282 
PHE C   O    doub N N 283 
PHE C   OXT  sing N N 284 
PHE CB  CG   sing N N 285 
PHE CB  HB2  sing N N 286 
PHE CB  HB3  sing N N 287 
PHE CG  CD1  doub Y N 288 
PHE CG  CD2  sing Y N 289 
PHE CD1 CE1  sing Y N 290 
PHE CD1 HD1  sing N N 291 
PHE CD2 CE2  doub Y N 292 
PHE CD2 HD2  sing N N 293 
PHE CE1 CZ   doub Y N 294 
PHE CE1 HE1  sing N N 295 
PHE CE2 CZ   sing Y N 296 
PHE CE2 HE2  sing N N 297 
PHE CZ  HZ   sing N N 298 
PHE OXT HXT  sing N N 299 
PRO N   CA   sing N N 300 
PRO N   CD   sing N N 301 
PRO N   H    sing N N 302 
PRO CA  C    sing N N 303 
PRO CA  CB   sing N N 304 
PRO CA  HA   sing N N 305 
PRO C   O    doub N N 306 
PRO C   OXT  sing N N 307 
PRO CB  CG   sing N N 308 
PRO CB  HB2  sing N N 309 
PRO CB  HB3  sing N N 310 
PRO CG  CD   sing N N 311 
PRO CG  HG2  sing N N 312 
PRO CG  HG3  sing N N 313 
PRO CD  HD2  sing N N 314 
PRO CD  HD3  sing N N 315 
PRO OXT HXT  sing N N 316 
SER N   CA   sing N N 317 
SER N   H    sing N N 318 
SER N   H2   sing N N 319 
SER CA  C    sing N N 320 
SER CA  CB   sing N N 321 
SER CA  HA   sing N N 322 
SER C   O    doub N N 323 
SER C   OXT  sing N N 324 
SER CB  OG   sing N N 325 
SER CB  HB2  sing N N 326 
SER CB  HB3  sing N N 327 
SER OG  HG   sing N N 328 
SER OXT HXT  sing N N 329 
THR N   CA   sing N N 330 
THR N   H    sing N N 331 
THR N   H2   sing N N 332 
THR CA  C    sing N N 333 
THR CA  CB   sing N N 334 
THR CA  HA   sing N N 335 
THR C   O    doub N N 336 
THR C   OXT  sing N N 337 
THR CB  OG1  sing N N 338 
THR CB  CG2  sing N N 339 
THR CB  HB   sing N N 340 
THR OG1 HG1  sing N N 341 
THR CG2 HG21 sing N N 342 
THR CG2 HG22 sing N N 343 
THR CG2 HG23 sing N N 344 
THR OXT HXT  sing N N 345 
TRP N   CA   sing N N 346 
TRP N   H    sing N N 347 
TRP N   H2   sing N N 348 
TRP CA  C    sing N N 349 
TRP CA  CB   sing N N 350 
TRP CA  HA   sing N N 351 
TRP C   O    doub N N 352 
TRP C   OXT  sing N N 353 
TRP CB  CG   sing N N 354 
TRP CB  HB2  sing N N 355 
TRP CB  HB3  sing N N 356 
TRP CG  CD1  doub Y N 357 
TRP CG  CD2  sing Y N 358 
TRP CD1 NE1  sing Y N 359 
TRP CD1 HD1  sing N N 360 
TRP CD2 CE2  doub Y N 361 
TRP CD2 CE3  sing Y N 362 
TRP NE1 CE2  sing Y N 363 
TRP NE1 HE1  sing N N 364 
TRP CE2 CZ2  sing Y N 365 
TRP CE3 CZ3  doub Y N 366 
TRP CE3 HE3  sing N N 367 
TRP CZ2 CH2  doub Y N 368 
TRP CZ2 HZ2  sing N N 369 
TRP CZ3 CH2  sing Y N 370 
TRP CZ3 HZ3  sing N N 371 
TRP CH2 HH2  sing N N 372 
TRP OXT HXT  sing N N 373 
TYR N   CA   sing N N 374 
TYR N   H    sing N N 375 
TYR N   H2   sing N N 376 
TYR CA  C    sing N N 377 
TYR CA  CB   sing N N 378 
TYR CA  HA   sing N N 379 
TYR C   O    doub N N 380 
TYR C   OXT  sing N N 381 
TYR CB  CG   sing N N 382 
TYR CB  HB2  sing N N 383 
TYR CB  HB3  sing N N 384 
TYR CG  CD1  doub Y N 385 
TYR CG  CD2  sing Y N 386 
TYR CD1 CE1  sing Y N 387 
TYR CD1 HD1  sing N N 388 
TYR CD2 CE2  doub Y N 389 
TYR CD2 HD2  sing N N 390 
TYR CE1 CZ   doub Y N 391 
TYR CE1 HE1  sing N N 392 
TYR CE2 CZ   sing Y N 393 
TYR CE2 HE2  sing N N 394 
TYR CZ  OH   sing N N 395 
TYR OH  HH   sing N N 396 
TYR OXT HXT  sing N N 397 
VAL N   CA   sing N N 398 
VAL N   H    sing N N 399 
VAL N   H2   sing N N 400 
VAL CA  C    sing N N 401 
VAL CA  CB   sing N N 402 
VAL CA  HA   sing N N 403 
VAL C   O    doub N N 404 
VAL C   OXT  sing N N 405 
VAL CB  CG1  sing N N 406 
VAL CB  CG2  sing N N 407 
VAL CB  HB   sing N N 408 
VAL CG1 HG11 sing N N 409 
VAL CG1 HG12 sing N N 410 
VAL CG1 HG13 sing N N 411 
VAL CG2 HG21 sing N N 412 
VAL CG2 HG22 sing N N 413 
VAL CG2 HG23 sing N N 414 
VAL OXT HXT  sing N N 415 
# 
_pdbx_initial_refinement_model.accession_code   ? 
_pdbx_initial_refinement_model.id               1 
_pdbx_initial_refinement_model.entity_id_list   ? 
_pdbx_initial_refinement_model.type             other 
_pdbx_initial_refinement_model.source_name      ? 
_pdbx_initial_refinement_model.details          'Apo BRD4 Bromodomain 2' 
# 
_atom_sites.entry_id                    5UES 
_atom_sites.fract_transf_matrix[1][1]   0.00055995 
_atom_sites.fract_transf_matrix[1][2]   0.00782552 
_atom_sites.fract_transf_matrix[1][3]   -0.01559693 
_atom_sites.fract_transf_matrix[2][1]   0.00967752 
_atom_sites.fract_transf_matrix[2][2]   -0.00873006 
_atom_sites.fract_transf_matrix[2][3]   -0.00403274 
_atom_sites.fract_transf_matrix[3][1]   -0.02102129 
_atom_sites.fract_transf_matrix[3][2]   -0.01863504 
_atom_sites.fract_transf_matrix[3][3]   -0.01010454 
_atom_sites.fract_transf_vector[1]      -0.186433 
_atom_sites.fract_transf_vector[2]      0.027626 
_atom_sites.fract_transf_vector[3]      -0.162992 
# 
loop_
_atom_type.symbol 
C  
CL 
N  
O  
S  
# 
loop_
_atom_site.group_PDB 
_atom_site.id 
_atom_site.type_symbol 
_atom_site.label_atom_id 
_atom_site.label_alt_id 
_atom_site.label_comp_id 
_atom_site.label_asym_id 
_atom_site.label_entity_id 
_atom_site.label_seq_id 
_atom_site.pdbx_PDB_ins_code 
_atom_site.Cartn_x 
_atom_site.Cartn_y 
_atom_site.Cartn_z 
_atom_site.occupancy 
_atom_site.B_iso_or_equiv 
_atom_site.pdbx_formal_charge 
_atom_site.auth_seq_id 
_atom_site.auth_comp_id 
_atom_site.auth_asym_id 
_atom_site.auth_atom_id 
_atom_site.pdbx_PDB_model_num 
ATOM   1    N  N   . SER A 1 1   ? -3.693  22.538  5.309   1.00 59.50 ? 349 SER A N   1 
ATOM   2    C  CA  . SER A 1 1   ? -2.902  22.241  6.502   1.00 59.16 ? 349 SER A CA  1 
ATOM   3    C  C   . SER A 1 1   ? -2.369  20.807  6.445   1.00 62.61 ? 349 SER A C   1 
ATOM   4    O  O   . SER A 1 1   ? -3.148  19.876  6.212   1.00 61.75 ? 349 SER A O   1 
ATOM   5    C  CB  . SER A 1 1   ? -3.732  22.454  7.766   1.00 62.11 ? 349 SER A CB  1 
ATOM   6    O  OG  . SER A 1 1   ? -3.127  21.880  8.915   1.00 69.00 ? 349 SER A OG  1 
ATOM   7    N  N   . HIS A 1 2   ? -1.043  20.640  6.677   1.00 58.04 ? 350 HIS A N   1 
ATOM   8    C  CA  . HIS A 1 2   ? -0.353  19.345  6.653   1.00 56.88 ? 350 HIS A CA  1 
ATOM   9    C  C   . HIS A 1 2   ? -0.843  18.365  7.718   1.00 59.49 ? 350 HIS A C   1 
ATOM   10   O  O   . HIS A 1 2   ? -0.932  17.172  7.432   1.00 57.51 ? 350 HIS A O   1 
ATOM   11   C  CB  . HIS A 1 2   ? 1.170   19.515  6.722   1.00 57.21 ? 350 HIS A CB  1 
ATOM   12   C  CG  . HIS A 1 2   ? 1.796   19.983  5.443   1.00 60.37 ? 350 HIS A CG  1 
ATOM   13   N  ND1 . HIS A 1 2   ? 3.029   20.606  5.436   1.00 61.91 ? 350 HIS A ND1 1 
ATOM   14   C  CD2 . HIS A 1 2   ? 1.344   19.896  4.167   1.00 62.18 ? 350 HIS A CD2 1 
ATOM   15   C  CE1 . HIS A 1 2   ? 3.286   20.880  4.166   1.00 61.50 ? 350 HIS A CE1 1 
ATOM   16   N  NE2 . HIS A 1 2   ? 2.300   20.473  3.367   1.00 61.88 ? 350 HIS A NE2 1 
ATOM   17   N  N   . MET A 1 3   ? -1.180  18.862  8.928   1.00 56.43 ? 351 MET A N   1 
ATOM   18   C  CA  . MET A 1 3   ? -1.690  18.037  10.026  1.00 56.28 ? 351 MET A CA  1 
ATOM   19   C  C   . MET A 1 3   ? -3.073  17.479  9.677   1.00 55.49 ? 351 MET A C   1 
ATOM   20   O  O   . MET A 1 3   ? -3.308  16.291  9.885   1.00 54.89 ? 351 MET A O   1 
ATOM   21   C  CB  . MET A 1 3   ? -1.747  18.839  11.337  1.00 59.66 ? 351 MET A CB  1 
ATOM   22   C  CG  . MET A 1 3   ? -1.919  17.977  12.569  1.00 64.71 ? 351 MET A CG  1 
ATOM   23   S  SD  . MET A 1 3   ? -2.588  18.923  13.960  1.00 70.68 ? 351 MET A SD  1 
ATOM   24   C  CE  . MET A 1 3   ? -2.591  17.653  15.245  1.00 67.16 ? 351 MET A CE  1 
ATOM   25   N  N   . GLU A 1 4   ? -3.971  18.331  9.133   1.00 48.71 ? 352 GLU A N   1 
ATOM   26   C  CA  . GLU A 1 4   ? -5.330  17.955  8.727   1.00 47.15 ? 352 GLU A CA  1 
ATOM   27   C  C   . GLU A 1 4   ? -5.251  16.927  7.591   1.00 44.20 ? 352 GLU A C   1 
ATOM   28   O  O   . GLU A 1 4   ? -5.970  15.916  7.628   1.00 42.13 ? 352 GLU A O   1 
ATOM   29   C  CB  . GLU A 1 4   ? -6.145  19.190  8.289   1.00 49.33 ? 352 GLU A CB  1 
ATOM   30   C  CG  . GLU A 1 4   ? -6.344  20.244  9.374   1.00 63.26 ? 352 GLU A CG  1 
ATOM   31   C  CD  . GLU A 1 4   ? -7.041  21.533  8.960   1.00 93.27 ? 352 GLU A CD  1 
ATOM   32   O  OE1 . GLU A 1 4   ? -7.097  21.836  7.745   1.00 89.68 ? 352 GLU A OE1 1 
ATOM   33   O  OE2 . GLU A 1 4   ? -7.509  22.262  9.867   1.00 88.95 ? 352 GLU A OE2 1 
ATOM   34   N  N   . GLN A 1 5   ? -4.320  17.173  6.623   1.00 36.56 ? 353 GLN A N   1 
ATOM   35   C  CA  . GLN A 1 5   ? -4.005  16.311  5.476   1.00 35.01 ? 353 GLN A CA  1 
ATOM   36   C  C   . GLN A 1 5   ? -3.613  14.911  5.959   1.00 36.36 ? 353 GLN A C   1 
ATOM   37   O  O   . GLN A 1 5   ? -4.121  13.924  5.421   1.00 33.68 ? 353 GLN A O   1 
ATOM   38   C  CB  . GLN A 1 5   ? -2.821  16.882  4.680   1.00 36.78 ? 353 GLN A CB  1 
ATOM   39   C  CG  . GLN A 1 5   ? -3.182  17.861  3.578   1.00 57.69 ? 353 GLN A CG  1 
ATOM   40   C  CD  . GLN A 1 5   ? -2.117  17.935  2.499   1.00 78.00 ? 353 GLN A CD  1 
ATOM   41   O  OE1 . GLN A 1 5   ? -2.425  18.213  1.336   1.00 79.91 ? 353 GLN A OE1 1 
ATOM   42   N  NE2 . GLN A 1 5   ? -0.846  17.660  2.833   1.00 54.43 ? 353 GLN A NE2 1 
ATOM   43   N  N   . LEU A 1 6   ? -2.704  14.827  6.969   1.00 32.10 ? 354 LEU A N   1 
ATOM   44   C  CA  . LEU A 1 6   ? -2.254  13.546  7.513   1.00 31.33 ? 354 LEU A CA  1 
ATOM   45   C  C   . LEU A 1 6   ? -3.363  12.801  8.275   1.00 33.51 ? 354 LEU A C   1 
ATOM   46   O  O   . LEU A 1 6   ? -3.396  11.575  8.228   1.00 32.30 ? 354 LEU A O   1 
ATOM   47   C  CB  . LEU A 1 6   ? -0.959  13.686  8.346   1.00 31.64 ? 354 LEU A CB  1 
ATOM   48   C  CG  . LEU A 1 6   ? 0.275   14.121  7.537   1.00 35.76 ? 354 LEU A CG  1 
ATOM   49   C  CD1 . LEU A 1 6   ? 1.355   14.739  8.444   1.00 36.33 ? 354 LEU A CD1 1 
ATOM   50   C  CD2 . LEU A 1 6   ? 0.820   12.990  6.663   1.00 34.58 ? 354 LEU A CD2 1 
ATOM   51   N  N   . LYS A 1 7   ? -4.311  13.526  8.905   1.00 30.26 ? 355 LYS A N   1 
ATOM   52   C  CA  . LYS A 1 7   ? -5.459  12.881  9.569   1.00 30.28 ? 355 LYS A CA  1 
ATOM   53   C  C   . LYS A 1 7   ? -6.342  12.211  8.491   1.00 33.50 ? 355 LYS A C   1 
ATOM   54   O  O   . LYS A 1 7   ? -6.883  11.122  8.699   1.00 33.42 ? 355 LYS A O   1 
ATOM   55   C  CB  . LYS A 1 7   ? -6.297  13.891  10.368  1.00 34.33 ? 355 LYS A CB  1 
ATOM   56   C  CG  . LYS A 1 7   ? -5.601  14.439  11.611  1.00 56.14 ? 355 LYS A CG  1 
ATOM   57   C  CD  . LYS A 1 7   ? -6.543  15.311  12.444  1.00 71.33 ? 355 LYS A CD  1 
ATOM   58   C  CE  . LYS A 1 7   ? -5.801  16.221  13.397  1.00 86.79 ? 355 LYS A CE  1 
ATOM   59   N  NZ  . LYS A 1 7   ? -5.348  17.475  12.732  1.00 95.64 ? 355 LYS A NZ  1 
ATOM   60   N  N   . CYS A 1 8   ? -6.464  12.863  7.332   1.00 29.45 ? 356 CYS A N   1 
ATOM   61   C  CA  . CYS A 1 8   ? -7.217  12.327  6.206   1.00 29.01 ? 356 CYS A CA  1 
ATOM   62   C  C   . CYS A 1 8   ? -6.510  11.085  5.654   1.00 29.92 ? 356 CYS A C   1 
ATOM   63   O  O   . CYS A 1 8   ? -7.175  10.091  5.381   1.00 29.04 ? 356 CYS A O   1 
ATOM   64   C  CB  . CYS A 1 8   ? -7.392  13.390  5.138   1.00 31.49 ? 356 CYS A CB  1 
ATOM   65   S  SG  A CYS A 1 8   ? -8.229  12.811  3.652   0.50 36.22 ? 356 CYS A SG  1 
ATOM   66   S  SG  B CYS A 1 8   ? -8.746  14.539  5.475   0.50 35.50 ? 356 CYS A SG  1 
ATOM   67   N  N   . CYS A 1 9   ? -5.168  11.133  5.570   1.00 28.06 ? 357 CYS A N   1 
ATOM   68   C  CA  . CYS A 1 9   ? -4.358  9.981   5.129   1.00 26.28 ? 357 CYS A CA  1 
ATOM   69   C  C   . CYS A 1 9   ? -4.577  8.782   6.041   1.00 29.44 ? 357 CYS A C   1 
ATOM   70   O  O   . CYS A 1 9   ? -4.742  7.657   5.551   1.00 26.82 ? 357 CYS A O   1 
ATOM   71   C  CB  . CYS A 1 9   ? -2.891  10.362  5.059   1.00 26.68 ? 357 CYS A CB  1 
ATOM   72   S  SG  . CYS A 1 9   ? -2.511  11.529  3.744   1.00 31.03 ? 357 CYS A SG  1 
ATOM   73   N  N   . SER A 1 10  ? -4.644  9.023   7.372   1.00 26.43 ? 358 SER A N   1 
ATOM   74   C  CA  . SER A 1 10  ? -4.935  7.959   8.337   1.00 26.04 ? 358 SER A CA  1 
ATOM   75   C  C   . SER A 1 10  ? -6.318  7.382   8.082   1.00 28.19 ? 358 SER A C   1 
ATOM   76   O  O   . SER A 1 10  ? -6.472  6.170   8.135   1.00 28.93 ? 358 SER A O   1 
ATOM   77   C  CB  . SER A 1 10  ? -4.800  8.462   9.776   1.00 28.24 ? 358 SER A CB  1 
ATOM   78   O  OG  A SER A 1 10  ? -3.429  8.523   10.134  0.50 32.35 ? 358 SER A OG  1 
ATOM   79   O  OG  B SER A 1 10  ? -5.351  7.540   10.701  0.50 35.71 ? 358 SER A OG  1 
ATOM   80   N  N   . GLY A 1 11  ? -7.285  8.242   7.729   1.00 25.86 ? 359 GLY A N   1 
ATOM   81   C  CA  . GLY A 1 11  ? -8.645  7.834   7.404   1.00 24.49 ? 359 GLY A CA  1 
ATOM   82   C  C   . GLY A 1 11  ? -8.688  6.983   6.137   1.00 24.80 ? 359 GLY A C   1 
ATOM   83   O  O   . GLY A 1 11  ? -9.405  5.978   6.087   1.00 23.94 ? 359 GLY A O   1 
ATOM   84   N  N   . ILE A 1 12  ? -7.891  7.365   5.116   1.00 22.96 ? 360 ILE A N   1 
ATOM   85   C  CA  . ILE A 1 12  ? -7.844  6.586   3.865   1.00 21.84 ? 360 ILE A CA  1 
ATOM   86   C  C   . ILE A 1 12  ? -7.276  5.190   4.175   1.00 24.30 ? 360 ILE A C   1 
ATOM   87   O  O   . ILE A 1 12  ? -7.859  4.184   3.786   1.00 22.68 ? 360 ILE A O   1 
ATOM   88   C  CB  . ILE A 1 12  ? -7.041  7.338   2.780   1.00 24.45 ? 360 ILE A CB  1 
ATOM   89   C  CG1 . ILE A 1 12  ? -7.825  8.600   2.314   1.00 25.35 ? 360 ILE A CG1 1 
ATOM   90   C  CG2 . ILE A 1 12  ? -6.716  6.417   1.578   1.00 23.63 ? 360 ILE A CG2 1 
ATOM   91   C  CD1 . ILE A 1 12  ? -6.976  9.619   1.638   1.00 27.90 ? 360 ILE A CD1 1 
ATOM   92   N  N   . LEU A 1 13  ? -6.141  5.141   4.891   1.00 23.07 ? 361 LEU A N   1 
ATOM   93   C  CA  . LEU A 1 13  ? -5.548  3.855   5.252   1.00 22.85 ? 361 LEU A CA  1 
ATOM   94   C  C   . LEU A 1 13  ? -6.500  2.994   6.102   1.00 24.91 ? 361 LEU A C   1 
ATOM   95   O  O   . LEU A 1 13  ? -6.593  1.786   5.899   1.00 23.48 ? 361 LEU A O   1 
ATOM   96   C  CB  . LEU A 1 13  ? -4.202  4.078   5.937   1.00 22.79 ? 361 LEU A CB  1 
ATOM   97   C  CG  . LEU A 1 13  ? -3.307  2.833   5.996   1.00 27.04 ? 361 LEU A CG  1 
ATOM   98   C  CD1 . LEU A 1 13  ? -2.809  2.432   4.597   1.00 26.47 ? 361 LEU A CD1 1 
ATOM   99   C  CD2 . LEU A 1 13  ? -2.139  3.088   6.921   1.00 27.64 ? 361 LEU A CD2 1 
ATOM   100  N  N   . LYS A 1 14  ? -7.268  3.621   7.011   1.00 24.04 ? 362 LYS A N   1 
ATOM   101  C  CA  . LYS A 1 14  ? -8.242  2.884   7.826   1.00 23.31 ? 362 LYS A CA  1 
ATOM   102  C  C   . LYS A 1 14  ? -9.305  2.225   6.931   1.00 26.30 ? 362 LYS A C   1 
ATOM   103  O  O   . LYS A 1 14  ? -9.638  1.060   7.131   1.00 27.89 ? 362 LYS A O   1 
ATOM   104  C  CB  . LYS A 1 14  ? -8.902  3.817   8.870   1.00 26.67 ? 362 LYS A CB  1 
ATOM   105  C  CG  . LYS A 1 14  ? -9.880  3.091   9.788   1.00 32.46 ? 362 LYS A CG  1 
ATOM   106  C  CD  . LYS A 1 14  ? -10.390 3.990   10.886  1.00 39.88 ? 362 LYS A CD  1 
ATOM   107  C  CE  . LYS A 1 14  ? -11.351 3.253   11.787  1.00 49.48 ? 362 LYS A CE  1 
ATOM   108  N  NZ  . LYS A 1 14  ? -11.862 4.136   12.867  1.00 64.86 ? 362 LYS A NZ  1 
ATOM   109  N  N   . GLU A 1 15  ? -9.781  2.938   5.901   1.00 22.95 ? 363 GLU A N   1 
ATOM   110  C  CA  . GLU A 1 15  ? -10.732 2.320   4.978   1.00 23.00 ? 363 GLU A CA  1 
ATOM   111  C  C   . GLU A 1 15  ? -10.080 1.171   4.202   1.00 25.38 ? 363 GLU A C   1 
ATOM   112  O  O   . GLU A 1 15  ? -10.720 0.157   3.982   1.00 24.42 ? 363 GLU A O   1 
ATOM   113  C  CB  . GLU A 1 15  ? -11.279 3.336   3.983   1.00 24.06 ? 363 GLU A CB  1 
ATOM   114  C  CG  . GLU A 1 15  ? -12.314 2.670   3.089   1.00 26.29 ? 363 GLU A CG  1 
ATOM   115  C  CD  . GLU A 1 15  ? -13.094 3.551   2.147   1.00 33.40 ? 363 GLU A CD  1 
ATOM   116  O  OE1 . GLU A 1 15  ? -13.070 4.787   2.333   1.00 29.78 ? 363 GLU A OE1 1 
ATOM   117  O  OE2 . GLU A 1 15  ? -13.733 3.000   1.221   1.00 31.73 ? 363 GLU A OE2 1 
ATOM   118  N  N   . MET A 1 16  ? -8.805  1.330   3.786   1.00 22.09 ? 364 MET A N   1 
ATOM   119  C  CA  . MET A 1 16  ? -8.137  0.256   3.043   1.00 20.90 ? 364 MET A CA  1 
ATOM   120  C  C   . MET A 1 16  ? -8.024  -1.041  3.880   1.00 26.10 ? 364 MET A C   1 
ATOM   121  O  O   . MET A 1 16  ? -7.990  -2.136  3.313   1.00 24.64 ? 364 MET A O   1 
ATOM   122  C  CB  . MET A 1 16  ? -6.770  0.732   2.561   1.00 21.53 ? 364 MET A CB  1 
ATOM   123  C  CG  . MET A 1 16  ? -6.870  1.811   1.514   1.00 22.75 ? 364 MET A CG  1 
ATOM   124  S  SD  . MET A 1 16  ? -5.320  2.642   1.152   1.00 24.10 ? 364 MET A SD  1 
ATOM   125  C  CE  . MET A 1 16  ? -4.337  1.268   0.454   1.00 23.21 ? 364 MET A CE  1 
ATOM   126  N  N   . PHE A 1 17  ? -7.966  -0.899  5.232   1.00 24.69 ? 365 PHE A N   1 
ATOM   127  C  CA  . PHE A 1 17  ? -7.906  -2.011  6.179   1.00 24.42 ? 365 PHE A CA  1 
ATOM   128  C  C   . PHE A 1 17  ? -9.292  -2.561  6.552   1.00 30.07 ? 365 PHE A C   1 
ATOM   129  O  O   . PHE A 1 17  ? -9.361  -3.584  7.238   1.00 30.09 ? 365 PHE A O   1 
ATOM   130  C  CB  . PHE A 1 17  ? -7.231  -1.563  7.491   1.00 25.02 ? 365 PHE A CB  1 
ATOM   131  C  CG  . PHE A 1 17  ? -5.741  -1.757  7.545   1.00 24.25 ? 365 PHE A CG  1 
ATOM   132  C  CD1 . PHE A 1 17  ? -5.187  -3.039  7.528   1.00 25.11 ? 365 PHE A CD1 1 
ATOM   133  C  CD2 . PHE A 1 17  ? -4.888  -0.667  7.683   1.00 24.35 ? 365 PHE A CD2 1 
ATOM   134  C  CE1 . PHE A 1 17  ? -3.804  -3.215  7.609   1.00 25.68 ? 365 PHE A CE1 1 
ATOM   135  C  CE2 . PHE A 1 17  ? -3.508  -0.850  7.768   1.00 25.31 ? 365 PHE A CE2 1 
ATOM   136  C  CZ  . PHE A 1 17  ? -2.977  -2.119  7.737   1.00 24.40 ? 365 PHE A CZ  1 
ATOM   137  N  N   . ALA A 1 18  ? -10.368 -1.866  6.162   1.00 27.66 ? 366 ALA A N   1 
ATOM   138  C  CA  . ALA A 1 18  ? -11.752 -2.203  6.511   1.00 28.19 ? 366 ALA A CA  1 
ATOM   139  C  C   . ALA A 1 18  ? -12.278 -3.476  5.870   1.00 31.00 ? 366 ALA A C   1 
ATOM   140  O  O   . ALA A 1 18  ? -11.833 -3.846  4.790   1.00 28.75 ? 366 ALA A O   1 
ATOM   141  C  CB  . ALA A 1 18  ? -12.673 -1.044  6.182   1.00 29.22 ? 366 ALA A CB  1 
ATOM   142  N  N   . LYS A 1 19  ? -13.294 -4.120  6.514   1.00 29.97 ? 367 LYS A N   1 
ATOM   143  C  CA  . LYS A 1 19  ? -13.912 -5.359  6.000   1.00 29.25 ? 367 LYS A CA  1 
ATOM   144  C  C   . LYS A 1 19  ? -14.457 -5.213  4.568   1.00 30.91 ? 367 LYS A C   1 
ATOM   145  O  O   . LYS A 1 19  ? -14.385 -6.165  3.792   1.00 30.86 ? 367 LYS A O   1 
ATOM   146  C  CB  . LYS A 1 19  ? -15.021 -5.860  6.946   1.00 33.42 ? 367 LYS A CB  1 
ATOM   147  C  CG  . LYS A 1 19  ? -14.507 -6.485  8.243   1.00 53.28 ? 367 LYS A CG  1 
ATOM   148  C  CD  . LYS A 1 19  ? -15.665 -6.940  9.137   1.00 66.11 ? 367 LYS A CD  1 
ATOM   149  C  CE  . LYS A 1 19  ? -15.214 -7.492  10.472  1.00 81.06 ? 367 LYS A CE  1 
ATOM   150  N  NZ  . LYS A 1 19  ? -15.061 -6.423  11.497  1.00 93.08 ? 367 LYS A NZ  1 
ATOM   151  N  N   . LYS A 1 20  ? -14.954 -4.009  4.206   1.00 26.70 ? 368 LYS A N   1 
ATOM   152  C  CA  . LYS A 1 20  ? -15.477 -3.689  2.874   1.00 26.08 ? 368 LYS A CA  1 
ATOM   153  C  C   . LYS A 1 20  ? -14.495 -4.100  1.768   1.00 29.44 ? 368 LYS A C   1 
ATOM   154  O  O   . LYS A 1 20  ? -14.933 -4.629  0.752   1.00 28.54 ? 368 LYS A O   1 
ATOM   155  C  CB  . LYS A 1 20  ? -15.762 -2.174  2.765   1.00 29.54 ? 368 LYS A CB  1 
ATOM   156  C  CG  . LYS A 1 20  ? -16.389 -1.783  1.447   1.00 38.55 ? 368 LYS A CG  1 
ATOM   157  C  CD  . LYS A 1 20  ? -16.790 -0.329  1.377   1.00 42.83 ? 368 LYS A CD  1 
ATOM   158  C  CE  . LYS A 1 20  ? -17.629 -0.086  0.136   1.00 44.83 ? 368 LYS A CE  1 
ATOM   159  N  NZ  . LYS A 1 20  ? -18.250 1.264   0.154   1.00 54.96 ? 368 LYS A NZ  1 
ATOM   160  N  N   . HIS A 1 21  ? -13.174 -3.859  1.967   1.00 23.02 ? 369 HIS A N   1 
ATOM   161  C  CA  . HIS A 1 21  ? -12.149 -4.123  0.941   1.00 22.54 ? 369 HIS A CA  1 
ATOM   162  C  C   . HIS A 1 21  ? -11.273 -5.347  1.217   1.00 26.00 ? 369 HIS A C   1 
ATOM   163  O  O   . HIS A 1 21  ? -10.367 -5.645  0.441   1.00 23.75 ? 369 HIS A O   1 
ATOM   164  C  CB  . HIS A 1 21  ? -11.277 -2.846  0.758   1.00 23.15 ? 369 HIS A CB  1 
ATOM   165  C  CG  . HIS A 1 21  ? -12.090 -1.602  0.553   1.00 25.66 ? 369 HIS A CG  1 
ATOM   166  N  ND1 . HIS A 1 21  ? -12.836 -1.407  -0.600  1.00 26.74 ? 369 HIS A ND1 1 
ATOM   167  C  CD2 . HIS A 1 21  ? -12.292 -0.553  1.382   1.00 26.62 ? 369 HIS A CD2 1 
ATOM   168  C  CE1 . HIS A 1 21  ? -13.462 -0.253  -0.438  1.00 26.21 ? 369 HIS A CE1 1 
ATOM   169  N  NE2 . HIS A 1 21  ? -13.140 0.314   0.724   1.00 26.56 ? 369 HIS A NE2 1 
ATOM   170  N  N   . ALA A 1 22  ? -11.552 -6.067  2.324   1.00 25.42 ? 370 ALA A N   1 
ATOM   171  C  CA  . ALA A 1 22  ? -10.748 -7.192  2.800   1.00 26.41 ? 370 ALA A CA  1 
ATOM   172  C  C   . ALA A 1 22  ? -10.511 -8.308  1.777   1.00 28.20 ? 370 ALA A C   1 
ATOM   173  O  O   . ALA A 1 22  ? -9.437  -8.923  1.760   1.00 27.69 ? 370 ALA A O   1 
ATOM   174  C  CB  . ALA A 1 22  ? -11.338 -7.758  4.078   1.00 27.53 ? 370 ALA A CB  1 
ATOM   175  N  N   . ALA A 1 23  ? -11.481 -8.541  0.894   1.00 25.93 ? 371 ALA A N   1 
ATOM   176  C  CA  . ALA A 1 23  ? -11.366 -9.586  -0.116  1.00 25.75 ? 371 ALA A CA  1 
ATOM   177  C  C   . ALA A 1 23  ? -10.208 -9.388  -1.088  1.00 27.66 ? 371 ALA A C   1 
ATOM   178  O  O   . ALA A 1 23  ? -9.661  -10.374 -1.574  1.00 27.44 ? 371 ALA A O   1 
ATOM   179  C  CB  . ALA A 1 23  ? -12.674 -9.712  -0.883  1.00 26.45 ? 371 ALA A CB  1 
ATOM   180  N  N   . TYR A 1 24  ? -9.801  -8.131  -1.340  1.00 22.70 ? 372 TYR A N   1 
ATOM   181  C  CA  . TYR A 1 24  ? -8.677  -7.832  -2.217  1.00 21.21 ? 372 TYR A CA  1 
ATOM   182  C  C   . TYR A 1 24  ? -7.526  -7.081  -1.522  1.00 22.40 ? 372 TYR A C   1 
ATOM   183  O  O   . TYR A 1 24  ? -6.424  -7.020  -2.074  1.00 21.92 ? 372 TYR A O   1 
ATOM   184  C  CB  . TYR A 1 24  ? -9.115  -7.097  -3.499  1.00 21.65 ? 372 TYR A CB  1 
ATOM   185  C  CG  . TYR A 1 24  ? -10.106 -5.976  -3.274  1.00 22.33 ? 372 TYR A CG  1 
ATOM   186  C  CD1 . TYR A 1 24  ? -11.479 -6.221  -3.274  1.00 24.65 ? 372 TYR A CD1 1 
ATOM   187  C  CD2 . TYR A 1 24  ? -9.677  -4.671  -3.066  1.00 22.02 ? 372 TYR A CD2 1 
ATOM   188  C  CE1 . TYR A 1 24  ? -12.397 -5.192  -3.107  1.00 23.35 ? 372 TYR A CE1 1 
ATOM   189  C  CE2 . TYR A 1 24  ? -10.587 -3.633  -2.883  1.00 22.55 ? 372 TYR A CE2 1 
ATOM   190  C  CZ  . TYR A 1 24  ? -11.948 -3.896  -2.924  1.00 25.96 ? 372 TYR A CZ  1 
ATOM   191  O  OH  . TYR A 1 24  ? -12.861 -2.886  -2.798  1.00 27.66 ? 372 TYR A OH  1 
ATOM   192  N  N   . ALA A 1 25  ? -7.766  -6.500  -0.350  1.00 20.75 ? 373 ALA A N   1 
ATOM   193  C  CA  . ALA A 1 25  ? -6.676  -5.783  0.320   1.00 20.21 ? 373 ALA A CA  1 
ATOM   194  C  C   . ALA A 1 25  ? -5.719  -6.703  1.125   1.00 21.98 ? 373 ALA A C   1 
ATOM   195  O  O   . ALA A 1 25  ? -4.593  -6.295  1.404   1.00 20.23 ? 373 ALA A O   1 
ATOM   196  C  CB  . ALA A 1 25  ? -7.241  -4.702  1.227   1.00 20.98 ? 373 ALA A CB  1 
ATOM   197  N  N   . TRP A 1 26  ? -6.164  -7.911  1.528   1.00 21.18 ? 374 TRP A N   1 
ATOM   198  C  CA  . TRP A 1 26  ? -5.387  -8.757  2.443   1.00 22.29 ? 374 TRP A CA  1 
ATOM   199  C  C   . TRP A 1 26  ? -3.936  -9.044  1.990   1.00 23.94 ? 374 TRP A C   1 
ATOM   200  O  O   . TRP A 1 26  ? -3.084  -9.082  2.871   1.00 24.43 ? 374 TRP A O   1 
ATOM   201  C  CB  . TRP A 1 26  ? -6.126  -10.054 2.821   1.00 22.30 ? 374 TRP A CB  1 
ATOM   202  C  CG  . TRP A 1 26  ? -6.306  -11.013 1.696   1.00 24.31 ? 374 TRP A CG  1 
ATOM   203  C  CD1 . TRP A 1 26  ? -7.366  -11.082 0.838   1.00 27.39 ? 374 TRP A CD1 1 
ATOM   204  C  CD2 . TRP A 1 26  ? -5.367  -12.001 1.256   1.00 24.61 ? 374 TRP A CD2 1 
ATOM   205  N  NE1 . TRP A 1 26  ? -7.156  -12.073 -0.090  1.00 27.50 ? 374 TRP A NE1 1 
ATOM   206  C  CE2 . TRP A 1 26  ? -5.931  -12.644 0.133   1.00 28.88 ? 374 TRP A CE2 1 
ATOM   207  C  CE3 . TRP A 1 26  ? -4.088  -12.394 1.693   1.00 26.07 ? 374 TRP A CE3 1 
ATOM   208  C  CZ2 . TRP A 1 26  ? -5.268  -13.665 -0.557  1.00 28.55 ? 374 TRP A CZ2 1 
ATOM   209  C  CZ3 . TRP A 1 26  ? -3.446  -13.429 1.029   1.00 27.85 ? 374 TRP A CZ3 1 
ATOM   210  C  CH2 . TRP A 1 26  ? -4.034  -14.056 -0.076  1.00 28.40 ? 374 TRP A CH2 1 
ATOM   211  N  N   . PRO A 1 27  ? -3.567  -9.205  0.688   1.00 21.26 ? 375 PRO A N   1 
ATOM   212  C  CA  . PRO A 1 27  ? -2.142  -9.437  0.363   1.00 19.88 ? 375 PRO A CA  1 
ATOM   213  C  C   . PRO A 1 27  ? -1.222  -8.270  0.732   1.00 20.07 ? 375 PRO A C   1 
ATOM   214  O  O   . PRO A 1 27  ? 0.003   -8.440  0.705   1.00 20.25 ? 375 PRO A O   1 
ATOM   215  C  CB  . PRO A 1 27  ? -2.157  -9.587  -1.160  1.00 22.45 ? 375 PRO A CB  1 
ATOM   216  C  CG  . PRO A 1 27  ? -3.550  -10.085 -1.471  1.00 26.05 ? 375 PRO A CG  1 
ATOM   217  C  CD  . PRO A 1 27  ? -4.398  -9.274  -0.536  1.00 22.41 ? 375 PRO A CD  1 
ATOM   218  N  N   . PHE A 1 28  ? -1.805  -7.086  0.983   1.00 18.08 ? 376 PHE A N   1 
ATOM   219  C  CA  . PHE A 1 28  ? -1.095  -5.837  1.240   1.00 17.78 ? 376 PHE A CA  1 
ATOM   220  C  C   . PHE A 1 28  ? -1.012  -5.438  2.708   1.00 21.36 ? 376 PHE A C   1 
ATOM   221  O  O   . PHE A 1 28  ? -0.399  -4.417  3.019   1.00 21.63 ? 376 PHE A O   1 
ATOM   222  C  CB  . PHE A 1 28  ? -1.756  -4.704  0.390   1.00 18.34 ? 376 PHE A CB  1 
ATOM   223  C  CG  . PHE A 1 28  ? -1.849  -5.116  -1.067  1.00 18.10 ? 376 PHE A CG  1 
ATOM   224  C  CD1 . PHE A 1 28  ? -0.705  -5.173  -1.865  1.00 19.53 ? 376 PHE A CD1 1 
ATOM   225  C  CD2 . PHE A 1 28  ? -3.038  -5.618  -1.590  1.00 18.08 ? 376 PHE A CD2 1 
ATOM   226  C  CE1 . PHE A 1 28  ? -0.760  -5.685  -3.171  1.00 19.96 ? 376 PHE A CE1 1 
ATOM   227  C  CE2 . PHE A 1 28  ? -3.090  -6.124  -2.903  1.00 20.34 ? 376 PHE A CE2 1 
ATOM   228  C  CZ  . PHE A 1 28  ? -1.950  -6.171  -3.671  1.00 19.02 ? 376 PHE A CZ  1 
ATOM   229  N  N   . TYR A 1 29  ? -1.659  -6.188  3.602   1.00 20.12 ? 377 TYR A N   1 
ATOM   230  C  CA  . TYR A 1 29  ? -1.731  -5.849  5.026   1.00 21.24 ? 377 TYR A CA  1 
ATOM   231  C  C   . TYR A 1 29  ? -0.389  -5.825  5.729   1.00 24.81 ? 377 TYR A C   1 
ATOM   232  O  O   . TYR A 1 29  ? -0.140  -4.916  6.512   1.00 24.87 ? 377 TYR A O   1 
ATOM   233  C  CB  . TYR A 1 29  ? -2.613  -6.850  5.759   1.00 22.02 ? 377 TYR A CB  1 
ATOM   234  C  CG  . TYR A 1 29  ? -4.106  -6.765  5.515   1.00 22.52 ? 377 TYR A CG  1 
ATOM   235  C  CD1 . TYR A 1 29  ? -4.674  -5.668  4.862   1.00 23.24 ? 377 TYR A CD1 1 
ATOM   236  C  CD2 . TYR A 1 29  ? -4.965  -7.728  6.035   1.00 24.41 ? 377 TYR A CD2 1 
ATOM   237  C  CE1 . TYR A 1 29  ? -6.061  -5.559  4.702   1.00 23.54 ? 377 TYR A CE1 1 
ATOM   238  C  CE2 . TYR A 1 29  ? -6.344  -7.623  5.893   1.00 24.96 ? 377 TYR A CE2 1 
ATOM   239  C  CZ  . TYR A 1 29  ? -6.886  -6.549  5.209   1.00 28.16 ? 377 TYR A CZ  1 
ATOM   240  O  OH  . TYR A 1 29  ? -8.251  -6.478  5.095   1.00 26.30 ? 377 TYR A OH  1 
ATOM   241  N  N   . LYS A 1 30  ? 0.465   -6.804  5.449   1.00 23.28 ? 378 LYS A N   1 
ATOM   242  C  CA  . LYS A 1 30  ? 1.750   -6.951  6.133   1.00 23.87 ? 378 LYS A CA  1 
ATOM   243  C  C   . LYS A 1 30  ? 2.883   -7.064  5.130   1.00 25.31 ? 378 LYS A C   1 
ATOM   244  O  O   . LYS A 1 30  ? 2.635   -7.378  3.959   1.00 23.65 ? 378 LYS A O   1 
ATOM   245  C  CB  . LYS A 1 30  ? 1.725   -8.238  7.011   1.00 27.11 ? 378 LYS A CB  1 
ATOM   246  C  CG  . LYS A 1 30  ? 0.628   -8.309  8.080   1.00 38.14 ? 378 LYS A CG  1 
ATOM   247  C  CD  . LYS A 1 30  ? 0.918   -7.441  9.295   1.00 59.77 ? 378 LYS A CD  1 
ATOM   248  C  CE  . LYS A 1 30  ? 1.428   -8.237  10.473  1.00 80.54 ? 378 LYS A CE  1 
ATOM   249  N  NZ  . LYS A 1 30  ? 1.763   -7.355  11.624  1.00 95.05 ? 378 LYS A NZ  1 
ATOM   250  N  N   . PRO A 1 31  ? 4.160   -6.881  5.550   1.00 22.92 ? 379 PRO A N   1 
ATOM   251  C  CA  . PRO A 1 31  ? 5.262   -7.072  4.597   1.00 22.95 ? 379 PRO A CA  1 
ATOM   252  C  C   . PRO A 1 31  ? 5.224   -8.437  3.904   1.00 25.25 ? 379 PRO A C   1 
ATOM   253  O  O   . PRO A 1 31  ? 4.808   -9.427  4.509   1.00 26.30 ? 379 PRO A O   1 
ATOM   254  C  CB  . PRO A 1 31  ? 6.521   -6.992  5.482   1.00 24.95 ? 379 PRO A CB  1 
ATOM   255  C  CG  . PRO A 1 31  ? 6.098   -6.255  6.688   1.00 27.98 ? 379 PRO A CG  1 
ATOM   256  C  CD  . PRO A 1 31  ? 4.652   -6.548  6.907   1.00 24.15 ? 379 PRO A CD  1 
ATOM   257  N  N   . VAL A 1 32  ? 5.618   -8.474  2.635   1.00 22.42 ? 380 VAL A N   1 
ATOM   258  C  CA  . VAL A 1 32  ? 5.700   -9.723  1.851   1.00 24.23 ? 380 VAL A CA  1 
ATOM   259  C  C   . VAL A 1 32  ? 6.743   -10.616 2.569   1.00 29.12 ? 380 VAL A C   1 
ATOM   260  O  O   . VAL A 1 32  ? 7.834   -10.136 2.886   1.00 28.86 ? 380 VAL A O   1 
ATOM   261  C  CB  . VAL A 1 32  ? 6.111   -9.438  0.373   1.00 29.37 ? 380 VAL A CB  1 
ATOM   262  C  CG1 . VAL A 1 32  ? 6.439   -10.735 -0.391  1.00 29.99 ? 380 VAL A CG1 1 
ATOM   263  C  CG2 . VAL A 1 32  ? 5.036   -8.630  -0.365  1.00 29.21 ? 380 VAL A CG2 1 
ATOM   264  N  N   . ASP A 1 33  ? 6.376   -11.877 2.862   1.00 28.31 ? 381 ASP A N   1 
ATOM   265  C  CA  . ASP A 1 33  ? 7.279   -12.847 3.486   1.00 28.92 ? 381 ASP A CA  1 
ATOM   266  C  C   . ASP A 1 33  ? 8.230   -13.365 2.389   1.00 31.04 ? 381 ASP A C   1 
ATOM   267  O  O   . ASP A 1 33  ? 7.871   -14.264 1.620   1.00 30.35 ? 381 ASP A O   1 
ATOM   268  C  CB  . ASP A 1 33  ? 6.473   -13.995 4.123   1.00 31.24 ? 381 ASP A CB  1 
ATOM   269  C  CG  . ASP A 1 33  ? 7.299   -14.998 4.930   1.00 38.29 ? 381 ASP A CG  1 
ATOM   270  O  OD1 . ASP A 1 33  ? 8.543   -14.852 4.972   1.00 34.53 ? 381 ASP A OD1 1 
ATOM   271  O  OD2 . ASP A 1 33  ? 6.701   -15.926 5.508   1.00 48.21 ? 381 ASP A OD2 1 
ATOM   272  N  N   . VAL A 1 34  ? 9.430   -12.779 2.316   1.00 29.12 ? 382 VAL A N   1 
ATOM   273  C  CA  . VAL A 1 34  ? 10.432  -13.097 1.288   1.00 29.86 ? 382 VAL A CA  1 
ATOM   274  C  C   . VAL A 1 34  ? 11.030  -14.513 1.443   1.00 36.44 ? 382 VAL A C   1 
ATOM   275  O  O   . VAL A 1 34  ? 11.783  -14.960 0.568   1.00 37.48 ? 382 VAL A O   1 
ATOM   276  C  CB  . VAL A 1 34  ? 11.531  -12.013 1.169   1.00 34.12 ? 382 VAL A CB  1 
ATOM   277  C  CG1 . VAL A 1 34  ? 10.926  -10.656 0.785   1.00 33.39 ? 382 VAL A CG1 1 
ATOM   278  C  CG2 . VAL A 1 34  ? 12.370  -11.907 2.448   1.00 34.07 ? 382 VAL A CG2 1 
ATOM   279  N  N   . GLU A 1 35  ? 10.693  -15.204 2.545   1.00 33.76 ? 383 GLU A N   1 
ATOM   280  C  CA  . GLU A 1 35  ? 11.153  -16.566 2.833   1.00 33.88 ? 383 GLU A CA  1 
ATOM   281  C  C   . GLU A 1 35  ? 10.118  -17.601 2.387   1.00 37.79 ? 383 GLU A C   1 
ATOM   282  O  O   . GLU A 1 35  ? 10.362  -18.801 2.511   1.00 37.66 ? 383 GLU A O   1 
ATOM   283  C  CB  . GLU A 1 35  ? 11.458  -16.724 4.338   1.00 35.35 ? 383 GLU A CB  1 
ATOM   284  C  CG  . GLU A 1 35  ? 12.621  -15.868 4.832   1.00 44.87 ? 383 GLU A CG  1 
ATOM   285  C  CD  . GLU A 1 35  ? 13.948  -16.106 4.137   1.00 78.43 ? 383 GLU A CD  1 
ATOM   286  O  OE1 . GLU A 1 35  ? 14.528  -17.203 4.316   1.00 85.65 ? 383 GLU A OE1 1 
ATOM   287  O  OE2 . GLU A 1 35  ? 14.402  -15.201 3.399   1.00 77.40 ? 383 GLU A OE2 1 
ATOM   288  N  N   . ALA A 1 36  ? 8.951   -17.145 1.881   1.00 32.71 ? 384 ALA A N   1 
ATOM   289  C  CA  . ALA A 1 36  ? 7.902   -18.056 1.428   1.00 31.21 ? 384 ALA A CA  1 
ATOM   290  C  C   . ALA A 1 36  ? 8.259   -18.618 0.060   1.00 31.48 ? 384 ALA A C   1 
ATOM   291  O  O   . ALA A 1 36  ? 9.016   -17.997 -0.696  1.00 29.92 ? 384 ALA A O   1 
ATOM   292  C  CB  . ALA A 1 36  ? 6.550   -17.341 1.370   1.00 31.79 ? 384 ALA A CB  1 
ATOM   293  N  N   . LEU A 1 37  ? 7.731   -19.809 -0.244  1.00 28.84 ? 385 LEU A N   1 
ATOM   294  C  CA  . LEU A 1 37  ? 7.967   -20.460 -1.522  1.00 28.97 ? 385 LEU A CA  1 
ATOM   295  C  C   . LEU A 1 37  ? 7.447   -19.585 -2.672  1.00 34.27 ? 385 LEU A C   1 
ATOM   296  O  O   . LEU A 1 37  ? 6.325   -19.084 -2.608  1.00 35.10 ? 385 LEU A O   1 
ATOM   297  C  CB  . LEU A 1 37  ? 7.319   -21.854 -1.544  1.00 28.85 ? 385 LEU A CB  1 
ATOM   298  C  CG  . LEU A 1 37  ? 7.544   -22.679 -2.822  1.00 33.38 ? 385 LEU A CG  1 
ATOM   299  C  CD1 . LEU A 1 37  ? 9.006   -23.123 -2.976  1.00 33.15 ? 385 LEU A CD1 1 
ATOM   300  C  CD2 . LEU A 1 37  ? 6.609   -23.864 -2.871  1.00 36.76 ? 385 LEU A CD2 1 
ATOM   301  N  N   . GLY A 1 38  ? 8.296   -19.395 -3.674  1.00 31.88 ? 386 GLY A N   1 
ATOM   302  C  CA  . GLY A 1 38  ? 8.024   -18.611 -4.872  1.00 32.46 ? 386 GLY A CA  1 
ATOM   303  C  C   . GLY A 1 38  ? 8.548   -17.186 -4.808  1.00 34.46 ? 386 GLY A C   1 
ATOM   304  O  O   . GLY A 1 38  ? 8.577   -16.496 -5.832  1.00 35.87 ? 386 GLY A O   1 
ATOM   305  N  N   . LEU A 1 39  ? 8.995   -16.746 -3.613  1.00 28.39 ? 387 LEU A N   1 
ATOM   306  C  CA  . LEU A 1 39  ? 9.458   -15.384 -3.388  1.00 27.98 ? 387 LEU A CA  1 
ATOM   307  C  C   . LEU A 1 39  ? 10.964  -15.266 -3.123  1.00 31.78 ? 387 LEU A C   1 
ATOM   308  O  O   . LEU A 1 39  ? 11.402  -14.253 -2.583  1.00 30.23 ? 387 LEU A O   1 
ATOM   309  C  CB  . LEU A 1 39  ? 8.634   -14.739 -2.258  1.00 28.50 ? 387 LEU A CB  1 
ATOM   310  C  CG  . LEU A 1 39  ? 7.166   -14.513 -2.610  1.00 33.75 ? 387 LEU A CG  1 
ATOM   311  C  CD1 . LEU A 1 39  ? 6.306   -14.585 -1.402  1.00 35.93 ? 387 LEU A CD1 1 
ATOM   312  C  CD2 . LEU A 1 39  ? 6.986   -13.182 -3.293  1.00 35.02 ? 387 LEU A CD2 1 
ATOM   313  N  N   . HIS A 1 40  ? 11.768  -16.268 -3.565  1.00 29.37 ? 388 HIS A N   1 
ATOM   314  C  CA  . HIS A 1 40  ? 13.232  -16.287 -3.377  1.00 28.75 ? 388 HIS A CA  1 
ATOM   315  C  C   . HIS A 1 40  ? 13.948  -15.133 -4.089  1.00 33.35 ? 388 HIS A C   1 
ATOM   316  O  O   . HIS A 1 40  ? 15.042  -14.740 -3.677  1.00 33.88 ? 388 HIS A O   1 
ATOM   317  C  CB  . HIS A 1 40  ? 13.813  -17.625 -3.881  1.00 28.32 ? 388 HIS A CB  1 
ATOM   318  C  CG  . HIS A 1 40  ? 13.453  -17.934 -5.297  1.00 30.17 ? 388 HIS A CG  1 
ATOM   319  N  ND1 . HIS A 1 40  ? 12.313  -18.633 -5.606  1.00 31.83 ? 388 HIS A ND1 1 
ATOM   320  C  CD2 . HIS A 1 40  ? 14.084  -17.605 -6.444  1.00 32.20 ? 388 HIS A CD2 1 
ATOM   321  C  CE1 . HIS A 1 40  ? 12.285  -18.731 -6.922  1.00 31.56 ? 388 HIS A CE1 1 
ATOM   322  N  NE2 . HIS A 1 40  ? 13.323  -18.117 -7.472  1.00 32.31 ? 388 HIS A NE2 1 
ATOM   323  N  N   . ASP A 1 41  ? 13.334  -14.612 -5.166  1.00 28.42 ? 389 ASP A N   1 
ATOM   324  C  CA  . ASP A 1 41  ? 13.860  -13.511 -5.977  1.00 27.63 ? 389 ASP A CA  1 
ATOM   325  C  C   . ASP A 1 41  ? 13.234  -12.130 -5.624  1.00 30.05 ? 389 ASP A C   1 
ATOM   326  O  O   . ASP A 1 41  ? 13.577  -11.125 -6.255  1.00 28.47 ? 389 ASP A O   1 
ATOM   327  C  CB  . ASP A 1 41  ? 13.636  -13.824 -7.472  1.00 29.47 ? 389 ASP A CB  1 
ATOM   328  C  CG  . ASP A 1 41  ? 12.189  -14.076 -7.891  1.00 37.33 ? 389 ASP A CG  1 
ATOM   329  O  OD1 . ASP A 1 41  ? 11.341  -14.347 -7.003  1.00 37.52 ? 389 ASP A OD1 1 
ATOM   330  O  OD2 . ASP A 1 41  ? 11.915  -14.055 -9.106  1.00 45.74 ? 389 ASP A OD2 1 
ATOM   331  N  N   . TYR A 1 42  ? 12.342  -12.077 -4.623  1.00 25.96 ? 390 TYR A N   1 
ATOM   332  C  CA  . TYR A 1 42  ? 11.661  -10.818 -4.295  1.00 24.90 ? 390 TYR A CA  1 
ATOM   333  C  C   . TYR A 1 42  ? 12.600  -9.676  -3.951  1.00 31.59 ? 390 TYR A C   1 
ATOM   334  O  O   . TYR A 1 42  ? 12.450  -8.604  -4.528  1.00 29.91 ? 390 TYR A O   1 
ATOM   335  C  CB  . TYR A 1 42  ? 10.617  -11.017 -3.195  1.00 24.37 ? 390 TYR A CB  1 
ATOM   336  C  CG  . TYR A 1 42  ? 9.643   -9.864  -3.121  1.00 23.92 ? 390 TYR A CG  1 
ATOM   337  C  CD1 . TYR A 1 42  ? 8.527   -9.816  -3.953  1.00 24.70 ? 390 TYR A CD1 1 
ATOM   338  C  CD2 . TYR A 1 42  ? 9.798   -8.858  -2.175  1.00 23.81 ? 390 TYR A CD2 1 
ATOM   339  C  CE1 . TYR A 1 42  ? 7.632   -8.744  -3.899  1.00 25.08 ? 390 TYR A CE1 1 
ATOM   340  C  CE2 . TYR A 1 42  ? 8.884   -7.807  -2.077  1.00 24.82 ? 390 TYR A CE2 1 
ATOM   341  C  CZ  . TYR A 1 42  ? 7.806   -7.755  -2.941  1.00 29.18 ? 390 TYR A CZ  1 
ATOM   342  O  OH  . TYR A 1 42  ? 6.936   -6.698  -2.849  1.00 24.60 ? 390 TYR A OH  1 
ATOM   343  N  N   . CYS A 1 43  ? 13.589  -9.908  -3.064  1.00 32.84 ? 391 CYS A N   1 
ATOM   344  C  CA  . CYS A 1 43  ? 14.570  -8.890  -2.667  1.00 35.96 ? 391 CYS A CA  1 
ATOM   345  C  C   . CYS A 1 43  ? 15.519  -8.489  -3.802  1.00 38.84 ? 391 CYS A C   1 
ATOM   346  O  O   . CYS A 1 43  ? 16.050  -7.373  -3.775  1.00 39.53 ? 391 CYS A O   1 
ATOM   347  C  CB  . CYS A 1 43  ? 15.329  -9.320  -1.420  1.00 38.50 ? 391 CYS A CB  1 
ATOM   348  S  SG  . CYS A 1 43  ? 14.272  -9.606  0.022   1.00 43.55 ? 391 CYS A SG  1 
ATOM   349  N  N   . ASP A 1 44  ? 15.685  -9.361  -4.819  1.00 33.98 ? 392 ASP A N   1 
ATOM   350  C  CA  . ASP A 1 44  ? 16.504  -9.060  -5.996  1.00 34.51 ? 392 ASP A CA  1 
ATOM   351  C  C   . ASP A 1 44  ? 15.809  -8.085  -6.936  1.00 38.38 ? 392 ASP A C   1 
ATOM   352  O  O   . ASP A 1 44  ? 16.478  -7.367  -7.681  1.00 39.04 ? 392 ASP A O   1 
ATOM   353  C  CB  . ASP A 1 44  ? 16.803  -10.329 -6.801  1.00 36.66 ? 392 ASP A CB  1 
ATOM   354  C  CG  . ASP A 1 44  ? 17.783  -11.295 -6.175  1.00 49.89 ? 392 ASP A CG  1 
ATOM   355  O  OD1 . ASP A 1 44  ? 18.326  -10.977 -5.076  1.00 51.49 ? 392 ASP A OD1 1 
ATOM   356  O  OD2 . ASP A 1 44  ? 18.004  -12.370 -6.771  1.00 52.35 ? 392 ASP A OD2 1 
ATOM   357  N  N   . ILE A 1 45  ? 14.471  -8.132  -6.973  1.00 32.98 ? 393 ILE A N   1 
ATOM   358  C  CA  . ILE A 1 45  ? 13.677  -7.306  -7.883  1.00 31.95 ? 393 ILE A CA  1 
ATOM   359  C  C   . ILE A 1 45  ? 13.151  -6.057  -7.181  1.00 32.55 ? 393 ILE A C   1 
ATOM   360  O  O   . ILE A 1 45  ? 13.196  -4.964  -7.752  1.00 32.30 ? 393 ILE A O   1 
ATOM   361  C  CB  . ILE A 1 45  ? 12.557  -8.177  -8.509  1.00 34.85 ? 393 ILE A CB  1 
ATOM   362  C  CG1 . ILE A 1 45  ? 13.185  -9.339  -9.342  1.00 35.08 ? 393 ILE A CG1 1 
ATOM   363  C  CG2 . ILE A 1 45  ? 11.579  -7.341  -9.372  1.00 35.21 ? 393 ILE A CG2 1 
ATOM   364  C  CD1 . ILE A 1 45  ? 12.347  -10.573 -9.424  1.00 39.50 ? 393 ILE A CD1 1 
ATOM   365  N  N   . ILE A 1 46  ? 12.663  -6.229  -5.950  1.00 27.00 ? 394 ILE A N   1 
ATOM   366  C  CA  . ILE A 1 46  ? 12.055  -5.166  -5.146  1.00 26.21 ? 394 ILE A CA  1 
ATOM   367  C  C   . ILE A 1 46  ? 13.046  -4.638  -4.152  1.00 30.36 ? 394 ILE A C   1 
ATOM   368  O  O   . ILE A 1 46  ? 13.285  -5.261  -3.120  1.00 30.60 ? 394 ILE A O   1 
ATOM   369  C  CB  . ILE A 1 46  ? 10.710  -5.651  -4.503  1.00 28.18 ? 394 ILE A CB  1 
ATOM   370  C  CG1 . ILE A 1 46  ? 9.719   -6.138  -5.599  1.00 27.84 ? 394 ILE A CG1 1 
ATOM   371  C  CG2 . ILE A 1 46  ? 10.086  -4.566  -3.608  1.00 28.54 ? 394 ILE A CG2 1 
ATOM   372  C  CD1 . ILE A 1 46  ? 9.485   -5.072  -6.841  1.00 24.71 ? 394 ILE A CD1 1 
ATOM   373  N  N   . LYS A 1 47  ? 13.591  -3.460  -4.442  1.00 28.90 ? 395 LYS A N   1 
ATOM   374  C  CA  . LYS A 1 47  ? 14.597  -2.837  -3.583  1.00 30.09 ? 395 LYS A CA  1 
ATOM   375  C  C   . LYS A 1 47  ? 14.001  -2.098  -2.395  1.00 31.65 ? 395 LYS A C   1 
ATOM   376  O  O   . LYS A 1 47  ? 14.675  -1.930  -1.378  1.00 30.67 ? 395 LYS A O   1 
ATOM   377  C  CB  . LYS A 1 47  ? 15.529  -1.926  -4.415  1.00 33.80 ? 395 LYS A CB  1 
ATOM   378  C  CG  . LYS A 1 47  ? 16.251  -2.639  -5.574  1.00 47.57 ? 395 LYS A CG  1 
ATOM   379  C  CD  . LYS A 1 47  ? 17.228  -3.735  -5.108  1.00 55.74 ? 395 LYS A CD  1 
ATOM   380  C  CE  . LYS A 1 47  ? 17.753  -4.558  -6.257  1.00 62.02 ? 395 LYS A CE  1 
ATOM   381  N  NZ  . LYS A 1 47  ? 18.425  -5.794  -5.778  1.00 67.83 ? 395 LYS A NZ  1 
ATOM   382  N  N   . HIS A 1 48  ? 12.737  -1.629  -2.517  1.00 26.47 ? 396 HIS A N   1 
ATOM   383  C  CA  . HIS A 1 48  ? 12.105  -0.912  -1.421  1.00 27.33 ? 396 HIS A CA  1 
ATOM   384  C  C   . HIS A 1 48  ? 10.719  -1.498  -1.137  1.00 29.21 ? 396 HIS A C   1 
ATOM   385  O  O   . HIS A 1 48  ? 9.728   -0.943  -1.641  1.00 27.55 ? 396 HIS A O   1 
ATOM   386  C  CB  . HIS A 1 48  ? 12.023  0.603   -1.723  1.00 29.76 ? 396 HIS A CB  1 
ATOM   387  C  CG  . HIS A 1 48  ? 13.359  1.236   -1.947  1.00 34.50 ? 396 HIS A CG  1 
ATOM   388  N  ND1 . HIS A 1 48  ? 14.240  1.449   -0.897  1.00 37.59 ? 396 HIS A ND1 1 
ATOM   389  C  CD2 . HIS A 1 48  ? 13.926  1.675   -3.095  1.00 37.59 ? 396 HIS A CD2 1 
ATOM   390  C  CE1 . HIS A 1 48  ? 15.317  2.000   -1.440  1.00 37.21 ? 396 HIS A CE1 1 
ATOM   391  N  NE2 . HIS A 1 48  ? 15.176  2.156   -2.761  1.00 37.58 ? 396 HIS A NE2 1 
ATOM   392  N  N   . PRO A 1 49  ? 10.633  -2.580  -0.314  1.00 25.69 ? 397 PRO A N   1 
ATOM   393  C  CA  . PRO A 1 49  ? 9.320   -3.176  -0.016  1.00 25.14 ? 397 PRO A CA  1 
ATOM   394  C  C   . PRO A 1 49  ? 8.463   -2.215  0.803   1.00 25.88 ? 397 PRO A C   1 
ATOM   395  O  O   . PRO A 1 49  ? 8.971   -1.401  1.577   1.00 25.06 ? 397 PRO A O   1 
ATOM   396  C  CB  . PRO A 1 49  ? 9.660   -4.423  0.822   1.00 27.55 ? 397 PRO A CB  1 
ATOM   397  C  CG  . PRO A 1 49  ? 11.034  -4.127  1.398   1.00 33.27 ? 397 PRO A CG  1 
ATOM   398  C  CD  . PRO A 1 49  ? 11.730  -3.334  0.336   1.00 28.10 ? 397 PRO A CD  1 
ATOM   399  N  N   . MET A 1 50  ? 7.151   -2.323  0.646   1.00 21.01 ? 398 MET A N   1 
ATOM   400  C  CA  . MET A 1 50  ? 6.241   -1.461  1.385   1.00 19.22 ? 398 MET A CA  1 
ATOM   401  C  C   . MET A 1 50  ? 4.906   -2.201  1.515   1.00 21.58 ? 398 MET A C   1 
ATOM   402  O  O   . MET A 1 50  ? 4.534   -2.967  0.618   1.00 21.10 ? 398 MET A O   1 
ATOM   403  C  CB  . MET A 1 50  ? 6.056   -0.100  0.645   1.00 21.03 ? 398 MET A CB  1 
ATOM   404  C  CG  . MET A 1 50  ? 5.291   0.950   1.433   1.00 22.69 ? 398 MET A CG  1 
ATOM   405  S  SD  . MET A 1 50  ? 5.844   1.170   3.167   1.00 25.06 ? 398 MET A SD  1 
ATOM   406  C  CE  . MET A 1 50  ? 7.609   1.674   2.915   1.00 23.02 ? 398 MET A CE  1 
ATOM   407  N  N   . ASP A 1 51  ? 4.236   -2.017  2.647   1.00 20.20 ? 399 ASP A N   1 
ATOM   408  C  CA  . ASP A 1 51  ? 2.941   -2.624  2.957   1.00 20.49 ? 399 ASP A CA  1 
ATOM   409  C  C   . ASP A 1 51  ? 2.091   -1.689  3.839   1.00 22.27 ? 399 ASP A C   1 
ATOM   410  O  O   . ASP A 1 51  ? 2.615   -0.733  4.435   1.00 21.84 ? 399 ASP A O   1 
ATOM   411  C  CB  . ASP A 1 51  ? 3.156   -3.953  3.662   1.00 21.71 ? 399 ASP A CB  1 
ATOM   412  C  CG  . ASP A 1 51  ? 3.790   -3.709  5.013   1.00 25.14 ? 399 ASP A CG  1 
ATOM   413  O  OD1 . ASP A 1 51  ? 5.017   -3.541  5.062   1.00 26.68 ? 399 ASP A OD1 1 
ATOM   414  O  OD2 . ASP A 1 51  ? 3.049   -3.656  6.012   1.00 25.41 ? 399 ASP A OD2 1 
ATOM   415  N  N   . MET A 1 52  ? 0.798   -1.998  3.994   1.00 20.14 ? 400 MET A N   1 
ATOM   416  C  CA  . MET A 1 52  ? -0.104  -1.139  4.763   1.00 19.04 ? 400 MET A CA  1 
ATOM   417  C  C   . MET A 1 52  ? 0.258   -0.994  6.252   1.00 23.90 ? 400 MET A C   1 
ATOM   418  O  O   . MET A 1 52  ? 0.123   0.115   6.795   1.00 23.41 ? 400 MET A O   1 
ATOM   419  C  CB  . MET A 1 52  ? -1.543  -1.600  4.587   1.00 20.38 ? 400 MET A CB  1 
ATOM   420  C  CG  . MET A 1 52  ? -2.016  -1.393  3.161   1.00 22.26 ? 400 MET A CG  1 
ATOM   421  S  SD  . MET A 1 52  ? -3.542  -2.319  2.820   1.00 23.90 ? 400 MET A SD  1 
ATOM   422  C  CE  . MET A 1 52  ? -4.555  -1.791  4.141   1.00 22.68 ? 400 MET A CE  1 
ATOM   423  N  N   . SER A 1 53  ? 0.743   -2.087  6.902   1.00 22.40 ? 401 SER A N   1 
ATOM   424  C  CA  . SER A 1 53  ? 1.150   -2.020  8.323   1.00 23.41 ? 401 SER A CA  1 
ATOM   425  C  C   . SER A 1 53  ? 2.369   -1.125  8.520   1.00 25.55 ? 401 SER A C   1 
ATOM   426  O  O   . SER A 1 53  ? 2.409   -0.373  9.499   1.00 26.60 ? 401 SER A O   1 
ATOM   427  C  CB  . SER A 1 53  ? 1.404   -3.415  8.887   1.00 25.09 ? 401 SER A CB  1 
ATOM   428  O  OG  . SER A 1 53  ? 0.160   -4.087  8.992   1.00 26.91 ? 401 SER A OG  1 
ATOM   429  N  N   . THR A 1 54  ? 3.331   -1.149  7.581   1.00 21.54 ? 402 THR A N   1 
ATOM   430  C  CA  . THR A 1 54  ? 4.518   -0.282  7.638   1.00 21.47 ? 402 THR A CA  1 
ATOM   431  C  C   . THR A 1 54  ? 4.077   1.180   7.440   1.00 26.22 ? 402 THR A C   1 
ATOM   432  O  O   . THR A 1 54  ? 4.499   2.073   8.191   1.00 24.97 ? 402 THR A O   1 
ATOM   433  C  CB  . THR A 1 54  ? 5.557   -0.721  6.621   1.00 25.31 ? 402 THR A CB  1 
ATOM   434  O  OG1 . THR A 1 54  ? 5.944   -2.061  6.949   1.00 26.26 ? 402 THR A OG1 1 
ATOM   435  C  CG2 . THR A 1 54  ? 6.794   0.184   6.600   1.00 26.64 ? 402 THR A CG2 1 
ATOM   436  N  N   . ILE A 1 55  ? 3.159   1.413   6.471   1.00 21.91 ? 403 ILE A N   1 
ATOM   437  C  CA  . ILE A 1 55  ? 2.667   2.785   6.249   1.00 20.76 ? 403 ILE A CA  1 
ATOM   438  C  C   . ILE A 1 55  ? 1.952   3.326   7.499   1.00 23.59 ? 403 ILE A C   1 
ATOM   439  O  O   . ILE A 1 55  ? 2.138   4.499   7.834   1.00 25.68 ? 403 ILE A O   1 
ATOM   440  C  CB  . ILE A 1 55  ? 1.757   2.851   4.971   1.00 22.58 ? 403 ILE A CB  1 
ATOM   441  C  CG1 . ILE A 1 55  ? 2.585   2.558   3.715   1.00 23.44 ? 403 ILE A CG1 1 
ATOM   442  C  CG2 . ILE A 1 55  ? 1.058   4.217   4.864   1.00 23.46 ? 403 ILE A CG2 1 
ATOM   443  C  CD1 . ILE A 1 55  ? 1.728   2.283   2.439   1.00 22.70 ? 403 ILE A CD1 1 
ATOM   444  N  N   . LYS A 1 56  ? 1.152   2.475   8.176   1.00 21.29 ? 404 LYS A N   1 
ATOM   445  C  CA  . LYS A 1 56  ? 0.397   2.823   9.389   1.00 23.13 ? 404 LYS A CA  1 
ATOM   446  C  C   . LYS A 1 56  ? 1.401   3.171   10.503  1.00 29.05 ? 404 LYS A C   1 
ATOM   447  O  O   . LYS A 1 56  ? 1.210   4.150   11.234  1.00 30.23 ? 404 LYS A O   1 
ATOM   448  C  CB  . LYS A 1 56  ? -0.498  1.656   9.818   1.00 24.79 ? 404 LYS A CB  1 
ATOM   449  C  CG  . LYS A 1 56  ? -1.336  1.979   11.064  1.00 32.15 ? 404 LYS A CG  1 
ATOM   450  C  CD  . LYS A 1 56  ? -2.373  0.933   11.384  1.00 40.27 ? 404 LYS A CD  1 
ATOM   451  C  CE  . LYS A 1 56  ? -3.249  1.397   12.529  1.00 57.23 ? 404 LYS A CE  1 
ATOM   452  N  NZ  . LYS A 1 56  ? -4.286  0.390   12.877  1.00 70.05 ? 404 LYS A NZ  1 
ATOM   453  N  N   . SER A 1 57  ? 2.478   2.386   10.590  1.00 25.52 ? 405 SER A N   1 
ATOM   454  C  CA  . SER A 1 57  ? 3.532   2.650   11.567  1.00 25.97 ? 405 SER A CA  1 
ATOM   455  C  C   . SER A 1 57  ? 4.234   3.968   11.266  1.00 31.10 ? 405 SER A C   1 
ATOM   456  O  O   . SER A 1 57  ? 4.540   4.729   12.197  1.00 33.05 ? 405 SER A O   1 
ATOM   457  C  CB  . SER A 1 57  ? 4.533   1.504   11.584  1.00 28.05 ? 405 SER A CB  1 
ATOM   458  O  OG  . SER A 1 57  ? 3.889   0.362   12.123  1.00 35.82 ? 405 SER A OG  1 
ATOM   459  N  N   . LYS A 1 58  ? 4.514   4.237   9.983   1.00 26.85 ? 406 LYS A N   1 
ATOM   460  C  CA  . LYS A 1 58  ? 5.184   5.473   9.571   1.00 25.56 ? 406 LYS A CA  1 
ATOM   461  C  C   . LYS A 1 58  ? 4.312   6.693   9.867   1.00 31.90 ? 406 LYS A C   1 
ATOM   462  O  O   . LYS A 1 58  ? 4.832   7.700   10.378  1.00 32.55 ? 406 LYS A O   1 
ATOM   463  C  CB  . LYS A 1 58  ? 5.640   5.410   8.110   1.00 25.48 ? 406 LYS A CB  1 
ATOM   464  C  CG  . LYS A 1 58  ? 6.775   4.391   7.858   1.00 21.96 ? 406 LYS A CG  1 
ATOM   465  C  CD  . LYS A 1 58  ? 7.272   4.385   6.422   1.00 25.95 ? 406 LYS A CD  1 
ATOM   466  C  CE  . LYS A 1 58  ? 7.850   5.695   5.961   1.00 26.15 ? 406 LYS A CE  1 
ATOM   467  N  NZ  . LYS A 1 58  ? 8.612   5.519   4.701   1.00 27.94 ? 406 LYS A NZ  1 
ATOM   468  N  N   . LEU A 1 59  ? 2.969   6.580   9.644   1.00 27.26 ? 407 LEU A N   1 
ATOM   469  C  CA  . LEU A 1 59  ? 2.031   7.646   10.010  1.00 28.31 ? 407 LEU A CA  1 
ATOM   470  C  C   . LEU A 1 59  ? 2.108   7.920   11.520  1.00 34.11 ? 407 LEU A C   1 
ATOM   471  O  O   . LEU A 1 59  ? 2.188   9.083   11.928  1.00 32.94 ? 407 LEU A O   1 
ATOM   472  C  CB  . LEU A 1 59  ? 0.589   7.258   9.663   1.00 28.73 ? 407 LEU A CB  1 
ATOM   473  C  CG  . LEU A 1 59  ? 0.099   7.577   8.257   1.00 33.75 ? 407 LEU A CG  1 
ATOM   474  C  CD1 . LEU A 1 59  ? -1.233  6.869   7.989   1.00 32.67 ? 407 LEU A CD1 1 
ATOM   475  C  CD2 . LEU A 1 59  ? -0.050  9.096   8.036   1.00 35.07 ? 407 LEU A CD2 1 
ATOM   476  N  N   . GLU A 1 60  ? 2.099   6.848   12.338  1.00 31.88 ? 408 GLU A N   1 
ATOM   477  C  CA  . GLU A 1 60  ? 2.114   6.956   13.804  1.00 33.35 ? 408 GLU A CA  1 
ATOM   478  C  C   . GLU A 1 60  ? 3.392   7.571   14.350  1.00 37.64 ? 408 GLU A C   1 
ATOM   479  O  O   . GLU A 1 60  ? 3.329   8.290   15.348  1.00 38.59 ? 408 GLU A O   1 
ATOM   480  C  CB  . GLU A 1 60  ? 1.800   5.609   14.474  1.00 35.19 ? 408 GLU A CB  1 
ATOM   481  C  CG  . GLU A 1 60  ? 0.336   5.216   14.311  1.00 46.59 ? 408 GLU A CG  1 
ATOM   482  C  CD  . GLU A 1 60  ? -0.109  3.819   14.715  1.00 70.97 ? 408 GLU A CD  1 
ATOM   483  O  OE1 . GLU A 1 60  ? 0.750   2.985   15.088  1.00 69.22 ? 408 GLU A OE1 1 
ATOM   484  O  OE2 . GLU A 1 60  ? -1.332  3.556   14.644  1.00 59.78 ? 408 GLU A OE2 1 
ATOM   485  N  N   . ALA A 1 61  ? 4.534   7.315   13.687  1.00 33.25 ? 409 ALA A N   1 
ATOM   486  C  CA  . ALA A 1 61  ? 5.863   7.816   14.047  1.00 32.32 ? 409 ALA A CA  1 
ATOM   487  C  C   . ALA A 1 61  ? 6.205   9.133   13.330  1.00 35.92 ? 409 ALA A C   1 
ATOM   488  O  O   . ALA A 1 61  ? 7.371   9.553   13.341  1.00 35.21 ? 409 ALA A O   1 
ATOM   489  C  CB  . ALA A 1 61  ? 6.913   6.756   13.750  1.00 32.54 ? 409 ALA A CB  1 
ATOM   490  N  N   . ARG A 1 62  ? 5.195   9.766   12.672  1.00 32.37 ? 410 ARG A N   1 
ATOM   491  C  CA  . ARG A 1 62  ? 5.322   11.058  11.974  1.00 31.52 ? 410 ARG A CA  1 
ATOM   492  C  C   . ARG A 1 62  ? 6.458   11.073  10.946  1.00 35.02 ? 410 ARG A C   1 
ATOM   493  O  O   . ARG A 1 62  ? 7.253   12.018  10.900  1.00 35.32 ? 410 ARG A O   1 
ATOM   494  C  CB  . ARG A 1 62  ? 5.472   12.216  12.990  1.00 33.82 ? 410 ARG A CB  1 
ATOM   495  C  CG  . ARG A 1 62  ? 4.379   12.246  14.048  1.00 39.61 ? 410 ARG A CG  1 
ATOM   496  C  CD  . ARG A 1 62  ? 4.660   13.329  15.074  1.00 52.80 ? 410 ARG A CD  1 
ATOM   497  N  NE  . ARG A 1 62  ? 4.473   14.670  14.516  1.00 57.27 ? 410 ARG A NE  1 
ATOM   498  C  CZ  . ARG A 1 62  ? 4.566   15.796  15.213  1.00 64.39 ? 410 ARG A CZ  1 
ATOM   499  N  NH1 . ARG A 1 62  ? 4.846   15.761  16.510  1.00 46.24 ? 410 ARG A NH1 1 
ATOM   500  N  NH2 . ARG A 1 62  ? 4.375   16.968  14.621  1.00 49.32 ? 410 ARG A NH2 1 
ATOM   501  N  N   . GLU A 1 63  ? 6.550   10.016  10.136  1.00 28.49 ? 411 GLU A N   1 
ATOM   502  C  CA  . GLU A 1 63  ? 7.590   9.902   9.117   1.00 28.15 ? 411 GLU A CA  1 
ATOM   503  C  C   . GLU A 1 63  ? 7.196   10.515  7.778   1.00 31.29 ? 411 GLU A C   1 
ATOM   504  O  O   . GLU A 1 63  ? 8.034   10.555  6.875   1.00 32.15 ? 411 GLU A O   1 
ATOM   505  C  CB  . GLU A 1 63  ? 8.066   8.449   8.949   1.00 28.75 ? 411 GLU A CB  1 
ATOM   506  C  CG  . GLU A 1 63  ? 8.943   7.965   10.088  1.00 38.59 ? 411 GLU A CG  1 
ATOM   507  C  CD  . GLU A 1 63  ? 9.312   6.501   10.020  1.00 50.37 ? 411 GLU A CD  1 
ATOM   508  O  OE1 . GLU A 1 63  ? 10.038  6.104   9.078   1.00 40.38 ? 411 GLU A OE1 1 
ATOM   509  O  OE2 . GLU A 1 63  ? 8.880   5.749   10.922  1.00 46.66 ? 411 GLU A OE2 1 
ATOM   510  N  N   . TYR A 1 64  ? 5.934   11.006  7.648   1.00 27.86 ? 412 TYR A N   1 
ATOM   511  C  CA  . TYR A 1 64  ? 5.462   11.683  6.432   1.00 25.33 ? 412 TYR A CA  1 
ATOM   512  C  C   . TYR A 1 64  ? 5.282   13.166  6.730   1.00 27.47 ? 412 TYR A C   1 
ATOM   513  O  O   . TYR A 1 64  ? 4.567   13.511  7.661   1.00 26.27 ? 412 TYR A O   1 
ATOM   514  C  CB  . TYR A 1 64  ? 4.128   11.090  5.929   1.00 24.95 ? 412 TYR A CB  1 
ATOM   515  C  CG  . TYR A 1 64  ? 4.186   9.608   5.620   1.00 23.97 ? 412 TYR A CG  1 
ATOM   516  C  CD1 . TYR A 1 64  ? 5.072   9.108   4.675   1.00 26.26 ? 412 TYR A CD1 1 
ATOM   517  C  CD2 . TYR A 1 64  ? 3.348   8.707   6.275   1.00 23.81 ? 412 TYR A CD2 1 
ATOM   518  C  CE1 . TYR A 1 64  ? 5.131   7.741   4.392   1.00 25.38 ? 412 TYR A CE1 1 
ATOM   519  C  CE2 . TYR A 1 64  ? 3.390   7.340   5.988   1.00 22.70 ? 412 TYR A CE2 1 
ATOM   520  C  CZ  . TYR A 1 64  ? 4.281   6.865   5.043   1.00 28.55 ? 412 TYR A CZ  1 
ATOM   521  O  OH  . TYR A 1 64  ? 4.326   5.513   4.769   1.00 27.27 ? 412 TYR A OH  1 
ATOM   522  N  N   . ARG A 1 65  ? 5.939   14.039  5.954   1.00 26.68 ? 413 ARG A N   1 
ATOM   523  C  CA  . ARG A 1 65  ? 5.800   15.487  6.157   1.00 26.05 ? 413 ARG A CA  1 
ATOM   524  C  C   . ARG A 1 65  ? 4.433   15.960  5.679   1.00 31.18 ? 413 ARG A C   1 
ATOM   525  O  O   . ARG A 1 65  ? 3.902   16.940  6.189   1.00 30.35 ? 413 ARG A O   1 
ATOM   526  C  CB  . ARG A 1 65  ? 6.894   16.269  5.403   1.00 25.40 ? 413 ARG A CB  1 
ATOM   527  C  CG  . ARG A 1 65  ? 8.278   16.142  6.017   1.00 33.67 ? 413 ARG A CG  1 
ATOM   528  C  CD  . ARG A 1 65  ? 9.316   16.202  4.928   1.00 48.70 ? 413 ARG A CD  1 
ATOM   529  N  NE  . ARG A 1 65  ? 9.886   17.530  4.733   1.00 59.07 ? 413 ARG A NE  1 
ATOM   530  C  CZ  . ARG A 1 65  ? 10.311  18.002  3.563   1.00 65.29 ? 413 ARG A CZ  1 
ATOM   531  N  NH1 . ARG A 1 65  ? 10.169  17.282  2.455   1.00 48.88 ? 413 ARG A NH1 1 
ATOM   532  N  NH2 . ARG A 1 65  ? 10.860  19.203  3.488   1.00 48.70 ? 413 ARG A NH2 1 
ATOM   533  N  N   . ASP A 1 66  ? 3.875   15.286  4.652   1.00 26.96 ? 414 ASP A N   1 
ATOM   534  C  CA  . ASP A 1 66  ? 2.617   15.711  4.063   1.00 25.79 ? 414 ASP A CA  1 
ATOM   535  C  C   . ASP A 1 66  ? 1.920   14.519  3.391   1.00 28.29 ? 414 ASP A C   1 
ATOM   536  O  O   . ASP A 1 66  ? 2.491   13.413  3.348   1.00 26.60 ? 414 ASP A O   1 
ATOM   537  C  CB  . ASP A 1 66  ? 2.890   16.842  3.021   1.00 26.87 ? 414 ASP A CB  1 
ATOM   538  C  CG  . ASP A 1 66  ? 3.987   16.554  1.996   1.00 37.47 ? 414 ASP A CG  1 
ATOM   539  O  OD1 . ASP A 1 66  ? 4.168   15.368  1.624   1.00 35.43 ? 414 ASP A OD1 1 
ATOM   540  O  OD2 . ASP A 1 66  ? 4.641   17.516  1.539   1.00 41.04 ? 414 ASP A OD2 1 
ATOM   541  N  N   . ALA A 1 67  ? 0.699   14.765  2.839   1.00 25.49 ? 415 ALA A N   1 
ATOM   542  C  CA  . ALA A 1 67  ? -0.066  13.737  2.103   1.00 25.62 ? 415 ALA A CA  1 
ATOM   543  C  C   . ALA A 1 67  ? 0.695   13.201  0.912   1.00 27.61 ? 415 ALA A C   1 
ATOM   544  O  O   . ALA A 1 67  ? 0.567   11.999  0.599   1.00 26.89 ? 415 ALA A O   1 
ATOM   545  C  CB  . ALA A 1 67  ? -1.395  14.300  1.638   1.00 26.64 ? 415 ALA A CB  1 
ATOM   546  N  N   . GLN A 1 68  ? 1.499   14.052  0.246   1.00 25.22 ? 416 GLN A N   1 
ATOM   547  C  CA  . GLN A 1 68  ? 2.298   13.634  -0.897  1.00 26.50 ? 416 GLN A CA  1 
ATOM   548  C  C   . GLN A 1 68  ? 3.268   12.486  -0.504  1.00 27.98 ? 416 GLN A C   1 
ATOM   549  O  O   . GLN A 1 68  ? 3.407   11.513  -1.248  1.00 26.43 ? 416 GLN A O   1 
ATOM   550  C  CB  . GLN A 1 68  ? 3.032   14.836  -1.520  1.00 29.30 ? 416 GLN A CB  1 
ATOM   551  C  CG  . GLN A 1 68  ? 4.085   14.485  -2.562  1.00 54.17 ? 416 GLN A CG  1 
ATOM   552  C  CD  . GLN A 1 68  ? 4.789   15.667  -3.203  1.00 89.61 ? 416 GLN A CD  1 
ATOM   553  O  OE1 . GLN A 1 68  ? 4.682   16.826  -2.770  1.00 86.96 ? 416 GLN A OE1 1 
ATOM   554  N  NE2 . GLN A 1 68  ? 5.550   15.385  -4.257  1.00 87.26 ? 416 GLN A NE2 1 
ATOM   555  N  N   . GLU A 1 69  ? 3.917   12.594  0.663   1.00 24.47 ? 417 GLU A N   1 
ATOM   556  C  CA  . GLU A 1 69  ? 4.865   11.565  1.094   1.00 24.71 ? 417 GLU A CA  1 
ATOM   557  C  C   . GLU A 1 69  ? 4.165   10.241  1.481   1.00 27.20 ? 417 GLU A C   1 
ATOM   558  O  O   . GLU A 1 69  ? 4.652   9.162   1.123   1.00 25.33 ? 417 GLU A O   1 
ATOM   559  C  CB  . GLU A 1 69  ? 5.769   12.087  2.214   1.00 26.33 ? 417 GLU A CB  1 
ATOM   560  C  CG  . GLU A 1 69  ? 6.748   13.135  1.694   1.00 29.79 ? 417 GLU A CG  1 
ATOM   561  C  CD  . GLU A 1 69  ? 7.710   13.634  2.754   1.00 45.04 ? 417 GLU A CD  1 
ATOM   562  O  OE1 . GLU A 1 69  ? 7.650   13.139  3.904   1.00 28.84 ? 417 GLU A OE1 1 
ATOM   563  O  OE2 . GLU A 1 69  ? 8.530   14.519  2.426   1.00 41.68 ? 417 GLU A OE2 1 
ATOM   564  N  N   . PHE A 1 70  ? 2.997   10.332  2.137   1.00 23.40 ? 418 PHE A N   1 
ATOM   565  C  CA  . PHE A 1 70  ? 2.159   9.156   2.450   1.00 22.69 ? 418 PHE A CA  1 
ATOM   566  C  C   . PHE A 1 70  ? 1.720   8.490   1.118   1.00 25.76 ? 418 PHE A C   1 
ATOM   567  O  O   . PHE A 1 70  ? 1.818   7.264   0.975   1.00 24.23 ? 418 PHE A O   1 
ATOM   568  C  CB  . PHE A 1 70  ? 0.931   9.574   3.273   1.00 23.12 ? 418 PHE A CB  1 
ATOM   569  C  CG  . PHE A 1 70  ? -0.257  8.625   3.254   1.00 23.13 ? 418 PHE A CG  1 
ATOM   570  C  CD1 . PHE A 1 70  ? -0.344  7.568   4.162   1.00 24.79 ? 418 PHE A CD1 1 
ATOM   571  C  CD2 . PHE A 1 70  ? -1.303  8.802   2.349   1.00 24.62 ? 418 PHE A CD2 1 
ATOM   572  C  CE1 . PHE A 1 70  ? -1.454  6.708   4.158   1.00 26.28 ? 418 PHE A CE1 1 
ATOM   573  C  CE2 . PHE A 1 70  ? -2.409  7.942   2.350   1.00 26.51 ? 418 PHE A CE2 1 
ATOM   574  C  CZ  . PHE A 1 70  ? -2.478  6.899   3.250   1.00 25.03 ? 418 PHE A CZ  1 
ATOM   575  N  N   . GLY A 1 71  ? 1.255   9.313   0.168   1.00 23.01 ? 419 GLY A N   1 
ATOM   576  C  CA  . GLY A 1 71  ? 0.798   8.848   -1.145  1.00 22.92 ? 419 GLY A CA  1 
ATOM   577  C  C   . GLY A 1 71  ? 1.878   8.117   -1.907  1.00 25.44 ? 419 GLY A C   1 
ATOM   578  O  O   . GLY A 1 71  ? 1.616   7.077   -2.538  1.00 21.21 ? 419 GLY A O   1 
ATOM   579  N  N   . ALA A 1 72  ? 3.128   8.635   -1.813  1.00 22.19 ? 420 ALA A N   1 
ATOM   580  C  CA  . ALA A 1 72  ? 4.275   8.022   -2.464  1.00 22.66 ? 420 ALA A CA  1 
ATOM   581  C  C   . ALA A 1 72  ? 4.500   6.593   -1.921  1.00 22.27 ? 420 ALA A C   1 
ATOM   582  O  O   . ALA A 1 72  ? 4.777   5.692   -2.704  1.00 22.24 ? 420 ALA A O   1 
ATOM   583  C  CB  . ALA A 1 72  ? 5.515   8.885   -2.251  1.00 23.60 ? 420 ALA A CB  1 
ATOM   584  N  N   . ASP A 1 73  ? 4.295   6.371   -0.620  1.00 20.44 ? 421 ASP A N   1 
ATOM   585  C  CA  . ASP A 1 73  ? 4.496   5.022   -0.057  1.00 21.03 ? 421 ASP A CA  1 
ATOM   586  C  C   . ASP A 1 73  ? 3.356   4.084   -0.426  1.00 21.23 ? 421 ASP A C   1 
ATOM   587  O  O   . ASP A 1 73  ? 3.602   2.918   -0.698  1.00 20.13 ? 421 ASP A O   1 
ATOM   588  C  CB  . ASP A 1 73  ? 4.673   5.060   1.445   1.00 21.69 ? 421 ASP A CB  1 
ATOM   589  C  CG  . ASP A 1 73  ? 6.130   5.041   1.903   1.00 24.02 ? 421 ASP A CG  1 
ATOM   590  O  OD1 . ASP A 1 73  ? 7.033   4.892   1.042   1.00 28.53 ? 421 ASP A OD1 1 
ATOM   591  O  OD2 . ASP A 1 73  ? 6.356   5.086   3.108   1.00 26.82 ? 421 ASP A OD2 1 
ATOM   592  N  N   . VAL A 1 74  ? 2.116   4.602   -0.482  1.00 18.22 ? 422 VAL A N   1 
ATOM   593  C  CA  . VAL A 1 74  ? 0.997   3.749   -0.902  1.00 17.20 ? 422 VAL A CA  1 
ATOM   594  C  C   . VAL A 1 74  ? 1.252   3.337   -2.369  1.00 19.47 ? 422 VAL A C   1 
ATOM   595  O  O   . VAL A 1 74  ? 1.114   2.157   -2.699  1.00 18.99 ? 422 VAL A O   1 
ATOM   596  C  CB  . VAL A 1 74  ? -0.376  4.447   -0.745  1.00 18.43 ? 422 VAL A CB  1 
ATOM   597  C  CG1 . VAL A 1 74  ? -1.490  3.588   -1.380  1.00 17.89 ? 422 VAL A CG1 1 
ATOM   598  C  CG2 . VAL A 1 74  ? -0.680  4.712   0.719   1.00 18.15 ? 422 VAL A CG2 1 
ATOM   599  N  N   . ARG A 1 75  ? 1.657   4.295   -3.225  1.00 18.22 ? 423 ARG A N   1 
ATOM   600  C  CA  . ARG A 1 75  ? 1.901   3.972   -4.638  1.00 19.31 ? 423 ARG A CA  1 
ATOM   601  C  C   . ARG A 1 75  ? 3.127   3.069   -4.821  1.00 21.96 ? 423 ARG A C   1 
ATOM   602  O  O   . ARG A 1 75  ? 3.132   2.232   -5.723  1.00 20.72 ? 423 ARG A O   1 
ATOM   603  C  CB  . ARG A 1 75  ? 1.972   5.200   -5.517  1.00 19.28 ? 423 ARG A CB  1 
ATOM   604  C  CG  . ARG A 1 75  ? 0.621   5.931   -5.531  1.00 20.52 ? 423 ARG A CG  1 
ATOM   605  C  CD  . ARG A 1 75  ? 0.701   7.055   -6.449  1.00 28.49 ? 423 ARG A CD  1 
ATOM   606  N  NE  . ARG A 1 75  ? -0.591  7.726   -6.579  1.00 27.01 ? 423 ARG A NE  1 
ATOM   607  C  CZ  . ARG A 1 75  ? -0.735  9.033   -6.419  1.00 31.38 ? 423 ARG A CZ  1 
ATOM   608  N  NH1 . ARG A 1 75  ? 0.317   9.794   -6.134  1.00 24.47 ? 423 ARG A NH1 1 
ATOM   609  N  NH2 . ARG A 1 75  ? -1.916  9.598   -6.597  1.00 23.88 ? 423 ARG A NH2 1 
ATOM   610  N  N   . LEU A 1 76  ? 4.108   3.186   -3.924  1.00 20.59 ? 424 LEU A N   1 
ATOM   611  C  CA  . LEU A 1 76  ? 5.294   2.319   -3.938  1.00 20.59 ? 424 LEU A CA  1 
ATOM   612  C  C   . LEU A 1 76  ? 4.831   0.859   -3.711  1.00 22.96 ? 424 LEU A C   1 
ATOM   613  O  O   . LEU A 1 76  ? 5.285   -0.056  -4.409  1.00 22.08 ? 424 LEU A O   1 
ATOM   614  C  CB  . LEU A 1 76  ? 6.255   2.754   -2.827  1.00 20.69 ? 424 LEU A CB  1 
ATOM   615  C  CG  . LEU A 1 76  ? 7.444   1.813   -2.560  1.00 24.55 ? 424 LEU A CG  1 
ATOM   616  C  CD1 . LEU A 1 76  ? 8.315   1.608   -3.839  1.00 24.42 ? 424 LEU A CD1 1 
ATOM   617  C  CD2 . LEU A 1 76  ? 8.265   2.320   -1.382  1.00 27.28 ? 424 LEU A CD2 1 
ATOM   618  N  N   . MET A 1 77  ? 3.942   0.659   -2.722  1.00 19.61 ? 425 MET A N   1 
ATOM   619  C  CA  . MET A 1 77  ? 3.374   -0.641  -2.431  1.00 18.53 ? 425 MET A CA  1 
ATOM   620  C  C   . MET A 1 77  ? 2.720   -1.263  -3.686  1.00 20.80 ? 425 MET A C   1 
ATOM   621  O  O   . MET A 1 77  ? 3.011   -2.420  -4.048  1.00 18.97 ? 425 MET A O   1 
ATOM   622  C  CB  . MET A 1 77  ? 2.402   -0.511  -1.267  1.00 19.82 ? 425 MET A CB  1 
ATOM   623  C  CG  . MET A 1 77  ? 1.554   -1.730  -1.052  1.00 20.74 ? 425 MET A CG  1 
ATOM   624  S  SD  . MET A 1 77  ? 0.477   -1.481  0.357   1.00 22.85 ? 425 MET A SD  1 
ATOM   625  C  CE  . MET A 1 77  ? -0.936  -0.575  -0.447  1.00 20.59 ? 425 MET A CE  1 
ATOM   626  N  N   . PHE A 1 78  ? 1.897   -0.471  -4.403  1.00 18.24 ? 426 PHE A N   1 
ATOM   627  C  CA  . PHE A 1 78  ? 1.257   -0.987  -5.626  1.00 17.37 ? 426 PHE A CA  1 
ATOM   628  C  C   . PHE A 1 78  ? 2.270   -1.215  -6.739  1.00 19.32 ? 426 PHE A C   1 
ATOM   629  O  O   . PHE A 1 78  ? 2.231   -2.259  -7.390  1.00 19.88 ? 426 PHE A O   1 
ATOM   630  C  CB  . PHE A 1 78  ? 0.146   -0.021  -6.105  1.00 17.88 ? 426 PHE A CB  1 
ATOM   631  C  CG  . PHE A 1 78  ? -1.013  0.082   -5.134  1.00 18.80 ? 426 PHE A CG  1 
ATOM   632  C  CD1 . PHE A 1 78  ? -1.563  -1.061  -4.555  1.00 22.47 ? 426 PHE A CD1 1 
ATOM   633  C  CD2 . PHE A 1 78  ? -1.538  1.324   -4.780  1.00 21.50 ? 426 PHE A CD2 1 
ATOM   634  C  CE1 . PHE A 1 78  ? -2.636  -0.963  -3.662  1.00 23.36 ? 426 PHE A CE1 1 
ATOM   635  C  CE2 . PHE A 1 78  ? -2.603  1.417   -3.878  1.00 24.62 ? 426 PHE A CE2 1 
ATOM   636  C  CZ  . PHE A 1 78  ? -3.133  0.279   -3.322  1.00 22.63 ? 426 PHE A CZ  1 
ATOM   637  N  N   . SER A 1 79  ? 3.211   -0.259  -6.935  1.00 18.13 ? 427 SER A N   1 
ATOM   638  C  CA  . SER A 1 79  ? 4.220   -0.370  -7.978  1.00 19.16 ? 427 SER A CA  1 
ATOM   639  C  C   . SER A 1 79  ? 5.111   -1.610  -7.766  1.00 21.66 ? 427 SER A C   1 
ATOM   640  O  O   . SER A 1 79  ? 5.448   -2.278  -8.741  1.00 22.89 ? 427 SER A O   1 
ATOM   641  C  CB  . SER A 1 79  ? 5.087   0.876   -8.043  1.00 22.06 ? 427 SER A CB  1 
ATOM   642  O  OG  . SER A 1 79  ? 4.319   1.963   -8.538  1.00 22.97 ? 427 SER A OG  1 
ATOM   643  N  N   . ASN A 1 80  ? 5.401   -1.948  -6.502  1.00 19.88 ? 428 ASN A N   1 
ATOM   644  C  CA  . ASN A 1 80  ? 6.202   -3.168  -6.210  1.00 19.89 ? 428 ASN A CA  1 
ATOM   645  C  C   . ASN A 1 80  ? 5.483   -4.404  -6.699  1.00 23.33 ? 428 ASN A C   1 
ATOM   646  O  O   . ASN A 1 80  ? 6.092   -5.299  -7.312  1.00 22.55 ? 428 ASN A O   1 
ATOM   647  C  CB  . ASN A 1 80  ? 6.442   -3.291  -4.723  1.00 18.14 ? 428 ASN A CB  1 
ATOM   648  C  CG  . ASN A 1 80  ? 7.481   -2.345  -4.227  1.00 21.41 ? 428 ASN A CG  1 
ATOM   649  O  OD1 . ASN A 1 80  ? 8.260   -1.776  -4.994  1.00 22.84 ? 428 ASN A OD1 1 
ATOM   650  N  ND2 . ASN A 1 80  ? 7.507   -2.158  -2.937  1.00 18.56 ? 428 ASN A ND2 1 
ATOM   651  N  N   . CYS A 1 81  ? 4.151   -4.419  -6.480  1.00 19.15 ? 429 CYS A N   1 
ATOM   652  C  CA  . CYS A 1 81  ? 3.327   -5.520  -6.925  1.00 19.59 ? 429 CYS A CA  1 
ATOM   653  C  C   . CYS A 1 81  ? 3.296   -5.601  -8.468  1.00 23.81 ? 429 CYS A C   1 
ATOM   654  O  O   . CYS A 1 81  ? 3.415   -6.695  -9.031  1.00 22.31 ? 429 CYS A O   1 
ATOM   655  C  CB  . CYS A 1 81  ? 1.926   -5.358  -6.344  1.00 19.12 ? 429 CYS A CB  1 
ATOM   656  S  SG  . CYS A 1 81  ? 0.829   -6.740  -6.704  1.00 22.84 ? 429 CYS A SG  1 
ATOM   657  N  N   . TYR A 1 82  ? 3.107   -4.459  -9.148  1.00 20.99 ? 430 TYR A N   1 
ATOM   658  C  CA  . TYR A 1 82  ? 3.059   -4.442  -10.624 1.00 20.80 ? 430 TYR A CA  1 
ATOM   659  C  C   . TYR A 1 82  ? 4.439   -4.795  -11.232 1.00 24.06 ? 430 TYR A C   1 
ATOM   660  O  O   . TYR A 1 82  ? 4.489   -5.378  -12.304 1.00 25.38 ? 430 TYR A O   1 
ATOM   661  C  CB  . TYR A 1 82  ? 2.627   -3.060  -11.166 1.00 21.04 ? 430 TYR A CB  1 
ATOM   662  C  CG  . TYR A 1 82  ? 1.289   -2.573  -10.651 1.00 19.29 ? 430 TYR A CG  1 
ATOM   663  C  CD1 . TYR A 1 82  ? 0.227   -3.454  -10.460 1.00 20.22 ? 430 TYR A CD1 1 
ATOM   664  C  CD2 . TYR A 1 82  ? 1.104   -1.240  -10.289 1.00 21.03 ? 430 TYR A CD2 1 
ATOM   665  C  CE1 . TYR A 1 82  ? -0.999  -3.016  -9.940  1.00 18.88 ? 430 TYR A CE1 1 
ATOM   666  C  CE2 . TYR A 1 82  ? -0.110  -0.793  -9.754  1.00 21.37 ? 430 TYR A CE2 1 
ATOM   667  C  CZ  . TYR A 1 82  ? -1.157  -1.688  -9.580  1.00 22.84 ? 430 TYR A CZ  1 
ATOM   668  O  OH  . TYR A 1 82  ? -2.367  -1.279  -9.062  1.00 21.58 ? 430 TYR A OH  1 
ATOM   669  N  N   . LYS A 1 83  ? 5.521   -4.435  -10.553 1.00 19.95 ? 431 LYS A N   1 
ATOM   670  C  CA  . LYS A 1 83  ? 6.866   -4.716  -11.038 1.00 21.70 ? 431 LYS A CA  1 
ATOM   671  C  C   . LYS A 1 83  ? 7.216   -6.196  -10.915 1.00 27.36 ? 431 LYS A C   1 
ATOM   672  O  O   . LYS A 1 83  ? 7.725   -6.797  -11.864 1.00 27.36 ? 431 LYS A O   1 
ATOM   673  C  CB  . LYS A 1 83  ? 7.896   -3.901  -10.269 1.00 22.93 ? 431 LYS A CB  1 
ATOM   674  C  CG  . LYS A 1 83  ? 9.289   -4.070  -10.859 1.00 28.87 ? 431 LYS A CG  1 
ATOM   675  C  CD  . LYS A 1 83  ? 10.315  -3.286  -10.116 1.00 30.60 ? 431 LYS A CD  1 
ATOM   676  C  CE  . LYS A 1 83  ? 11.686  -3.575  -10.688 1.00 48.85 ? 431 LYS A CE  1 
ATOM   677  N  NZ  . LYS A 1 83  ? 12.715  -2.647  -10.153 1.00 60.98 ? 431 LYS A NZ  1 
ATOM   678  N  N   . TYR A 1 84  ? 6.988   -6.753  -9.729  1.00 23.95 ? 432 TYR A N   1 
ATOM   679  C  CA  . TYR A 1 84  ? 7.411   -8.116  -9.412  1.00 24.17 ? 432 TYR A CA  1 
ATOM   680  C  C   . TYR A 1 84  ? 6.625   -9.216  -10.117 1.00 28.62 ? 432 TYR A C   1 
ATOM   681  O  O   . TYR A 1 84  ? 7.231   -10.181 -10.579 1.00 29.07 ? 432 TYR A O   1 
ATOM   682  C  CB  . TYR A 1 84  ? 7.404   -8.317  -7.888  1.00 25.19 ? 432 TYR A CB  1 
ATOM   683  C  CG  . TYR A 1 84  ? 7.772   -9.727  -7.487  1.00 25.50 ? 432 TYR A CG  1 
ATOM   684  C  CD1 . TYR A 1 84  ? 9.081   -10.192 -7.620  1.00 27.17 ? 432 TYR A CD1 1 
ATOM   685  C  CD2 . TYR A 1 84  ? 6.805   -10.613 -7.029  1.00 26.11 ? 432 TYR A CD2 1 
ATOM   686  C  CE1 . TYR A 1 84  ? 9.408   -11.513 -7.316  1.00 26.83 ? 432 TYR A CE1 1 
ATOM   687  C  CE2 . TYR A 1 84  ? 7.124   -11.931 -6.720  1.00 27.34 ? 432 TYR A CE2 1 
ATOM   688  C  CZ  . TYR A 1 84  ? 8.427   -12.375 -6.863  1.00 30.38 ? 432 TYR A CZ  1 
ATOM   689  O  OH  . TYR A 1 84  ? 8.750   -13.672 -6.548  1.00 28.96 ? 432 TYR A OH  1 
ATOM   690  N  N   . ASN A 1 85  ? 5.300   -9.102  -10.184 1.00 25.27 ? 433 ASN A N   1 
ATOM   691  C  CA  . ASN A 1 85  ? 4.426   -10.158 -10.686 1.00 26.28 ? 433 ASN A CA  1 
ATOM   692  C  C   . ASN A 1 85  ? 4.138   -10.146 -12.179 1.00 33.28 ? 433 ASN A C   1 
ATOM   693  O  O   . ASN A 1 85  ? 4.205   -9.081  -12.792 1.00 33.17 ? 433 ASN A O   1 
ATOM   694  C  CB  . ASN A 1 85  ? 3.115   -10.128 -9.911  1.00 24.72 ? 433 ASN A CB  1 
ATOM   695  C  CG  . ASN A 1 85  ? 3.351   -10.303 -8.447  1.00 31.80 ? 433 ASN A CG  1 
ATOM   696  O  OD1 . ASN A 1 85  ? 3.668   -11.399 -7.974  1.00 26.04 ? 433 ASN A OD1 1 
ATOM   697  N  ND2 . ASN A 1 85  ? 3.345   -9.191  -7.720  1.00 22.26 ? 433 ASN A ND2 1 
ATOM   698  N  N   . PRO A 1 86  ? 3.729   -11.304 -12.764 1.00 32.97 ? 434 PRO A N   1 
ATOM   699  C  CA  . PRO A 1 86  ? 3.295   -11.297 -14.173 1.00 33.26 ? 434 PRO A CA  1 
ATOM   700  C  C   . PRO A 1 86  ? 2.025   -10.436 -14.294 1.00 36.16 ? 434 PRO A C   1 
ATOM   701  O  O   . PRO A 1 86  ? 1.198   -10.444 -13.381 1.00 34.14 ? 434 PRO A O   1 
ATOM   702  C  CB  . PRO A 1 86  ? 2.978   -12.776 -14.467 1.00 34.75 ? 434 PRO A CB  1 
ATOM   703  C  CG  . PRO A 1 86  ? 3.592   -13.549 -13.370 1.00 39.78 ? 434 PRO A CG  1 
ATOM   704  C  CD  . PRO A 1 86  ? 3.580   -12.649 -12.168 1.00 35.22 ? 434 PRO A CD  1 
ATOM   705  N  N   . PRO A 1 87  ? 1.830   -9.683  -15.393 1.00 34.85 ? 435 PRO A N   1 
ATOM   706  C  CA  . PRO A 1 87  ? 0.636   -8.810  -15.488 1.00 34.16 ? 435 PRO A CA  1 
ATOM   707  C  C   . PRO A 1 87  ? -0.736  -9.495  -15.345 1.00 37.40 ? 435 PRO A C   1 
ATOM   708  O  O   . PRO A 1 87  ? -1.702  -8.828  -14.969 1.00 37.00 ? 435 PRO A O   1 
ATOM   709  C  CB  . PRO A 1 87  ? 0.800   -8.126  -16.848 1.00 36.22 ? 435 PRO A CB  1 
ATOM   710  C  CG  . PRO A 1 87  ? 1.752   -8.988  -17.606 1.00 41.55 ? 435 PRO A CG  1 
ATOM   711  C  CD  . PRO A 1 87  ? 2.699   -9.528  -16.574 1.00 37.10 ? 435 PRO A CD  1 
ATOM   712  N  N   . ASP A 1 88  ? -0.815  -10.819 -15.572 1.00 32.85 ? 436 ASP A N   1 
ATOM   713  C  CA  . ASP A 1 88  ? -2.060  -11.596 -15.473 1.00 33.29 ? 436 ASP A CA  1 
ATOM   714  C  C   . ASP A 1 88  ? -2.256  -12.251 -14.104 1.00 36.95 ? 436 ASP A C   1 
ATOM   715  O  O   . ASP A 1 88  ? -3.237  -12.970 -13.899 1.00 37.73 ? 436 ASP A O   1 
ATOM   716  C  CB  . ASP A 1 88  ? -2.107  -12.651 -16.608 1.00 35.74 ? 436 ASP A CB  1 
ATOM   717  C  CG  . ASP A 1 88  ? -0.938  -13.636 -16.659 1.00 51.53 ? 436 ASP A CG  1 
ATOM   718  O  OD1 . ASP A 1 88  ? 0.233   -13.183 -16.586 1.00 51.16 ? 436 ASP A OD1 1 
ATOM   719  O  OD2 . ASP A 1 88  ? -1.187  -14.844 -16.894 1.00 60.90 ? 436 ASP A OD2 1 
ATOM   720  N  N   . HIS A 1 89  ? -1.338  -11.982 -13.154 1.00 32.61 ? 437 HIS A N   1 
ATOM   721  C  CA  . HIS A 1 89  ? -1.405  -12.569 -11.820 1.00 31.67 ? 437 HIS A CA  1 
ATOM   722  C  C   . HIS A 1 89  ? -2.610  -12.017 -11.042 1.00 32.23 ? 437 HIS A C   1 
ATOM   723  O  O   . HIS A 1 89  ? -2.912  -10.821 -11.140 1.00 30.38 ? 437 HIS A O   1 
ATOM   724  C  CB  . HIS A 1 89  ? -0.085  -12.317 -11.072 1.00 32.70 ? 437 HIS A CB  1 
ATOM   725  C  CG  . HIS A 1 89  ? 0.154   -13.208 -9.889  1.00 36.48 ? 437 HIS A CG  1 
ATOM   726  N  ND1 . HIS A 1 89  ? -0.699  -13.208 -8.797  1.00 38.34 ? 437 HIS A ND1 1 
ATOM   727  C  CD2 . HIS A 1 89  ? 1.184   -14.055 -9.640  1.00 39.03 ? 437 HIS A CD2 1 
ATOM   728  C  CE1 . HIS A 1 89  ? -0.178  -14.063 -7.932  1.00 38.77 ? 437 HIS A CE1 1 
ATOM   729  N  NE2 . HIS A 1 89  ? 0.960   -14.596 -8.393  1.00 39.16 ? 437 HIS A NE2 1 
ATOM   730  N  N   . GLU A 1 90  ? -3.310  -12.898 -10.294 1.00 28.66 ? 438 GLU A N   1 
ATOM   731  C  CA  . GLU A 1 90  ? -4.470  -12.561 -9.463  1.00 27.80 ? 438 GLU A CA  1 
ATOM   732  C  C   . GLU A 1 90  ? -4.129  -11.428 -8.470  1.00 28.57 ? 438 GLU A C   1 
ATOM   733  O  O   . GLU A 1 90  ? -4.977  -10.569 -8.225  1.00 28.44 ? 438 GLU A O   1 
ATOM   734  C  CB  . GLU A 1 90  ? -4.927  -13.800 -8.685  1.00 30.34 ? 438 GLU A CB  1 
ATOM   735  C  CG  . GLU A 1 90  ? -6.283  -13.701 -8.004  1.00 45.52 ? 438 GLU A CG  1 
ATOM   736  C  CD  . GLU A 1 90  ? -6.631  -14.902 -7.139  1.00 73.52 ? 438 GLU A CD  1 
ATOM   737  O  OE1 . GLU A 1 90  ? -6.001  -15.972 -7.314  1.00 64.60 ? 438 GLU A OE1 1 
ATOM   738  O  OE2 . GLU A 1 90  ? -7.528  -14.767 -6.274  1.00 73.06 ? 438 GLU A OE2 1 
ATOM   739  N  N   . VAL A 1 91  ? -2.880  -11.422 -7.930  1.00 23.96 ? 439 VAL A N   1 
ATOM   740  C  CA  . VAL A 1 91  ? -2.480  -10.403 -6.947  1.00 22.28 ? 439 VAL A CA  1 
ATOM   741  C  C   . VAL A 1 91  ? -2.410  -9.011  -7.586  1.00 25.51 ? 439 VAL A C   1 
ATOM   742  O  O   . VAL A 1 91  ? -2.697  -8.030  -6.898  1.00 24.34 ? 439 VAL A O   1 
ATOM   743  C  CB  . VAL A 1 91  ? -1.192  -10.767 -6.140  1.00 25.55 ? 439 VAL A CB  1 
ATOM   744  C  CG1 . VAL A 1 91  ? 0.068   -10.517 -6.959  1.00 25.62 ? 439 VAL A CG1 1 
ATOM   745  C  CG2 . VAL A 1 91  ? -1.145  -9.983  -4.819  1.00 24.91 ? 439 VAL A CG2 1 
ATOM   746  N  N   . VAL A 1 92  ? -2.040  -8.932  -8.884  1.00 23.23 ? 440 VAL A N   1 
ATOM   747  C  CA  . VAL A 1 92  ? -2.005  -7.672  -9.649  1.00 22.48 ? 440 VAL A CA  1 
ATOM   748  C  C   . VAL A 1 92  ? -3.446  -7.129  -9.786  1.00 23.84 ? 440 VAL A C   1 
ATOM   749  O  O   . VAL A 1 92  ? -3.680  -5.938  -9.560  1.00 22.54 ? 440 VAL A O   1 
ATOM   750  C  CB  . VAL A 1 92  ? -1.297  -7.852  -11.012 1.00 26.02 ? 440 VAL A CB  1 
ATOM   751  C  CG1 . VAL A 1 92  ? -1.553  -6.664  -11.950 1.00 25.57 ? 440 VAL A CG1 1 
ATOM   752  C  CG2 . VAL A 1 92  ? 0.199   -8.088  -10.823 1.00 25.77 ? 440 VAL A CG2 1 
ATOM   753  N  N   . ALA A 1 93  ? -4.423  -8.010  -10.092 1.00 23.09 ? 441 ALA A N   1 
ATOM   754  C  CA  . ALA A 1 93  ? -5.839  -7.608  -10.152 1.00 23.17 ? 441 ALA A CA  1 
ATOM   755  C  C   . ALA A 1 93  ? -6.324  -7.063  -8.794  1.00 25.28 ? 441 ALA A C   1 
ATOM   756  O  O   . ALA A 1 93  ? -7.079  -6.081  -8.753  1.00 24.46 ? 441 ALA A O   1 
ATOM   757  C  CB  . ALA A 1 93  ? -6.724  -8.773  -10.602 1.00 24.17 ? 441 ALA A CB  1 
ATOM   758  N  N   . MET A 1 94  ? -5.898  -7.709  -7.687  1.00 20.66 ? 442 MET A N   1 
ATOM   759  C  CA  . MET A 1 94  ? -6.234  -7.260  -6.328  1.00 20.75 ? 442 MET A CA  1 
ATOM   760  C  C   . MET A 1 94  ? -5.614  -5.893  -6.066  1.00 21.06 ? 442 MET A C   1 
ATOM   761  O  O   . MET A 1 94  ? -6.310  -5.019  -5.553  1.00 21.46 ? 442 MET A O   1 
ATOM   762  C  CB  . MET A 1 94  ? -5.788  -8.285  -5.293  1.00 23.19 ? 442 MET A CB  1 
ATOM   763  C  CG  . MET A 1 94  ? -6.573  -9.602  -5.414  1.00 26.93 ? 442 MET A CG  1 
ATOM   764  S  SD  . MET A 1 94  ? -5.849  -10.930 -4.427  1.00 32.84 ? 442 MET A SD  1 
ATOM   765  C  CE  . MET A 1 94  ? -6.699  -10.766 -3.081  1.00 29.17 ? 442 MET A CE  1 
ATOM   766  N  N   . ALA A 1 95  ? -4.322  -5.701  -6.420  1.00 19.03 ? 443 ALA A N   1 
ATOM   767  C  CA  . ALA A 1 95  ? -3.667  -4.391  -6.244  1.00 18.49 ? 443 ALA A CA  1 
ATOM   768  C  C   . ALA A 1 95  ? -4.468  -3.287  -6.976  1.00 22.95 ? 443 ALA A C   1 
ATOM   769  O  O   . ALA A 1 95  ? -4.685  -2.207  -6.429  1.00 20.62 ? 443 ALA A O   1 
ATOM   770  C  CB  . ALA A 1 95  ? -2.253  -4.429  -6.786  1.00 18.53 ? 443 ALA A CB  1 
ATOM   771  N  N   . ARG A 1 96  ? -4.923  -3.565  -8.200  1.00 21.13 ? 444 ARG A N   1 
ATOM   772  C  CA  . ARG A 1 96  ? -5.721  -2.604  -8.976  1.00 20.63 ? 444 ARG A CA  1 
ATOM   773  C  C   . ARG A 1 96  ? -7.033  -2.231  -8.303  1.00 22.64 ? 444 ARG A C   1 
ATOM   774  O  O   . ARG A 1 96  ? -7.367  -1.045  -8.263  1.00 22.92 ? 444 ARG A O   1 
ATOM   775  C  CB  . ARG A 1 96  ? -5.975  -3.110  -10.409 1.00 20.13 ? 444 ARG A CB  1 
ATOM   776  C  CG  . ARG A 1 96  ? -4.704  -3.140  -11.249 1.00 24.17 ? 444 ARG A CG  1 
ATOM   777  C  CD  . ARG A 1 96  ? -5.000  -3.645  -12.644 1.00 30.19 ? 444 ARG A CD  1 
ATOM   778  N  NE  . ARG A 1 96  ? -4.032  -3.135  -13.617 1.00 48.34 ? 444 ARG A NE  1 
ATOM   779  C  CZ  . ARG A 1 96  ? -3.383  -3.886  -14.501 1.00 64.05 ? 444 ARG A CZ  1 
ATOM   780  N  NH1 . ARG A 1 96  ? -3.560  -5.200  -14.523 1.00 48.24 ? 444 ARG A NH1 1 
ATOM   781  N  NH2 . ARG A 1 96  ? -2.548  -3.327  -15.367 1.00 56.46 ? 444 ARG A NH2 1 
ATOM   782  N  N   . LYS A 1 97  ? -7.743  -3.215  -7.696  1.00 20.67 ? 445 LYS A N   1 
ATOM   783  C  CA  . LYS A 1 97  ? -8.995  -2.944  -6.979  1.00 19.93 ? 445 LYS A CA  1 
ATOM   784  C  C   . LYS A 1 97  ? -8.709  -2.076  -5.746  1.00 22.67 ? 445 LYS A C   1 
ATOM   785  O  O   . LYS A 1 97  ? -9.439  -1.112  -5.493  1.00 22.22 ? 445 LYS A O   1 
ATOM   786  C  CB  . LYS A 1 97  ? -9.709  -4.238  -6.557  1.00 24.52 ? 445 LYS A CB  1 
ATOM   787  C  CG  . LYS A 1 97  ? -10.298 -5.004  -7.736  1.00 27.29 ? 445 LYS A CG  1 
ATOM   788  C  CD  . LYS A 1 97  ? -10.994 -6.243  -7.188  1.00 28.05 ? 445 LYS A CD  1 
ATOM   789  C  CE  . LYS A 1 97  ? -11.684 -7.059  -8.250  1.00 45.78 ? 445 LYS A CE  1 
ATOM   790  N  NZ  . LYS A 1 97  ? -12.273 -8.296  -7.667  1.00 53.56 ? 445 LYS A NZ  1 
ATOM   791  N  N   . LEU A 1 98  ? -7.595  -2.355  -5.040  1.00 17.68 ? 446 LEU A N   1 
ATOM   792  C  CA  . LEU A 1 98  ? -7.281  -1.535  -3.865  1.00 18.58 ? 446 LEU A CA  1 
ATOM   793  C  C   . LEU A 1 98  ? -6.805  -0.146  -4.263  1.00 19.32 ? 446 LEU A C   1 
ATOM   794  O  O   . LEU A 1 98  ? -7.174  0.846   -3.597  1.00 18.06 ? 446 LEU A O   1 
ATOM   795  C  CB  . LEU A 1 98  ? -6.267  -2.226  -2.968  1.00 17.85 ? 446 LEU A CB  1 
ATOM   796  C  CG  . LEU A 1 98  ? -6.059  -1.570  -1.578  1.00 21.34 ? 446 LEU A CG  1 
ATOM   797  C  CD1 . LEU A 1 98  ? -7.352  -1.564  -0.744  1.00 22.53 ? 446 LEU A CD1 1 
ATOM   798  C  CD2 . LEU A 1 98  ? -4.942  -2.244  -0.848  1.00 20.48 ? 446 LEU A CD2 1 
ATOM   799  N  N   . GLN A 1 99  ? -6.024  -0.059  -5.375  1.00 17.56 ? 447 GLN A N   1 
ATOM   800  C  CA  . GLN A 1 99  ? -5.531  1.215   -5.875  1.00 17.73 ? 447 GLN A CA  1 
ATOM   801  C  C   . GLN A 1 99  ? -6.714  2.108   -6.324  1.00 21.05 ? 447 GLN A C   1 
ATOM   802  O  O   . GLN A 1 99  ? -6.666  3.314   -6.088  1.00 21.36 ? 447 GLN A O   1 
ATOM   803  C  CB  . GLN A 1 99  ? -4.486  1.054   -6.969  1.00 17.76 ? 447 GLN A CB  1 
ATOM   804  C  CG  . GLN A 1 99  ? -3.894  2.435   -7.308  1.00 17.82 ? 447 GLN A CG  1 
ATOM   805  C  CD  . GLN A 1 99  ? -2.602  2.409   -8.083  1.00 25.01 ? 447 GLN A CD  1 
ATOM   806  O  OE1 . GLN A 1 99  ? -2.220  1.411   -8.708  1.00 23.89 ? 447 GLN A OE1 1 
ATOM   807  N  NE2 . GLN A 1 99  ? -1.883  3.516   -8.054  1.00 23.66 ? 447 GLN A NE2 1 
ATOM   808  N  N   . ASP A 1 100 ? -7.801  1.501   -6.851  1.00 20.36 ? 448 ASP A N   1 
ATOM   809  C  CA  . ASP A 1 100 ? -9.018  2.258   -7.201  1.00 21.74 ? 448 ASP A CA  1 
ATOM   810  C  C   . ASP A 1 100 ? -9.569  2.980   -5.965  1.00 24.05 ? 448 ASP A C   1 
ATOM   811  O  O   . ASP A 1 100 ? -9.873  4.163   -6.055  1.00 25.16 ? 448 ASP A O   1 
ATOM   812  C  CB  . ASP A 1 100 ? -10.127 1.318   -7.740  1.00 23.81 ? 448 ASP A CB  1 
ATOM   813  C  CG  . ASP A 1 100 ? -9.893  0.694   -9.099  1.00 38.57 ? 448 ASP A CG  1 
ATOM   814  O  OD1 . ASP A 1 100 ? -9.023  1.198   -9.845  1.00 41.13 ? 448 ASP A OD1 1 
ATOM   815  O  OD2 . ASP A 1 100 ? -10.639 -0.265  -9.454  1.00 45.37 ? 448 ASP A OD2 1 
ATOM   816  N  N   . VAL A 1 101 ? -9.659  2.284   -4.811  1.00 20.64 ? 449 VAL A N   1 
ATOM   817  C  CA  . VAL A 1 101 ? -10.110 2.842   -3.526  1.00 22.19 ? 449 VAL A CA  1 
ATOM   818  C  C   . VAL A 1 101 ? -9.211  3.989   -3.123  1.00 21.39 ? 449 VAL A C   1 
ATOM   819  O  O   . VAL A 1 101 ? -9.673  5.093   -2.841  1.00 20.40 ? 449 VAL A O   1 
ATOM   820  C  CB  . VAL A 1 101 ? -10.130 1.768   -2.398  1.00 28.61 ? 449 VAL A CB  1 
ATOM   821  C  CG1 . VAL A 1 101 ? -10.484 2.379   -1.035  1.00 28.93 ? 449 VAL A CG1 1 
ATOM   822  C  CG2 . VAL A 1 101 ? -11.071 0.626   -2.748  1.00 29.03 ? 449 VAL A CG2 1 
ATOM   823  N  N   . PHE A 1 102 ? -7.909  3.712   -3.086  1.00 17.63 ? 450 PHE A N   1 
ATOM   824  C  CA  . PHE A 1 102 ? -6.962  4.722   -2.677  1.00 17.92 ? 450 PHE A CA  1 
ATOM   825  C  C   . PHE A 1 102 ? -7.009  5.965   -3.565  1.00 20.36 ? 450 PHE A C   1 
ATOM   826  O  O   . PHE A 1 102 ? -7.107  7.073   -3.036  1.00 20.63 ? 450 PHE A O   1 
ATOM   827  C  CB  . PHE A 1 102 ? -5.550  4.130   -2.622  1.00 18.07 ? 450 PHE A CB  1 
ATOM   828  C  CG  . PHE A 1 102 ? -4.511  5.214   -2.524  1.00 18.01 ? 450 PHE A CG  1 
ATOM   829  C  CD1 . PHE A 1 102 ? -4.322  5.916   -1.335  1.00 20.33 ? 450 PHE A CD1 1 
ATOM   830  C  CD2 . PHE A 1 102 ? -3.787  5.607   -3.641  1.00 18.72 ? 450 PHE A CD2 1 
ATOM   831  C  CE1 . PHE A 1 102 ? -3.369  6.919   -1.252  1.00 20.01 ? 450 PHE A CE1 1 
ATOM   832  C  CE2 . PHE A 1 102 ? -2.872  6.658   -3.563  1.00 20.96 ? 450 PHE A CE2 1 
ATOM   833  C  CZ  . PHE A 1 102 ? -2.663  7.293   -2.360  1.00 18.55 ? 450 PHE A CZ  1 
ATOM   834  N  N   . GLU A 1 103 ? -6.906  5.799   -4.901  1.00 17.70 ? 451 GLU A N   1 
ATOM   835  C  CA  . GLU A 1 103 ? -6.842  6.947   -5.813  1.00 17.14 ? 451 GLU A CA  1 
ATOM   836  C  C   . GLU A 1 103 ? -8.092  7.812   -5.717  1.00 19.77 ? 451 GLU A C   1 
ATOM   837  O  O   . GLU A 1 103 ? -7.971  9.029   -5.746  1.00 19.14 ? 451 GLU A O   1 
ATOM   838  C  CB  . GLU A 1 103 ? -6.612  6.512   -7.271  1.00 17.91 ? 451 GLU A CB  1 
ATOM   839  C  CG  . GLU A 1 103 ? -5.244  5.889   -7.548  1.00 17.21 ? 451 GLU A CG  1 
ATOM   840  C  CD  . GLU A 1 103 ? -4.000  6.717   -7.277  1.00 25.80 ? 451 GLU A CD  1 
ATOM   841  O  OE1 . GLU A 1 103 ? -4.093  7.967   -7.320  1.00 24.97 ? 451 GLU A OE1 1 
ATOM   842  O  OE2 . GLU A 1 103 ? -2.907  6.111   -7.131  1.00 24.41 ? 451 GLU A OE2 1 
ATOM   843  N  N   . MET A 1 104 ? -9.265  7.193   -5.589  1.00 19.19 ? 452 MET A N   1 
ATOM   844  C  CA  . MET A 1 104 ? -10.517 7.962   -5.466  1.00 21.18 ? 452 MET A CA  1 
ATOM   845  C  C   . MET A 1 104 ? -10.506 8.833   -4.180  1.00 24.82 ? 452 MET A C   1 
ATOM   846  O  O   . MET A 1 104 ? -10.740 10.035  -4.240  1.00 25.88 ? 452 MET A O   1 
ATOM   847  C  CB  . MET A 1 104 ? -11.716 7.004   -5.469  1.00 25.58 ? 452 MET A CB  1 
ATOM   848  C  CG  . MET A 1 104 ? -13.051 7.679   -5.746  1.00 34.07 ? 452 MET A CG  1 
ATOM   849  S  SD  . MET A 1 104 ? -13.198 8.576   -7.332  1.00 42.31 ? 452 MET A SD  1 
ATOM   850  C  CE  . MET A 1 104 ? -12.421 7.456   -8.477  1.00 37.52 ? 452 MET A CE  1 
ATOM   851  N  N   . ARG A 1 105 ? -10.148 8.227   -3.050  1.00 21.40 ? 453 ARG A N   1 
ATOM   852  C  CA  . ARG A 1 105 ? -10.103 8.942   -1.764  1.00 21.99 ? 453 ARG A CA  1 
ATOM   853  C  C   . ARG A 1 105 ? -9.020  9.976   -1.718  1.00 23.61 ? 453 ARG A C   1 
ATOM   854  O  O   . ARG A 1 105 ? -9.257  11.099  -1.230  1.00 23.76 ? 453 ARG A O   1 
ATOM   855  C  CB  . ARG A 1 105 ? -9.928  7.961   -0.601  1.00 21.78 ? 453 ARG A CB  1 
ATOM   856  C  CG  . ARG A 1 105 ? -11.032 6.954   -0.409  1.00 22.75 ? 453 ARG A CG  1 
ATOM   857  C  CD  . ARG A 1 105 ? -12.331 7.677   -0.140  1.00 26.26 ? 453 ARG A CD  1 
ATOM   858  N  NE  . ARG A 1 105 ? -13.299 6.770   0.441   1.00 30.32 ? 453 ARG A NE  1 
ATOM   859  C  CZ  . ARG A 1 105 ? -14.580 7.066   0.610   1.00 38.59 ? 453 ARG A CZ  1 
ATOM   860  N  NH1 . ARG A 1 105 ? -15.052 8.240   0.220   1.00 30.25 ? 453 ARG A NH1 1 
ATOM   861  N  NH2 . ARG A 1 105 ? -15.395 6.194   1.177   1.00 30.51 ? 453 ARG A NH2 1 
ATOM   862  N  N   . PHE A 1 106 ? -7.838  9.636   -2.243  1.00 18.36 ? 454 PHE A N   1 
ATOM   863  C  CA  . PHE A 1 106 ? -6.689  10.547  -2.270  1.00 18.54 ? 454 PHE A CA  1 
ATOM   864  C  C   . PHE A 1 106 ? -6.945  11.793  -3.141  1.00 23.84 ? 454 PHE A C   1 
ATOM   865  O  O   . PHE A 1 106 ? -6.487  12.883  -2.815  1.00 25.88 ? 454 PHE A O   1 
ATOM   866  C  CB  . PHE A 1 106 ? -5.438  9.812   -2.771  1.00 19.83 ? 454 PHE A CB  1 
ATOM   867  C  CG  . PHE A 1 106 ? -4.135  10.501  -2.460  1.00 20.77 ? 454 PHE A CG  1 
ATOM   868  C  CD1 . PHE A 1 106 ? -3.703  10.644  -1.144  1.00 23.17 ? 454 PHE A CD1 1 
ATOM   869  C  CD2 . PHE A 1 106 ? -3.302  10.940  -3.482  1.00 23.59 ? 454 PHE A CD2 1 
ATOM   870  C  CE1 . PHE A 1 106 ? -2.488  11.272  -0.856  1.00 24.27 ? 454 PHE A CE1 1 
ATOM   871  C  CE2 . PHE A 1 106 ? -2.052  11.519  -3.193  1.00 26.02 ? 454 PHE A CE2 1 
ATOM   872  C  CZ  . PHE A 1 106 ? -1.671  11.710  -1.877  1.00 24.08 ? 454 PHE A CZ  1 
ATOM   873  N  N   . ALA A 1 107 ? -7.672  11.621  -4.256  1.00 22.42 ? 455 ALA A N   1 
ATOM   874  C  CA  . ALA A 1 107 ? -8.001  12.720  -5.166  1.00 22.43 ? 455 ALA A CA  1 
ATOM   875  C  C   . ALA A 1 107 ? -9.011  13.671  -4.521  1.00 27.81 ? 455 ALA A C   1 
ATOM   876  O  O   . ALA A 1 107 ? -8.949  14.866  -4.775  1.00 29.15 ? 455 ALA A O   1 
ATOM   877  C  CB  . ALA A 1 107 ? -8.603  12.150  -6.449  1.00 23.20 ? 455 ALA A CB  1 
ATOM   878  N  N   . LYS A 1 108 ? -9.949  13.137  -3.754  1.00 27.15 ? 456 LYS A N   1 
ATOM   879  C  CA  . LYS A 1 108 ? -11.072 13.914  -3.189  1.00 28.40 ? 456 LYS A CA  1 
ATOM   880  C  C   . LYS A 1 108 ? -10.812 14.484  -1.790  1.00 37.12 ? 456 LYS A C   1 
ATOM   881  O  O   . LYS A 1 108 ? -11.712 15.097  -1.199  1.00 39.33 ? 456 LYS A O   1 
ATOM   882  C  CB  . LYS A 1 108 ? -12.345 13.066  -3.217  1.00 29.98 ? 456 LYS A CB  1 
ATOM   883  C  CG  . LYS A 1 108 ? -12.981 12.990  -4.609  1.00 40.95 ? 456 LYS A CG  1 
ATOM   884  C  CD  . LYS A 1 108 ? -14.022 11.899  -4.698  1.00 45.92 ? 456 LYS A CD  1 
ATOM   885  C  CE  . LYS A 1 108 ? -14.858 12.034  -5.944  1.00 53.77 ? 456 LYS A CE  1 
ATOM   886  N  NZ  . LYS A 1 108 ? -15.476 10.737  -6.319  1.00 61.68 ? 456 LYS A NZ  1 
ATOM   887  N  N   . MET A 1 109 ? -9.594  14.336  -1.278  1.00 33.66 ? 457 MET A N   1 
ATOM   888  C  CA  . MET A 1 109 ? -9.247  14.886  0.038   1.00 53.37 ? 457 MET A CA  1 
ATOM   889  C  C   . MET A 1 109 ? -8.816  16.353  -0.029  1.00 94.35 ? 457 MET A C   1 
ATOM   890  O  O   . MET A 1 109 ? -9.516  17.180  -0.607  1.00 63.60 ? 457 MET A O   1 
ATOM   891  C  CB  . MET A 1 109 ? -8.197  14.027  0.746   1.00 55.41 ? 457 MET A CB  1 
ATOM   892  C  CG  . MET A 1 109 ? -6.838  14.041  0.107   1.00 58.77 ? 457 MET A CG  1 
ATOM   893  S  SD  . MET A 1 109 ? -5.593  13.305  1.189   1.00 62.30 ? 457 MET A SD  1 
ATOM   894  C  CE  . MET A 1 109 ? -5.128  14.736  2.128   1.00 58.51 ? 457 MET A CE  1 
HETATM 895  C  C4  . 87S B 2 .   ? 0.114   -14.486 0.705   1.00 30.66 ? 501 87S A C4  1 
HETATM 896  C  C5  . 87S B 2 .   ? -1.382  -13.433 -2.244  1.00 32.02 ? 501 87S A C5  1 
HETATM 897  C  C6  . 87S B 2 .   ? -0.119  -14.933 -3.637  1.00 34.23 ? 501 87S A C6  1 
HETATM 898  C  C7  . 87S B 2 .   ? -2.391  -13.385 -3.178  1.00 32.09 ? 501 87S A C7  1 
HETATM 899  C  C8  . 87S B 2 .   ? -1.132  -14.883 -4.573  1.00 34.24 ? 501 87S A C8  1 
HETATM 900  C  C10 . 87S B 2 .   ? 0.977   -12.378 -0.107  1.00 28.72 ? 501 87S A C10 1 
HETATM 901  C  C13 . 87S B 2 .   ? 0.603   -13.699 -0.324  1.00 28.88 ? 501 87S A C13 1 
HETATM 902  C  C15 . 87S B 2 .   ? 1.515   -11.528 -1.160  1.00 27.12 ? 501 87S A C15 1 
HETATM 903  C  C17 . 87S B 2 .   ? 3.049   -10.413 -4.320  1.00 23.35 ? 501 87S A C17 1 
HETATM 904  C  C1  . 87S B 2 .   ? 0.282   -12.618 2.185   1.00 31.08 ? 501 87S A C1  1 
HETATM 905  C  C2  . 87S B 2 .   ? -0.042  -13.945 1.966   1.00 31.55 ? 501 87S A C2  1 
HETATM 906  C  C3  . 87S B 2 .   ? 0.783   -11.844 1.158   1.00 29.14 ? 501 87S A C3  1 
HETATM 907  C  C9  . 87S B 2 .   ? 2.142   -11.810 -2.359  1.00 25.24 ? 501 87S A C9  1 
HETATM 908  C  C11 . 87S B 2 .   ? 2.426   -10.592 -3.033  1.00 24.11 ? 501 87S A C11 1 
HETATM 909  C  C12 . 87S B 2 .   ? -0.261  -14.211 -2.468  1.00 32.06 ? 501 87S A C12 1 
HETATM 910  C  C14 . 87S B 2 .   ? -2.255  -14.116 -4.333  1.00 33.97 ? 501 87S A C14 1 
HETATM 911  C  C16 . 87S B 2 .   ? 1.947   -9.575  -2.218  1.00 22.66 ? 501 87S A C16 1 
HETATM 912  C  C18 . 87S B 2 .   ? 1.929   -8.097  -2.351  1.00 21.96 ? 501 87S A C18 1 
HETATM 913  N  N19 . 87S B 2 .   ? 1.419   -10.157 -1.101  1.00 23.39 ? 501 87S A N19 1 
HETATM 914  N  N20 . 87S B 2 .   ? 3.327   -11.603 -4.968  1.00 24.46 ? 501 87S A N20 1 
HETATM 915  O  O21 . 87S B 2 .   ? 3.314   -9.314  -4.790  1.00 22.94 ? 501 87S A O21 1 
HETATM 916  O  O22 . 87S B 2 .   ? 0.788   -14.292 -1.566  1.00 30.23 ? 501 87S A O22 1 
HETATM 917  CL CL1 . 87S B 2 .   ? -3.533  -14.047 -5.487  1.00 40.23 ? 501 87S A CL1 1 
HETATM 918  O  O   . HOH C 3 .   ? -9.277  -4.374  3.920   1.00 25.27 ? 601 HOH A O   1 
HETATM 919  O  O   . HOH C 3 .   ? -13.932 5.655   4.669   1.00 36.06 ? 602 HOH A O   1 
HETATM 920  O  O   . HOH C 3 .   ? 7.049   -4.033  3.425   1.00 25.37 ? 603 HOH A O   1 
HETATM 921  O  O   . HOH C 3 .   ? 17.517  -14.369 -5.092  1.00 41.45 ? 604 HOH A O   1 
HETATM 922  O  O   . HOH C 3 .   ? 3.543   2.099   -11.081 1.00 25.70 ? 605 HOH A O   1 
HETATM 923  O  O   . HOH C 3 .   ? -10.357 -0.346  9.276   1.00 38.25 ? 606 HOH A O   1 
HETATM 924  O  O   . HOH C 3 .   ? 2.711   -6.999  -13.557 1.00 37.09 ? 607 HOH A O   1 
HETATM 925  O  O   . HOH C 3 .   ? -16.388 -5.119  -1.439  1.00 41.90 ? 608 HOH A O   1 
HETATM 926  O  O   . HOH C 3 .   ? 8.460   -2.848  7.442   1.00 42.38 ? 609 HOH A O   1 
HETATM 927  O  O   . HOH C 3 .   ? 8.283   13.497  8.911   1.00 37.06 ? 610 HOH A O   1 
HETATM 928  O  O   . HOH C 3 .   ? -9.718  -13.061 -1.433  1.00 44.28 ? 611 HOH A O   1 
HETATM 929  O  O   . HOH C 3 .   ? 2.959   11.419  -3.901  1.00 34.70 ? 612 HOH A O   1 
HETATM 930  O  O   . HOH C 3 .   ? 4.640   -6.953  -4.234  1.00 24.17 ? 613 HOH A O   1 
HETATM 931  O  O   . HOH C 3 .   ? 8.144   3.223   11.532  1.00 59.09 ? 614 HOH A O   1 
HETATM 932  O  O   . HOH C 3 .   ? 3.118   -5.069  -0.320  1.00 26.69 ? 615 HOH A O   1 
HETATM 933  O  O   . HOH C 3 .   ? 2.302   -7.108  1.232   1.00 25.12 ? 616 HOH A O   1 
HETATM 934  O  O   . HOH C 3 .   ? -14.630 3.880   -1.185  1.00 45.39 ? 617 HOH A O   1 
HETATM 935  O  O   . HOH C 3 .   ? 11.717  -17.460 -0.494  1.00 34.95 ? 618 HOH A O   1 
HETATM 936  O  O   . HOH C 3 .   ? -11.900 5.883   7.160   1.00 34.25 ? 619 HOH A O   1 
HETATM 937  O  O   . HOH C 3 .   ? 11.110  0.257   1.828   1.00 39.37 ? 620 HOH A O   1 
HETATM 938  O  O   . HOH C 3 .   ? 1.087   11.295  10.794  1.00 41.45 ? 621 HOH A O   1 
HETATM 939  O  O   . HOH C 3 .   ? 4.911   -2.093  11.558  1.00 50.66 ? 622 HOH A O   1 
HETATM 940  O  O   . HOH C 3 .   ? 5.321   4.413   -7.902  1.00 35.25 ? 623 HOH A O   1 
HETATM 941  O  O   . HOH C 3 .   ? -8.647  -5.553  -10.916 1.00 33.89 ? 624 HOH A O   1 
HETATM 942  O  O   . HOH C 3 .   ? 4.501   -17.006 4.319   1.00 56.52 ? 625 HOH A O   1 
HETATM 943  O  O   . HOH C 3 .   ? -2.259  14.573  11.719  1.00 55.73 ? 626 HOH A O   1 
HETATM 944  O  O   . HOH C 3 .   ? 10.921  3.642   8.317   1.00 51.73 ? 627 HOH A O   1 
HETATM 945  O  O   . HOH C 3 .   ? 7.308   8.581   0.940   1.00 33.34 ? 628 HOH A O   1 
HETATM 946  O  O   . HOH C 3 .   ? -6.382  1.855   -9.994  1.00 48.89 ? 629 HOH A O   1 
HETATM 947  O  O   . HOH C 3 .   ? 4.193   -19.646 -1.004  1.00 59.03 ? 630 HOH A O   1 
HETATM 948  O  O   . HOH C 3 .   ? 2.422   -10.598 3.900   1.00 32.15 ? 631 HOH A O   1 
HETATM 949  O  O   . HOH C 3 .   ? 5.839   5.727   -5.220  1.00 39.49 ? 632 HOH A O   1 
HETATM 950  O  O   . HOH C 3 .   ? -8.778  17.122  -3.245  1.00 48.95 ? 633 HOH A O   1 
HETATM 951  O  O   . HOH C 3 .   ? 9.774   -10.324 -11.569 1.00 49.27 ? 634 HOH A O   1 
HETATM 952  O  O   . HOH C 3 .   ? 6.254   -4.645  -1.179  1.00 22.21 ? 635 HOH A O   1 
HETATM 953  O  O   . HOH C 3 .   ? -16.426 3.286   0.847   1.00 55.73 ? 636 HOH A O   1 
HETATM 954  O  O   . HOH C 3 .   ? 9.662   4.500   1.692   1.00 37.60 ? 637 HOH A O   1 
HETATM 955  O  O   . HOH C 3 .   ? 9.248   13.364  12.212  1.00 31.81 ? 638 HOH A O   1 
HETATM 956  O  O   . HOH C 3 .   ? 3.309   -4.937  -2.987  1.00 24.59 ? 639 HOH A O   1 
HETATM 957  O  O   . HOH C 3 .   ? 8.158   -18.188 4.937   1.00 55.98 ? 640 HOH A O   1 
HETATM 958  O  O   . HOH C 3 .   ? 4.961   -10.451 7.061   1.00 46.21 ? 641 HOH A O   1 
HETATM 959  O  O   . HOH C 3 .   ? 8.600   10.557  4.037   1.00 46.14 ? 642 HOH A O   1 
HETATM 960  O  O   . HOH C 3 .   ? -15.603 -2.738  -2.537  1.00 40.77 ? 643 HOH A O   1 
HETATM 961  O  O   . HOH C 3 .   ? 8.845   -7.661  2.186   1.00 29.35 ? 644 HOH A O   1 
HETATM 962  O  O   . HOH C 3 .   ? 4.803   -13.748 -8.940  1.00 34.35 ? 645 HOH A O   1 
HETATM 963  O  O   . HOH C 3 .   ? 11.388  19.624  6.188   1.00 29.02 ? 646 HOH A O   1 
HETATM 964  O  O   . HOH C 3 .   ? 9.205   7.999   3.580   1.00 69.25 ? 647 HOH A O   1 
HETATM 965  O  O   . HOH C 3 .   ? 3.798   -12.769 2.261   1.00 37.26 ? 648 HOH A O   1 
HETATM 966  O  O   . HOH C 3 .   ? 2.186   -16.206 -6.439  1.00 56.46 ? 649 HOH A O   1 
HETATM 967  O  O   . HOH C 3 .   ? -12.317 -10.189 -9.753  1.00 48.13 ? 650 HOH A O   1 
HETATM 968  O  O   . HOH C 3 .   ? -13.421 -3.393  9.240   1.00 47.03 ? 651 HOH A O   1 
HETATM 969  O  O   . HOH C 3 .   ? 11.008  -1.113  -4.876  1.00 28.07 ? 652 HOH A O   1 
HETATM 970  O  O   . HOH C 3 .   ? 8.457   -0.072  -7.244  1.00 39.92 ? 653 HOH A O   1 
HETATM 971  O  O   . HOH C 3 .   ? 9.534   12.968  6.551   1.00 53.80 ? 654 HOH A O   1 
HETATM 972  O  O   . HOH C 3 .   ? 3.522   11.356  9.233   1.00 32.43 ? 655 HOH A O   1 
HETATM 973  O  O   . HOH C 3 .   ? -1.701  -1.512  -13.186 1.00 38.03 ? 656 HOH A O   1 
HETATM 974  O  O   . HOH C 3 .   ? -4.044  -9.311  -13.311 1.00 36.60 ? 657 HOH A O   1 
HETATM 975  O  O   . HOH C 3 .   ? 6.639   -5.985  1.611   1.00 23.68 ? 658 HOH A O   1 
HETATM 976  O  O   . HOH C 3 .   ? -11.660 11.368  0.334   1.00 33.95 ? 659 HOH A O   1 
HETATM 977  O  O   . HOH C 3 .   ? 8.024   6.542   -1.101  1.00 34.73 ? 660 HOH A O   1 
HETATM 978  O  O   . HOH C 3 .   ? -3.399  9.166   -9.846  1.00 24.03 ? 661 HOH A O   1 
HETATM 979  O  O   . HOH C 3 .   ? 5.117   -3.569  9.284   1.00 51.74 ? 662 HOH A O   1 
HETATM 980  O  O   . HOH C 3 .   ? 7.210   -13.045 -10.098 1.00 39.43 ? 663 HOH A O   1 
HETATM 981  O  O   . HOH C 3 .   ? 10.543  3.351   4.833   1.00 47.81 ? 664 HOH A O   1 
HETATM 982  O  O   . HOH C 3 .   ? 1.078   -1.375  11.894  1.00 43.69 ? 665 HOH A O   1 
HETATM 983  O  O   . HOH C 3 .   ? 16.071  -11.982 -3.514  1.00 47.34 ? 666 HOH A O   1 
HETATM 984  O  O   . HOH C 3 .   ? 15.218  -4.146  -9.837  1.00 59.49 ? 667 HOH A O   1 
HETATM 985  O  O   . HOH C 3 .   ? -1.602  -3.019  11.082  1.00 54.90 ? 668 HOH A O   1 
HETATM 986  O  O   . HOH C 3 .   ? -4.848  4.408   9.837   1.00 36.43 ? 669 HOH A O   1 
HETATM 987  O  O   . HOH C 3 .   ? 4.792   3.762   14.970  1.00 45.05 ? 670 HOH A O   1 
HETATM 988  O  O   . HOH C 3 .   ? 13.931  -18.091 -10.358 1.00 42.11 ? 671 HOH A O   1 
HETATM 989  O  O   . HOH C 3 .   ? 3.173   9.298   -5.583  1.00 27.84 ? 672 HOH A O   1 
HETATM 990  O  O   . HOH C 3 .   ? 13.760  -12.589 -1.823  1.00 36.89 ? 673 HOH A O   1 
HETATM 991  O  O   . HOH C 3 .   ? -2.648  -15.780 -10.140 1.00 47.01 ? 674 HOH A O   1 
HETATM 992  O  O   . HOH C 3 .   ? -16.034 -2.045  6.167   1.00 32.04 ? 675 HOH A O   1 
HETATM 993  O  O   . HOH C 3 .   ? -0.304  -9.302  3.956   1.00 26.54 ? 676 HOH A O   1 
HETATM 994  O  O   . HOH C 3 .   ? -8.067  -5.554  9.090   1.00 57.91 ? 677 HOH A O   1 
HETATM 995  O  O   . HOH C 3 .   ? -10.130 -2.834  -10.949 1.00 53.03 ? 678 HOH A O   1 
HETATM 996  O  O   . HOH C 3 .   ? -10.095 -6.588  7.480   1.00 48.27 ? 679 HOH A O   1 
HETATM 997  O  O   . HOH C 3 .   ? 3.336   -14.595 -4.554  1.00 33.35 ? 680 HOH A O   1 
HETATM 998  O  O   . HOH C 3 .   ? 12.623  -1.977  -6.893  1.00 39.97 ? 681 HOH A O   1 
HETATM 999  O  O   . HOH C 3 .   ? 6.063   -21.091 1.959   1.00 38.83 ? 682 HOH A O   1 
HETATM 1000 O  O   . HOH C 3 .   ? 10.095  -10.921 4.781   1.00 40.99 ? 683 HOH A O   1 
HETATM 1001 O  O   . HOH C 3 .   ? 5.505   12.309  -4.274  1.00 52.46 ? 684 HOH A O   1 
HETATM 1002 O  O   . HOH C 3 .   ? 1.075   17.096  0.112   1.00 34.42 ? 685 HOH A O   1 
HETATM 1003 O  O   . HOH C 3 .   ? -13.870 10.585  -1.384  1.00 48.70 ? 686 HOH A O   1 
HETATM 1004 O  O   . HOH C 3 .   ? -12.795 16.953  -3.414  1.00 49.20 ? 687 HOH A O   1 
HETATM 1005 O  O   . HOH C 3 .   ? -10.406 -10.570 -4.573  1.00 47.18 ? 688 HOH A O   1 
HETATM 1006 O  O   . HOH C 3 .   ? 10.442  14.208  -0.024  1.00 65.71 ? 689 HOH A O   1 
HETATM 1007 O  O   . HOH C 3 .   ? 5.866   -15.047 -6.483  1.00 37.41 ? 690 HOH A O   1 
HETATM 1008 O  O   . HOH C 3 .   ? -12.854 5.129   -2.841  1.00 42.96 ? 691 HOH A O   1 
HETATM 1009 O  O   . HOH C 3 .   ? -9.233  -9.416  -7.888  1.00 50.11 ? 692 HOH A O   1 
HETATM 1010 O  O   . HOH C 3 .   ? 4.606   15.209  10.448  1.00 58.30 ? 693 HOH A O   1 
HETATM 1011 O  O   . HOH C 3 .   ? 3.098   -16.405 -2.505  1.00 66.90 ? 694 HOH A O   1 
HETATM 1012 O  O   . HOH C 3 .   ? -3.196  0.340   -11.850 1.00 45.35 ? 695 HOH A O   1 
HETATM 1013 O  O   . HOH C 3 .   ? -1.585  11.121  11.170  1.00 54.47 ? 696 HOH A O   1 
HETATM 1014 O  O   . HOH C 3 .   ? 14.930  -13.831 0.334   1.00 50.13 ? 697 HOH A O   1 
HETATM 1015 O  O   . HOH C 3 .   ? -13.467 6.412   10.970  1.00 61.47 ? 698 HOH A O   1 
HETATM 1016 O  O   . HOH C 3 .   ? -6.074  1.851   10.390  1.00 41.83 ? 699 HOH A O   1 
HETATM 1017 O  O   . HOH C 3 .   ? -4.269  -2.739  11.511  1.00 44.81 ? 700 HOH A O   1 
HETATM 1018 O  O   . HOH C 3 .   ? -6.278  -11.668 -13.053 1.00 53.59 ? 701 HOH A O   1 
HETATM 1019 O  O   . HOH C 3 .   ? -9.309  -11.149 4.461   1.00 50.48 ? 702 HOH A O   1 
HETATM 1020 O  O   . HOH C 3 .   ? 2.062   12.775  -6.883  1.00 44.65 ? 703 HOH A O   1 
HETATM 1021 O  O   . HOH C 3 .   ? 13.762  -0.053  2.278   1.00 67.61 ? 704 HOH A O   1 
HETATM 1022 O  O   . HOH C 3 .   ? 5.078   -7.581  10.362  1.00 51.62 ? 705 HOH A O   1 
HETATM 1023 O  O   . HOH C 3 .   ? 9.977   21.906  5.627   1.00 47.21 ? 706 HOH A O   1 
HETATM 1024 O  O   . HOH C 3 .   ? -1.277  -2.645  -18.653 1.00 44.03 ? 707 HOH A O   1 
HETATM 1025 O  O   . HOH C 3 .   ? 7.340   -10.920 -14.093 1.00 54.27 ? 708 HOH A O   1 
HETATM 1026 O  O   . HOH C 3 .   ? 1.872   -3.852  12.743  1.00 54.99 ? 709 HOH A O   1 
HETATM 1027 O  O   . HOH C 3 .   ? -12.766 13.328  1.855   1.00 44.55 ? 710 HOH A O   1 
HETATM 1028 O  O   . HOH C 3 .   ? 6.909   12.656  -1.968  1.00 61.96 ? 711 HOH A O   1 
HETATM 1029 O  O   . HOH C 3 .   ? -9.272  7.706   10.908  1.00 55.66 ? 712 HOH A O   1 
HETATM 1030 O  O   . HOH C 3 .   ? 3.849   -14.998 0.776   1.00 54.56 ? 713 HOH A O   1 
HETATM 1031 O  O   . HOH C 3 .   ? 7.466   3.111   14.399  1.00 54.81 ? 714 HOH A O   1 
HETATM 1032 O  O   . HOH C 3 .   ? -3.029  -6.539  9.636   1.00 52.26 ? 715 HOH A O   1 
HETATM 1033 O  O   . HOH C 3 .   ? -4.293  10.966  13.302  1.00 64.64 ? 716 HOH A O   1 
HETATM 1034 O  O   . HOH C 3 .   ? -7.409  -6.204  -13.561 1.00 39.96 ? 717 HOH A O   1 
HETATM 1035 O  O   . HOH C 3 .   ? 2.904   -17.426 0.047   1.00 65.20 ? 718 HOH A O   1 
HETATM 1036 O  O   . HOH C 3 .   ? 4.170   -15.754 -10.688 1.00 51.80 ? 719 HOH A O   1 
HETATM 1037 O  O   . HOH C 3 .   ? 2.863   -14.773 4.476   1.00 50.20 ? 720 HOH A O   1 
HETATM 1038 O  O   . HOH C 3 .   ? 11.513  4.599   -0.883  1.00 52.89 ? 721 HOH A O   1 
HETATM 1039 O  O   . HOH C 3 .   ? -3.241  15.272  -1.641  1.00 64.45 ? 722 HOH A O   1 
HETATM 1040 O  O   . HOH C 3 .   ? 14.685  -5.971  -11.809 1.00 65.71 ? 723 HOH A O   1 
HETATM 1041 O  O   . HOH C 3 .   ? 5.331   -21.613 -5.881  1.00 53.86 ? 724 HOH A O   1 
HETATM 1042 O  O   . HOH C 3 .   ? -11.657 7.612   9.324   1.00 45.65 ? 725 HOH A O   1 
HETATM 1043 O  O   . HOH C 3 .   ? 9.377   -4.074  4.902   1.00 38.90 ? 726 HOH A O   1 
HETATM 1044 O  O   . HOH C 3 .   ? 2.243   -12.568 5.956   1.00 55.77 ? 727 HOH A O   1 
HETATM 1045 O  O   . HOH C 3 .   ? 7.863   4.391   -8.873  1.00 45.61 ? 728 HOH A O   1 
HETATM 1046 O  O   . HOH C 3 .   ? 0.529   14.535  -3.974  1.00 44.49 ? 729 HOH A O   1 
HETATM 1047 O  O   . HOH C 3 .   ? -15.911 12.385  -1.280  1.00 54.39 ? 730 HOH A O   1 
HETATM 1048 O  O   . HOH C 3 .   ? 8.490   10.805  -0.731  1.00 46.26 ? 731 HOH A O   1 
HETATM 1049 O  O   . HOH C 3 .   ? 11.552  1.780   -5.550  1.00 48.29 ? 732 HOH A O   1 
HETATM 1050 O  O   . HOH C 3 .   ? -2.757  -17.394 -2.007  1.00 58.59 ? 733 HOH A O   1 
HETATM 1051 O  O   . HOH C 3 .   ? -6.963  -15.060 3.582   1.00 60.73 ? 734 HOH A O   1 
HETATM 1052 O  O   . HOH C 3 .   ? 3.853   -19.684 2.784   1.00 59.74 ? 735 HOH A O   1 
HETATM 1053 O  O   . HOH C 3 .   ? 9.087   2.831   -6.999  1.00 55.37 ? 736 HOH A O   1 
HETATM 1054 O  O   . HOH C 3 .   ? -2.820  -9.155  8.939   1.00 49.90 ? 737 HOH A O   1 
HETATM 1055 O  O   . HOH C 3 .   ? -5.717  -6.551  9.895   1.00 54.59 ? 738 HOH A O   1 
HETATM 1056 O  O   . HOH C 3 .   ? 10.082  -7.240  6.909   1.00 58.08 ? 739 HOH A O   1 
# 
